data_9OL2
# 
_entry.id   9OL2 
# 
_audit_conform.dict_name       mmcif_pdbx.dic 
_audit_conform.dict_version    5.407 
_audit_conform.dict_location   http://mmcif.pdb.org/dictionaries/ascii/mmcif_pdbx.dic 
# 
loop_
_database_2.database_id 
_database_2.database_code 
_database_2.pdbx_database_accession 
_database_2.pdbx_DOI 
PDB   9OL2         pdb_00009ol2 10.2210/pdb9ol2/pdb 
WWPDB D_1000295541 ?            ?                   
# 
loop_
_pdbx_audit_revision_history.ordinal 
_pdbx_audit_revision_history.data_content_type 
_pdbx_audit_revision_history.major_revision 
_pdbx_audit_revision_history.minor_revision 
_pdbx_audit_revision_history.revision_date 
_pdbx_audit_revision_history.part_number 
1 'Structure model' 1 0 2025-10-22 ? 
2 'Structure model' 1 1 2025-11-19 ? 
3 'Structure model' 1 2 2025-11-26 ? 
# 
_pdbx_audit_revision_details.ordinal             1 
_pdbx_audit_revision_details.revision_ordinal    1 
_pdbx_audit_revision_details.data_content_type   'Structure model' 
_pdbx_audit_revision_details.provider            repository 
_pdbx_audit_revision_details.type                'Initial release' 
_pdbx_audit_revision_details.description         ? 
_pdbx_audit_revision_details.details             ? 
# 
loop_
_pdbx_audit_revision_group.ordinal 
_pdbx_audit_revision_group.revision_ordinal 
_pdbx_audit_revision_group.data_content_type 
_pdbx_audit_revision_group.group 
1 2 'Structure model' 'Data collection'     
2 3 'Structure model' 'Database references' 
# 
loop_
_pdbx_audit_revision_category.ordinal 
_pdbx_audit_revision_category.revision_ordinal 
_pdbx_audit_revision_category.data_content_type 
_pdbx_audit_revision_category.category 
1 2 'Structure model' diffrn_detector 
2 3 'Structure model' citation        
3 3 'Structure model' citation_author 
# 
_pdbx_audit_revision_item.ordinal             1 
_pdbx_audit_revision_item.revision_ordinal    2 
_pdbx_audit_revision_item.data_content_type   'Structure model' 
_pdbx_audit_revision_item.item                '_diffrn_detector.type' 
# 
_pdbx_database_status.status_code                     REL 
_pdbx_database_status.status_code_sf                  REL 
_pdbx_database_status.status_code_mr                  ? 
_pdbx_database_status.entry_id                        9OL2 
_pdbx_database_status.recvd_initial_deposition_date   2025-05-11 
_pdbx_database_status.SG_entry                        N 
_pdbx_database_status.deposit_site                    RCSB 
_pdbx_database_status.process_site                    RCSB 
_pdbx_database_status.status_code_cs                  ? 
_pdbx_database_status.status_code_nmr_data            ? 
_pdbx_database_status.methods_development_category    ? 
_pdbx_database_status.pdb_format_compatible           Y 
# 
_pdbx_contact_author.id                 2 
_pdbx_contact_author.email              jwszostak@uchicago.edu 
_pdbx_contact_author.name_first         Jack 
_pdbx_contact_author.name_last          Szostak 
_pdbx_contact_author.name_mi            W 
_pdbx_contact_author.role               'principal investigator/group leader' 
_pdbx_contact_author.identifier_ORCID   0000-0003-4131-1203 
# 
loop_
_audit_author.name 
_audit_author.pdbx_ordinal 
_audit_author.identifier_ORCID 
'Fang, Z.'      1 0000-0001-8679-6633 
'Szostak, J.W.' 2 0000-0003-4131-1203 
# 
loop_
_citation.abstract 
_citation.abstract_id_CAS 
_citation.book_id_ISBN 
_citation.book_publisher 
_citation.book_publisher_city 
_citation.book_title 
_citation.coordinate_linkage 
_citation.country 
_citation.database_id_Medline 
_citation.details 
_citation.id 
_citation.journal_abbrev 
_citation.journal_id_ASTM 
_citation.journal_id_CSD 
_citation.journal_id_ISSN 
_citation.journal_full 
_citation.journal_issue 
_citation.journal_volume 
_citation.language 
_citation.page_first 
_citation.page_last 
_citation.title 
_citation.year 
_citation.database_id_CSD 
_citation.pdbx_database_id_DOI 
_citation.pdbx_database_id_PubMed 
_citation.pdbx_database_id_patent 
_citation.unpublished_flag 
? ? ? ? ? ? ? UK ? ? primary 'Nucleic Acids Res.' NARHAD 0389 1362-4962 ? ? 53 ? ? ? 
;Impact of 2'-deoxyribo-purine substrates on nonenzymatic RNA template-directed primer extension.
;
2025 ? 10.1093/nar/gkaf1228      41261857 ? ? 
? ? ? ? ? ? ? US ? ? 1       Biorxiv              ?      ?    2692-8205 ? ? ?  ? ? ? 
;Impact of 2'-deoxyribo-purine substrates on nonenzymatic RNA template-directed primer extension.
;
2025 ? 10.1101/2025.08.29.673048 40909494 ? ? 
# 
loop_
_citation_author.citation_id 
_citation_author.name 
_citation_author.ordinal 
_citation_author.identifier_ORCID 
primary 'Fang, Z.'      1  0000-0001-8679-6633 
primary 'Acikgoz, O.'   2  ?                   
primary 'Jia, X.'       3  0000-0001-9094-9882 
primary 'Essex, J.'     4  ?                   
primary 'Wen, R.'       5  ?                   
primary 'Szostak, J.W.' 6  0000-0003-4131-1203 
1       'Fang, Z.'      7  0000-0001-8679-6633 
1       'Acikgoz, O.'   8  0009-0001-3296-1637 
1       'Jia, X.'       9  0000-0001-9094-9882 
1       'Essex, J.'     10 0009-0003-6281-4798 
1       'Wen, R.'       11 ?                   
1       'Szostak, J.W.' 12 0000-0003-4131-1203 
# 
loop_
_entity.id 
_entity.type 
_entity.src_method 
_entity.pdbx_description 
_entity.formula_weight 
_entity.pdbx_number_of_molecules 
_entity.pdbx_ec 
_entity.pdbx_mutation 
_entity.pdbx_fragment 
_entity.details 
1 polymer     syn 
;RNA (5'-R(*(LCC)P*(LCC)P*(LCC)P*(LCG)P*AP*CP*UP*UP*AP*AP*GP*UP*CP*G)-3')
;
4432.824 2   ? ? ? ? 
2 non-polymer syn 
;2-amino-1-[(R)-{[(2R,3S,4R,5R)-5-(2-amino-6-oxo-1,6-dihydro-9H-purin-9-yl)-3,4-dihydroxyoxolan-2-yl]methoxy}(hydroxy)phosphoryl]-3-[(S)-{[(2R,3S,4R,5R)-5-(2-amino-6-oxo-1,6-dihydro-9H-purin-9-yl)-3,4-dihydroxyoxolan-2-yl]methoxy}(hydroxy)phosphoryl]-1H-imidazol-3-ium
;
774.511  2   ? ? ? ? 
3 non-polymer syn 'MAGNESIUM ION' 24.305   7   ? ? ? ? 
4 water       nat water 18.015   201 ? ? ? ? 
# 
_entity_poly.entity_id                      1 
_entity_poly.type                           polyribonucleotide 
_entity_poly.nstd_linkage                   no 
_entity_poly.nstd_monomer                   yes 
_entity_poly.pdbx_seq_one_letter_code       '(LKC)(LCC)(LCC)(LCG)ACUUAAGUCG' 
_entity_poly.pdbx_seq_one_letter_code_can   NNNGACUUAAGUCG 
_entity_poly.pdbx_strand_id                 A,B 
_entity_poly.pdbx_target_identifier         ? 
# 
loop_
_pdbx_entity_nonpoly.entity_id 
_pdbx_entity_nonpoly.name 
_pdbx_entity_nonpoly.comp_id 
2 
;2-amino-1-[(R)-{[(2R,3S,4R,5R)-5-(2-amino-6-oxo-1,6-dihydro-9H-purin-9-yl)-3,4-dihydroxyoxolan-2-yl]methoxy}(hydroxy)phosphoryl]-3-[(S)-{[(2R,3S,4R,5R)-5-(2-amino-6-oxo-1,6-dihydro-9H-purin-9-yl)-3,4-dihydroxyoxolan-2-yl]methoxy}(hydroxy)phosphoryl]-1H-imidazol-3-ium
;
EQ1 
3 'MAGNESIUM ION' MG  
4 water HOH 
# 
loop_
_entity_poly_seq.entity_id 
_entity_poly_seq.num 
_entity_poly_seq.mon_id 
_entity_poly_seq.hetero 
1 1  LKC n 
1 2  LCC n 
1 3  LCC n 
1 4  LCG n 
1 5  A   n 
1 6  C   n 
1 7  U   n 
1 8  U   n 
1 9  A   n 
1 10 A   n 
1 11 G   n 
1 12 U   n 
1 13 C   n 
1 14 G   n 
# 
_pdbx_entity_src_syn.entity_id              1 
_pdbx_entity_src_syn.pdbx_src_id            1 
_pdbx_entity_src_syn.pdbx_alt_source_flag   sample 
_pdbx_entity_src_syn.pdbx_beg_seq_num       1 
_pdbx_entity_src_syn.pdbx_end_seq_num       14 
_pdbx_entity_src_syn.organism_scientific    'synthetic construct' 
_pdbx_entity_src_syn.organism_common_name   ? 
_pdbx_entity_src_syn.ncbi_taxonomy_id       32630 
_pdbx_entity_src_syn.details                ? 
# 
loop_
_chem_comp.id 
_chem_comp.type 
_chem_comp.mon_nstd_flag 
_chem_comp.name 
_chem_comp.pdbx_synonyms 
_chem_comp.formula 
_chem_comp.formula_weight 
A   'RNA linking' y "ADENOSINE-5'-MONOPHOSPHATE" ? 'C10 H14 N5 O7 P'      347.221 
C   'RNA linking' y "CYTIDINE-5'-MONOPHOSPHATE" ? 'C9 H14 N3 O8 P'       323.197 
EQ1 non-polymer   . 
;2-amino-1-[(R)-{[(2R,3S,4R,5R)-5-(2-amino-6-oxo-1,6-dihydro-9H-purin-9-yl)-3,4-dihydroxyoxolan-2-yl]methoxy}(hydroxy)phosphoryl]-3-[(S)-{[(2R,3S,4R,5R)-5-(2-amino-6-oxo-1,6-dihydro-9H-purin-9-yl)-3,4-dihydroxyoxolan-2-yl]methoxy}(hydroxy)phosphoryl]-1H-imidazol-3-ium
;
? 'C23 H30 N13 O14 P2 1' 774.511 
G   'RNA linking' y "GUANOSINE-5'-MONOPHOSPHATE" ? 'C10 H14 N5 O8 P'      363.221 
HOH non-polymer   . WATER ? 'H2 O'                 18.015  
LCC 'RNA linking' . 
'[(1R,3R,4R,7S)-7-HYDROXY-3-(5-METHYLCYTOSIN-1-YL)-2,5-DIOXABICYCLO[2.2.1]HEPT-1-YL]METHYL DIHYDROGEN PHOSPHATE' ? 
'C11 H16 N3 O8 P'      349.234 
LCG 'RNA linking' n '[(1R,3R,4R,7S)-7-HYDROXY-3-(GUANIN-9-YL)-2,5-DIOXABICYCLO[2.2.1]HEPT-1-YL]METHYL DIHYDROGEN PHOSPHATE' ? 
'C11 H14 N5 O8 P'      375.231 
LKC 'RNA linking' . 
'4-AMINO-1-[(1S,3R,4R,7S)-7-HYDROXY-1-(HYDROXYMETHYL)-2,5-DIOXABICYCLO[2.2.1]HEPT-3-YL]-5-METHYLPYRIMIDIN-2(1H)-ONE' ? 
'C11 H15 N3 O5'        269.254 
MG  non-polymer   . 'MAGNESIUM ION' ? 'Mg 2'                 24.305  
U   'RNA linking' y "URIDINE-5'-MONOPHOSPHATE" ? 'C9 H13 N2 O9 P'       324.181 
# 
loop_
_pdbx_poly_seq_scheme.asym_id 
_pdbx_poly_seq_scheme.entity_id 
_pdbx_poly_seq_scheme.seq_id 
_pdbx_poly_seq_scheme.mon_id 
_pdbx_poly_seq_scheme.ndb_seq_num 
_pdbx_poly_seq_scheme.pdb_seq_num 
_pdbx_poly_seq_scheme.auth_seq_num 
_pdbx_poly_seq_scheme.pdb_mon_id 
_pdbx_poly_seq_scheme.auth_mon_id 
_pdbx_poly_seq_scheme.pdb_strand_id 
_pdbx_poly_seq_scheme.pdb_ins_code 
_pdbx_poly_seq_scheme.hetero 
A 1 1  LKC 1  1  1  LKC LCC A . n 
A 1 2  LCC 2  2  2  LCC LCC A . n 
A 1 3  LCC 3  3  3  LCC LCC A . n 
A 1 4  LCG 4  4  4  LCG LCG A . n 
A 1 5  A   5  5  5  A   A   A . n 
A 1 6  C   6  6  6  C   C   A . n 
A 1 7  U   7  7  7  U   U   A . n 
A 1 8  U   8  8  8  U   U   A . n 
A 1 9  A   9  9  9  A   A   A . n 
A 1 10 A   10 10 10 A   A   A . n 
A 1 11 G   11 11 11 G   G   A . n 
A 1 12 U   12 12 12 U   U   A . n 
A 1 13 C   13 13 13 C   C   A . n 
A 1 14 G   14 14 14 G   G   A . n 
B 1 1  LKC 1  1  1  LKC LCC B . n 
B 1 2  LCC 2  2  2  LCC LCC B . n 
B 1 3  LCC 3  3  3  LCC LCC B . n 
B 1 4  LCG 4  4  4  LCG LCG B . n 
B 1 5  A   5  5  5  A   A   B . n 
B 1 6  C   6  6  6  C   C   B . n 
B 1 7  U   7  7  7  U   U   B . n 
B 1 8  U   8  8  8  U   U   B . n 
B 1 9  A   9  9  9  A   A   B . n 
B 1 10 A   10 10 10 A   A   B . n 
B 1 11 G   11 11 11 G   G   B . n 
B 1 12 U   12 12 12 U   U   B . n 
B 1 13 C   13 13 13 C   C   B . n 
B 1 14 G   14 14 14 G   G   B . n 
# 
_pdbx_entity_instance_feature.ordinal        1 
_pdbx_entity_instance_feature.comp_id        EQ1 
_pdbx_entity_instance_feature.asym_id        ? 
_pdbx_entity_instance_feature.seq_num        ? 
_pdbx_entity_instance_feature.auth_comp_id   EQ1 
_pdbx_entity_instance_feature.auth_asym_id   ? 
_pdbx_entity_instance_feature.auth_seq_num   ? 
_pdbx_entity_instance_feature.feature_type   'SUBJECT OF INVESTIGATION' 
_pdbx_entity_instance_feature.details        ? 
# 
loop_
_pdbx_nonpoly_scheme.asym_id 
_pdbx_nonpoly_scheme.entity_id 
_pdbx_nonpoly_scheme.mon_id 
_pdbx_nonpoly_scheme.ndb_seq_num 
_pdbx_nonpoly_scheme.pdb_seq_num 
_pdbx_nonpoly_scheme.auth_seq_num 
_pdbx_nonpoly_scheme.pdb_mon_id 
_pdbx_nonpoly_scheme.auth_mon_id 
_pdbx_nonpoly_scheme.pdb_strand_id 
_pdbx_nonpoly_scheme.pdb_ins_code 
C 2 EQ1 1   101 101 EQ1 EQ1 A . 
D 3 MG  1   102 1   MG  MG  A . 
E 3 MG  1   103 2   MG  MG  A . 
F 3 MG  1   104 5   MG  MG  A . 
G 3 MG  1   105 9   MG  MG  A . 
H 2 EQ1 1   101 101 EQ1 EQ1 B . 
I 3 MG  1   102 3   MG  MG  B . 
J 3 MG  1   103 4   MG  MG  B . 
K 3 MG  1   104 8   MG  MG  B . 
L 4 HOH 1   201 116 HOH HOH A . 
L 4 HOH 2   202 210 HOH HOH A . 
L 4 HOH 3   203 141 HOH HOH A . 
L 4 HOH 4   204 217 HOH HOH A . 
L 4 HOH 5   205 209 HOH HOH A . 
L 4 HOH 6   206 2   HOH HOH A . 
L 4 HOH 7   207 216 HOH HOH A . 
L 4 HOH 8   208 55  HOH HOH A . 
L 4 HOH 9   209 185 HOH HOH A . 
L 4 HOH 10  210 208 HOH HOH A . 
L 4 HOH 11  211 106 HOH HOH A . 
L 4 HOH 12  212 90  HOH HOH A . 
L 4 HOH 13  213 139 HOH HOH A . 
L 4 HOH 14  214 149 HOH HOH A . 
L 4 HOH 15  215 113 HOH HOH A . 
L 4 HOH 16  216 74  HOH HOH A . 
L 4 HOH 17  217 33  HOH HOH A . 
L 4 HOH 18  218 148 HOH HOH A . 
L 4 HOH 19  219 184 HOH HOH A . 
L 4 HOH 20  220 71  HOH HOH A . 
L 4 HOH 21  221 77  HOH HOH A . 
L 4 HOH 22  222 79  HOH HOH A . 
L 4 HOH 23  223 123 HOH HOH A . 
L 4 HOH 24  224 105 HOH HOH A . 
L 4 HOH 25  225 80  HOH HOH A . 
L 4 HOH 26  226 136 HOH HOH A . 
L 4 HOH 27  227 173 HOH HOH A . 
L 4 HOH 28  228 14  HOH HOH A . 
L 4 HOH 29  229 12  HOH HOH A . 
L 4 HOH 30  230 62  HOH HOH A . 
L 4 HOH 31  231 13  HOH HOH A . 
L 4 HOH 32  232 158 HOH HOH A . 
L 4 HOH 33  233 58  HOH HOH A . 
L 4 HOH 34  234 5   HOH HOH A . 
L 4 HOH 35  235 181 HOH HOH A . 
L 4 HOH 36  236 183 HOH HOH A . 
L 4 HOH 37  237 93  HOH HOH A . 
L 4 HOH 38  238 56  HOH HOH A . 
L 4 HOH 39  239 34  HOH HOH A . 
L 4 HOH 40  240 26  HOH HOH A . 
L 4 HOH 41  241 132 HOH HOH A . 
L 4 HOH 42  242 64  HOH HOH A . 
L 4 HOH 43  243 214 HOH HOH A . 
L 4 HOH 44  244 122 HOH HOH A . 
L 4 HOH 45  245 76  HOH HOH A . 
L 4 HOH 46  246 103 HOH HOH A . 
L 4 HOH 47  247 81  HOH HOH A . 
L 4 HOH 48  248 159 HOH HOH A . 
L 4 HOH 49  249 137 HOH HOH A . 
L 4 HOH 50  250 88  HOH HOH A . 
L 4 HOH 51  251 75  HOH HOH A . 
L 4 HOH 52  252 213 HOH HOH A . 
L 4 HOH 53  253 133 HOH HOH A . 
L 4 HOH 54  254 54  HOH HOH A . 
L 4 HOH 55  255 124 HOH HOH A . 
L 4 HOH 56  256 3   HOH HOH A . 
L 4 HOH 57  257 207 HOH HOH A . 
L 4 HOH 58  258 28  HOH HOH A . 
L 4 HOH 59  259 61  HOH HOH A . 
L 4 HOH 60  260 98  HOH HOH A . 
L 4 HOH 61  261 104 HOH HOH A . 
L 4 HOH 62  262 161 HOH HOH A . 
L 4 HOH 63  263 27  HOH HOH A . 
L 4 HOH 64  264 65  HOH HOH A . 
L 4 HOH 65  265 94  HOH HOH A . 
L 4 HOH 66  266 72  HOH HOH A . 
L 4 HOH 67  267 32  HOH HOH A . 
L 4 HOH 68  268 35  HOH HOH A . 
L 4 HOH 69  269 112 HOH HOH A . 
L 4 HOH 70  270 18  HOH HOH A . 
L 4 HOH 71  271 175 HOH HOH A . 
L 4 HOH 72  272 89  HOH HOH A . 
L 4 HOH 73  273 82  HOH HOH A . 
L 4 HOH 74  274 91  HOH HOH A . 
L 4 HOH 75  275 176 HOH HOH A . 
L 4 HOH 76  276 157 HOH HOH A . 
L 4 HOH 77  277 211 HOH HOH A . 
L 4 HOH 78  278 110 HOH HOH A . 
L 4 HOH 79  279 73  HOH HOH A . 
L 4 HOH 80  280 153 HOH HOH A . 
L 4 HOH 81  281 63  HOH HOH A . 
L 4 HOH 82  282 205 HOH HOH A . 
L 4 HOH 83  283 4   HOH HOH A . 
L 4 HOH 84  284 70  HOH HOH A . 
L 4 HOH 85  285 102 HOH HOH A . 
L 4 HOH 86  286 165 HOH HOH A . 
L 4 HOH 87  287 166 HOH HOH A . 
L 4 HOH 88  288 15  HOH HOH A . 
L 4 HOH 89  289 23  HOH HOH A . 
L 4 HOH 90  290 121 HOH HOH A . 
L 4 HOH 91  291 182 HOH HOH A . 
L 4 HOH 92  292 168 HOH HOH A . 
L 4 HOH 93  293 115 HOH HOH A . 
L 4 HOH 94  294 135 HOH HOH A . 
L 4 HOH 95  295 99  HOH HOH A . 
L 4 HOH 96  296 152 HOH HOH A . 
L 4 HOH 97  297 164 HOH HOH A . 
L 4 HOH 98  298 7   HOH HOH A . 
L 4 HOH 99  299 6   HOH HOH A . 
M 4 HOH 1   201 46  HOH HOH B . 
M 4 HOH 2   202 67  HOH HOH B . 
M 4 HOH 3   203 199 HOH HOH B . 
M 4 HOH 4   204 186 HOH HOH B . 
M 4 HOH 5   205 190 HOH HOH B . 
M 4 HOH 6   206 177 HOH HOH B . 
M 4 HOH 7   207 101 HOH HOH B . 
M 4 HOH 8   208 200 HOH HOH B . 
M 4 HOH 9   209 36  HOH HOH B . 
M 4 HOH 10  210 66  HOH HOH B . 
M 4 HOH 11  211 127 HOH HOH B . 
M 4 HOH 12  212 198 HOH HOH B . 
M 4 HOH 13  213 150 HOH HOH B . 
M 4 HOH 14  214 83  HOH HOH B . 
M 4 HOH 15  215 92  HOH HOH B . 
M 4 HOH 16  216 206 HOH HOH B . 
M 4 HOH 17  217 126 HOH HOH B . 
M 4 HOH 18  218 111 HOH HOH B . 
M 4 HOH 19  219 87  HOH HOH B . 
M 4 HOH 20  220 143 HOH HOH B . 
M 4 HOH 21  221 8   HOH HOH B . 
M 4 HOH 22  222 196 HOH HOH B . 
M 4 HOH 23  223 78  HOH HOH B . 
M 4 HOH 24  224 49  HOH HOH B . 
M 4 HOH 25  225 189 HOH HOH B . 
M 4 HOH 26  226 156 HOH HOH B . 
M 4 HOH 27  227 30  HOH HOH B . 
M 4 HOH 28  228 25  HOH HOH B . 
M 4 HOH 29  229 191 HOH HOH B . 
M 4 HOH 30  230 203 HOH HOH B . 
M 4 HOH 31  231 41  HOH HOH B . 
M 4 HOH 32  232 128 HOH HOH B . 
M 4 HOH 33  233 147 HOH HOH B . 
M 4 HOH 34  234 42  HOH HOH B . 
M 4 HOH 35  235 138 HOH HOH B . 
M 4 HOH 36  236 44  HOH HOH B . 
M 4 HOH 37  237 9   HOH HOH B . 
M 4 HOH 38  238 47  HOH HOH B . 
M 4 HOH 39  239 57  HOH HOH B . 
M 4 HOH 40  240 118 HOH HOH B . 
M 4 HOH 41  241 201 HOH HOH B . 
M 4 HOH 42  242 86  HOH HOH B . 
M 4 HOH 43  243 169 HOH HOH B . 
M 4 HOH 44  244 48  HOH HOH B . 
M 4 HOH 45  245 68  HOH HOH B . 
M 4 HOH 46  246 96  HOH HOH B . 
M 4 HOH 47  247 134 HOH HOH B . 
M 4 HOH 48  248 215 HOH HOH B . 
M 4 HOH 49  249 24  HOH HOH B . 
M 4 HOH 50  250 59  HOH HOH B . 
M 4 HOH 51  251 69  HOH HOH B . 
M 4 HOH 52  252 85  HOH HOH B . 
M 4 HOH 53  253 142 HOH HOH B . 
M 4 HOH 54  254 109 HOH HOH B . 
M 4 HOH 55  255 20  HOH HOH B . 
M 4 HOH 56  256 140 HOH HOH B . 
M 4 HOH 57  257 11  HOH HOH B . 
M 4 HOH 58  258 51  HOH HOH B . 
M 4 HOH 59  259 171 HOH HOH B . 
M 4 HOH 60  260 119 HOH HOH B . 
M 4 HOH 61  261 97  HOH HOH B . 
M 4 HOH 62  262 129 HOH HOH B . 
M 4 HOH 63  263 16  HOH HOH B . 
M 4 HOH 64  264 19  HOH HOH B . 
M 4 HOH 65  265 38  HOH HOH B . 
M 4 HOH 66  266 21  HOH HOH B . 
M 4 HOH 67  267 52  HOH HOH B . 
M 4 HOH 68  268 10  HOH HOH B . 
M 4 HOH 69  269 125 HOH HOH B . 
M 4 HOH 70  270 108 HOH HOH B . 
M 4 HOH 71  271 151 HOH HOH B . 
M 4 HOH 72  272 43  HOH HOH B . 
M 4 HOH 73  273 187 HOH HOH B . 
M 4 HOH 74  274 84  HOH HOH B . 
M 4 HOH 75  275 162 HOH HOH B . 
M 4 HOH 76  276 174 HOH HOH B . 
M 4 HOH 77  277 204 HOH HOH B . 
M 4 HOH 78  278 188 HOH HOH B . 
M 4 HOH 79  279 100 HOH HOH B . 
M 4 HOH 80  280 197 HOH HOH B . 
M 4 HOH 81  281 60  HOH HOH B . 
M 4 HOH 82  282 53  HOH HOH B . 
M 4 HOH 83  283 37  HOH HOH B . 
M 4 HOH 84  284 202 HOH HOH B . 
M 4 HOH 85  285 163 HOH HOH B . 
M 4 HOH 86  286 107 HOH HOH B . 
M 4 HOH 87  287 146 HOH HOH B . 
M 4 HOH 88  288 50  HOH HOH B . 
M 4 HOH 89  289 172 HOH HOH B . 
M 4 HOH 90  290 95  HOH HOH B . 
M 4 HOH 91  291 22  HOH HOH B . 
M 4 HOH 92  292 45  HOH HOH B . 
M 4 HOH 93  293 154 HOH HOH B . 
M 4 HOH 94  294 212 HOH HOH B . 
M 4 HOH 95  295 170 HOH HOH B . 
M 4 HOH 96  296 120 HOH HOH B . 
M 4 HOH 97  297 155 HOH HOH B . 
M 4 HOH 98  298 193 HOH HOH B . 
M 4 HOH 99  299 195 HOH HOH B . 
M 4 HOH 100 300 167 HOH HOH B . 
M 4 HOH 101 301 40  HOH HOH B . 
M 4 HOH 102 302 39  HOH HOH B . 
# 
loop_
_software.citation_id 
_software.classification 
_software.compiler_name 
_software.compiler_version 
_software.contact_author 
_software.contact_author_email 
_software.date 
_software.description 
_software.dependencies 
_software.hardware 
_software.language 
_software.location 
_software.mods 
_software.name 
_software.os 
_software.os_version 
_software.type 
_software.version 
_software.pdbx_reference_DOI 
_software.pdbx_ordinal 
? refinement       ? ? ? ? ? ? ? ? ? ? ? REFMAC   ? ? ? 5.8.0425 ? 1 
? 'data reduction' ? ? ? ? ? ? ? ? ? ? ? HKL-2000 ? ? ? .        ? 2 
? 'data scaling'   ? ? ? ? ? ? ? ? ? ? ? HKL-2000 ? ? ? .        ? 3 
? phasing          ? ? ? ? ? ? ? ? ? ? ? PHASER   ? ? ? .        ? 4 
# 
_cell.angle_alpha                  90.000 
_cell.angle_alpha_esd              ? 
_cell.angle_beta                   90.000 
_cell.angle_beta_esd               ? 
_cell.angle_gamma                  120.000 
_cell.angle_gamma_esd              ? 
_cell.entry_id                     9OL2 
_cell.details                      ? 
_cell.formula_units_Z              ? 
_cell.length_a                     49.592 
_cell.length_a_esd                 ? 
_cell.length_b                     49.592 
_cell.length_b_esd                 ? 
_cell.length_c                     81.941 
_cell.length_c_esd                 ? 
_cell.volume                       ? 
_cell.volume_esd                   ? 
_cell.Z_PDB                        12 
_cell.reciprocal_angle_alpha       ? 
_cell.reciprocal_angle_beta        ? 
_cell.reciprocal_angle_gamma       ? 
_cell.reciprocal_angle_alpha_esd   ? 
_cell.reciprocal_angle_beta_esd    ? 
_cell.reciprocal_angle_gamma_esd   ? 
_cell.reciprocal_length_a          ? 
_cell.reciprocal_length_b          ? 
_cell.reciprocal_length_c          ? 
_cell.reciprocal_length_a_esd      ? 
_cell.reciprocal_length_b_esd      ? 
_cell.reciprocal_length_c_esd      ? 
_cell.pdbx_unique_axis             ? 
_cell.pdbx_esd_method              ? 
# 
_symmetry.entry_id                         9OL2 
_symmetry.cell_setting                     ? 
_symmetry.Int_Tables_number                150 
_symmetry.space_group_name_Hall            ? 
_symmetry.space_group_name_H-M             'P 3 2 1' 
_symmetry.pdbx_full_space_group_name_H-M   ? 
# 
_exptl.absorpt_coefficient_mu     ? 
_exptl.absorpt_correction_T_max   ? 
_exptl.absorpt_correction_T_min   ? 
_exptl.absorpt_correction_type    ? 
_exptl.absorpt_process_details    ? 
_exptl.entry_id                   9OL2 
_exptl.crystals_number            1 
_exptl.details                    ? 
_exptl.method                     'X-RAY DIFFRACTION' 
_exptl.method_details             ? 
# 
_exptl_crystal.colour                       ? 
_exptl_crystal.density_diffrn               ? 
_exptl_crystal.density_Matthews             3.28 
_exptl_crystal.density_method               ? 
_exptl_crystal.density_percent_sol          62.51 
_exptl_crystal.description                  ? 
_exptl_crystal.F_000                        ? 
_exptl_crystal.id                           1 
_exptl_crystal.preparation                  ? 
_exptl_crystal.size_max                     ? 
_exptl_crystal.size_mid                     ? 
_exptl_crystal.size_min                     ? 
_exptl_crystal.size_rad                     ? 
_exptl_crystal.colour_lustre                ? 
_exptl_crystal.colour_modifier              ? 
_exptl_crystal.colour_primary               ? 
_exptl_crystal.density_meas                 ? 
_exptl_crystal.density_meas_esd             ? 
_exptl_crystal.density_meas_gt              ? 
_exptl_crystal.density_meas_lt              ? 
_exptl_crystal.density_meas_temp            ? 
_exptl_crystal.density_meas_temp_esd        ? 
_exptl_crystal.density_meas_temp_gt         ? 
_exptl_crystal.density_meas_temp_lt         ? 
_exptl_crystal.pdbx_crystal_image_url       ? 
_exptl_crystal.pdbx_crystal_image_format    ? 
_exptl_crystal.pdbx_mosaicity               ? 
_exptl_crystal.pdbx_mosaicity_esd           ? 
_exptl_crystal.pdbx_mosaic_method           ? 
_exptl_crystal.pdbx_mosaic_block_size       ? 
_exptl_crystal.pdbx_mosaic_block_size_esd   ? 
# 
_exptl_crystal_grow.apparatus       ? 
_exptl_crystal_grow.atmosphere      ? 
_exptl_crystal_grow.crystal_id      1 
_exptl_crystal_grow.details         ? 
_exptl_crystal_grow.method          'VAPOR DIFFUSION, HANGING DROP' 
_exptl_crystal_grow.method_ref      ? 
_exptl_crystal_grow.pH              ? 
_exptl_crystal_grow.pressure        ? 
_exptl_crystal_grow.pressure_esd    ? 
_exptl_crystal_grow.seeding         ? 
_exptl_crystal_grow.seeding_ref     ? 
_exptl_crystal_grow.temp_details    ? 
_exptl_crystal_grow.temp_esd        ? 
_exptl_crystal_grow.time            ? 
_exptl_crystal_grow.pdbx_details    
'10% w/v Polyethylene glycol 6,000, 0.05 M HEPES pH 7.0, 0.2 M Ammonium acetate, 0.15 M Magnesium acetate' 
_exptl_crystal_grow.pdbx_pH_range   ? 
_exptl_crystal_grow.temp            293 
# 
_diffrn.ambient_environment              ? 
_diffrn.ambient_temp                     99 
_diffrn.ambient_temp_details             ? 
_diffrn.ambient_temp_esd                 ? 
_diffrn.crystal_id                       1 
_diffrn.crystal_support                  ? 
_diffrn.crystal_treatment                ? 
_diffrn.details                          ? 
_diffrn.id                               1 
_diffrn.ambient_pressure                 ? 
_diffrn.ambient_pressure_esd             ? 
_diffrn.ambient_pressure_gt              ? 
_diffrn.ambient_pressure_lt              ? 
_diffrn.ambient_temp_gt                  ? 
_diffrn.ambient_temp_lt                  ? 
_diffrn.pdbx_serial_crystal_experiment   N 
# 
_diffrn_detector.details                      ? 
_diffrn_detector.detector                     PIXEL 
_diffrn_detector.diffrn_id                    1 
_diffrn_detector.type                         'DECTRIS EIGER X 16M' 
_diffrn_detector.area_resol_mean              ? 
_diffrn_detector.dtime                        ? 
_diffrn_detector.pdbx_frames_total            ? 
_diffrn_detector.pdbx_collection_time_total   ? 
_diffrn_detector.pdbx_collection_date         2021-10-05 
_diffrn_detector.pdbx_frequency               ? 
_diffrn_detector.id                           ? 
_diffrn_detector.number_of_axes               ? 
# 
_diffrn_radiation.collimation                      ? 
_diffrn_radiation.diffrn_id                        1 
_diffrn_radiation.filter_edge                      ? 
_diffrn_radiation.inhomogeneity                    ? 
_diffrn_radiation.monochromator                    ? 
_diffrn_radiation.polarisn_norm                    ? 
_diffrn_radiation.polarisn_ratio                   ? 
_diffrn_radiation.probe                            ? 
_diffrn_radiation.type                             ? 
_diffrn_radiation.xray_symbol                      ? 
_diffrn_radiation.wavelength_id                    1 
_diffrn_radiation.pdbx_monochromatic_or_laue_m_l   M 
_diffrn_radiation.pdbx_wavelength_list             ? 
_diffrn_radiation.pdbx_wavelength                  ? 
_diffrn_radiation.pdbx_diffrn_protocol             'SINGLE WAVELENGTH' 
_diffrn_radiation.pdbx_analyzer                    ? 
_diffrn_radiation.pdbx_scattering_type             x-ray 
# 
_diffrn_radiation_wavelength.id           1 
_diffrn_radiation_wavelength.wavelength   1.033175 
_diffrn_radiation_wavelength.wt           1.0 
# 
_diffrn_source.current                     ? 
_diffrn_source.details                     ? 
_diffrn_source.diffrn_id                   1 
_diffrn_source.power                       ? 
_diffrn_source.size                        ? 
_diffrn_source.source                      SYNCHROTRON 
_diffrn_source.target                      ? 
_diffrn_source.type                        'APS BEAMLINE 23-ID-B' 
_diffrn_source.voltage                     ? 
_diffrn_source.take-off_angle              ? 
_diffrn_source.pdbx_wavelength_list        1.033175 
_diffrn_source.pdbx_wavelength             ? 
_diffrn_source.pdbx_synchrotron_beamline   23-ID-B 
_diffrn_source.pdbx_synchrotron_site       APS 
# 
_reflns.B_iso_Wilson_estimate                          ? 
_reflns.entry_id                                       9OL2 
_reflns.data_reduction_details                         ? 
_reflns.data_reduction_method                          ? 
_reflns.d_resolution_high                              1.528 
_reflns.d_resolution_low                               50 
_reflns.details                                        ? 
_reflns.limit_h_max                                    ? 
_reflns.limit_h_min                                    ? 
_reflns.limit_k_max                                    ? 
_reflns.limit_k_min                                    ? 
_reflns.limit_l_max                                    ? 
_reflns.limit_l_min                                    ? 
_reflns.number_all                                     ? 
_reflns.number_obs                                     17783 
_reflns.observed_criterion                             ? 
_reflns.observed_criterion_F_max                       ? 
_reflns.observed_criterion_F_min                       ? 
_reflns.observed_criterion_I_max                       ? 
_reflns.observed_criterion_I_min                       ? 
_reflns.observed_criterion_sigma_F                     ? 
_reflns.observed_criterion_sigma_I                     ? 
_reflns.percent_possible_obs                           96.9 
_reflns.R_free_details                                 ? 
_reflns.Rmerge_F_all                                   ? 
_reflns.Rmerge_F_obs                                   ? 
_reflns.Friedel_coverage                               ? 
_reflns.number_gt                                      ? 
_reflns.threshold_expression                           ? 
_reflns.pdbx_redundancy                                5.9 
_reflns.pdbx_netI_over_av_sigmaI                       ? 
_reflns.pdbx_netI_over_sigmaI                          15.9 
_reflns.pdbx_res_netI_over_av_sigmaI_2                 ? 
_reflns.pdbx_res_netI_over_sigmaI_2                    ? 
_reflns.pdbx_chi_squared                               0.939 
_reflns.pdbx_scaling_rejects                           ? 
_reflns.pdbx_d_res_high_opt                            ? 
_reflns.pdbx_d_res_low_opt                             ? 
_reflns.pdbx_d_res_opt_method                          ? 
_reflns.phase_calculation_details                      ? 
_reflns.pdbx_Rrim_I_all                                0.087 
_reflns.pdbx_Rpim_I_all                                0.035 
_reflns.pdbx_d_opt                                     ? 
_reflns.pdbx_number_measured_all                       ? 
_reflns.pdbx_diffrn_id                                 1 
_reflns.pdbx_ordinal                                   1 
_reflns.pdbx_CC_half                                   0.979 
_reflns.pdbx_CC_star                                   0.995 
_reflns.pdbx_R_split                                   ? 
_reflns.pdbx_Rmerge_I_obs                              0.079 
_reflns.pdbx_Rmerge_I_all                              ? 
_reflns.pdbx_Rsym_value                                ? 
_reflns.pdbx_CC_split_method                           ? 
_reflns.pdbx_aniso_diffraction_limit_axis_1_ortho[1]   ? 
_reflns.pdbx_aniso_diffraction_limit_axis_1_ortho[2]   ? 
_reflns.pdbx_aniso_diffraction_limit_axis_1_ortho[3]   ? 
_reflns.pdbx_aniso_diffraction_limit_axis_2_ortho[1]   ? 
_reflns.pdbx_aniso_diffraction_limit_axis_2_ortho[2]   ? 
_reflns.pdbx_aniso_diffraction_limit_axis_2_ortho[3]   ? 
_reflns.pdbx_aniso_diffraction_limit_axis_3_ortho[1]   ? 
_reflns.pdbx_aniso_diffraction_limit_axis_3_ortho[2]   ? 
_reflns.pdbx_aniso_diffraction_limit_axis_3_ortho[3]   ? 
_reflns.pdbx_aniso_diffraction_limit_1                 ? 
_reflns.pdbx_aniso_diffraction_limit_2                 ? 
_reflns.pdbx_aniso_diffraction_limit_3                 ? 
_reflns.pdbx_aniso_B_tensor_eigenvector_1_ortho[1]     ? 
_reflns.pdbx_aniso_B_tensor_eigenvector_1_ortho[2]     ? 
_reflns.pdbx_aniso_B_tensor_eigenvector_1_ortho[3]     ? 
_reflns.pdbx_aniso_B_tensor_eigenvector_2_ortho[1]     ? 
_reflns.pdbx_aniso_B_tensor_eigenvector_2_ortho[2]     ? 
_reflns.pdbx_aniso_B_tensor_eigenvector_2_ortho[3]     ? 
_reflns.pdbx_aniso_B_tensor_eigenvector_3_ortho[1]     ? 
_reflns.pdbx_aniso_B_tensor_eigenvector_3_ortho[2]     ? 
_reflns.pdbx_aniso_B_tensor_eigenvector_3_ortho[3]     ? 
_reflns.pdbx_aniso_B_tensor_eigenvalue_1               ? 
_reflns.pdbx_aniso_B_tensor_eigenvalue_2               ? 
_reflns.pdbx_aniso_B_tensor_eigenvalue_3               ? 
_reflns.pdbx_orthogonalization_convention              ? 
_reflns.pdbx_percent_possible_ellipsoidal              ? 
_reflns.pdbx_percent_possible_spherical                ? 
_reflns.pdbx_percent_possible_ellipsoidal_anomalous    ? 
_reflns.pdbx_percent_possible_spherical_anomalous      ? 
_reflns.pdbx_redundancy_anomalous                      ? 
_reflns.pdbx_CC_half_anomalous                         ? 
_reflns.pdbx_absDiff_over_sigma_anomalous              ? 
_reflns.pdbx_percent_possible_anomalous                ? 
_reflns.pdbx_observed_signal_threshold                 ? 
_reflns.pdbx_signal_type                               ? 
_reflns.pdbx_signal_details                            ? 
_reflns.pdbx_signal_software_id                        ? 
# 
_reflns_shell.d_res_high                                    1.528 
_reflns_shell.d_res_low                                     1.56 
_reflns_shell.meanI_over_sigI_all                           ? 
_reflns_shell.meanI_over_sigI_obs                           2.8 
_reflns_shell.number_measured_all                           ? 
_reflns_shell.number_measured_obs                           ? 
_reflns_shell.number_possible                               ? 
_reflns_shell.number_unique_all                             ? 
_reflns_shell.number_unique_obs                             757 
_reflns_shell.percent_possible_obs                          ? 
_reflns_shell.Rmerge_F_all                                  ? 
_reflns_shell.Rmerge_F_obs                                  ? 
_reflns_shell.meanI_over_sigI_gt                            ? 
_reflns_shell.meanI_over_uI_all                             ? 
_reflns_shell.meanI_over_uI_gt                              ? 
_reflns_shell.number_measured_gt                            ? 
_reflns_shell.number_unique_gt                              ? 
_reflns_shell.percent_possible_gt                           ? 
_reflns_shell.Rmerge_F_gt                                   ? 
_reflns_shell.Rmerge_I_gt                                   ? 
_reflns_shell.pdbx_redundancy                               4.8 
_reflns_shell.pdbx_chi_squared                              0.678 
_reflns_shell.pdbx_netI_over_sigmaI_all                     ? 
_reflns_shell.pdbx_netI_over_sigmaI_obs                     ? 
_reflns_shell.pdbx_Rrim_I_all                               0.464 
_reflns_shell.pdbx_Rpim_I_all                               0.203 
_reflns_shell.pdbx_rejects                                  ? 
_reflns_shell.pdbx_ordinal                                  1 
_reflns_shell.pdbx_diffrn_id                                1 
_reflns_shell.pdbx_CC_half                                  0.860 
_reflns_shell.pdbx_CC_star                                  0.962 
_reflns_shell.pdbx_R_split                                  ? 
_reflns_shell.percent_possible_all                          84.9 
_reflns_shell.Rmerge_I_all                                  ? 
_reflns_shell.Rmerge_I_obs                                  0.419 
_reflns_shell.pdbx_Rsym_value                               ? 
_reflns_shell.pdbx_percent_possible_ellipsoidal             ? 
_reflns_shell.pdbx_percent_possible_spherical               ? 
_reflns_shell.pdbx_percent_possible_ellipsoidal_anomalous   ? 
_reflns_shell.pdbx_percent_possible_spherical_anomalous     ? 
_reflns_shell.pdbx_redundancy_anomalous                     ? 
_reflns_shell.pdbx_CC_half_anomalous                        ? 
_reflns_shell.pdbx_absDiff_over_sigma_anomalous             ? 
_reflns_shell.pdbx_percent_possible_anomalous               ? 
# 
_refine.aniso_B[1][1]                            0.000 
_refine.aniso_B[1][2]                            0.000 
_refine.aniso_B[1][3]                            0.000 
_refine.aniso_B[2][2]                            0.000 
_refine.aniso_B[2][3]                            -0.000 
_refine.aniso_B[3][3]                            -0.001 
_refine.B_iso_max                                ? 
_refine.B_iso_mean                               15.946 
_refine.B_iso_min                                ? 
_refine.correlation_coeff_Fo_to_Fc               0.948 
_refine.correlation_coeff_Fo_to_Fc_free          0.928 
_refine.details                                  'Hydrogens have been added in their riding positions' 
_refine.diff_density_max                         ? 
_refine.diff_density_max_esd                     ? 
_refine.diff_density_min                         ? 
_refine.diff_density_min_esd                     ? 
_refine.diff_density_rms                         ? 
_refine.diff_density_rms_esd                     ? 
_refine.entry_id                                 9OL2 
_refine.pdbx_refine_id                           'X-RAY DIFFRACTION' 
_refine.ls_abs_structure_details                 ? 
_refine.ls_abs_structure_Flack                   ? 
_refine.ls_abs_structure_Flack_esd               ? 
_refine.ls_abs_structure_Rogers                  ? 
_refine.ls_abs_structure_Rogers_esd              ? 
_refine.ls_d_res_high                            1.528 
_refine.ls_d_res_low                             42.948 
_refine.ls_extinction_coef                       ? 
_refine.ls_extinction_coef_esd                   ? 
_refine.ls_extinction_expression                 ? 
_refine.ls_extinction_method                     ? 
_refine.ls_goodness_of_fit_all                   ? 
_refine.ls_goodness_of_fit_all_esd               ? 
_refine.ls_goodness_of_fit_obs                   ? 
_refine.ls_goodness_of_fit_obs_esd               ? 
_refine.ls_hydrogen_treatment                    ? 
_refine.ls_matrix_type                           ? 
_refine.ls_number_constraints                    ? 
_refine.ls_number_parameters                     ? 
_refine.ls_number_reflns_all                     ? 
_refine.ls_number_reflns_obs                     17651 
_refine.ls_number_reflns_R_free                  889 
_refine.ls_number_reflns_R_work                  16762 
_refine.ls_number_restraints                     ? 
_refine.ls_percent_reflns_obs                    96.448 
_refine.ls_percent_reflns_R_free                 5.037 
_refine.ls_R_factor_all                          0.200 
_refine.ls_R_factor_obs                          ? 
_refine.ls_R_factor_R_free                       0.2345 
_refine.ls_R_factor_R_free_error                 ? 
_refine.ls_R_factor_R_free_error_details         ? 
_refine.ls_R_factor_R_work                       0.1984 
_refine.ls_R_Fsqd_factor_obs                     ? 
_refine.ls_R_I_factor_obs                        ? 
_refine.ls_redundancy_reflns_all                 ? 
_refine.ls_redundancy_reflns_obs                 ? 
_refine.ls_restrained_S_all                      ? 
_refine.ls_restrained_S_obs                      ? 
_refine.ls_shift_over_esd_max                    ? 
_refine.ls_shift_over_esd_mean                   ? 
_refine.ls_structure_factor_coef                 ? 
_refine.ls_weighting_details                     ? 
_refine.ls_weighting_scheme                      ? 
_refine.ls_wR_factor_all                         ? 
_refine.ls_wR_factor_obs                         ? 
_refine.ls_wR_factor_R_free                      ? 
_refine.ls_wR_factor_R_work                      ? 
_refine.occupancy_max                            ? 
_refine.occupancy_min                            ? 
_refine.solvent_model_details                    'MASK BULK SOLVENT' 
_refine.solvent_model_param_bsol                 ? 
_refine.solvent_model_param_ksol                 ? 
_refine.correlation_coeff_I_to_Fcsqd_work        ? 
_refine.correlation_coeff_I_to_Fcsqd_free        ? 
_refine.pdbx_R_complete                          ? 
_refine.ls_R_factor_gt                           ? 
_refine.ls_goodness_of_fit_gt                    ? 
_refine.ls_goodness_of_fit_ref                   ? 
_refine.ls_shift_over_su_max                     ? 
_refine.ls_shift_over_su_max_lt                  ? 
_refine.ls_shift_over_su_mean                    ? 
_refine.ls_shift_over_su_mean_lt                 ? 
_refine.pdbx_ls_sigma_I                          ? 
_refine.pdbx_ls_sigma_F                          ? 
_refine.pdbx_ls_sigma_Fsqd                       ? 
_refine.pdbx_data_cutoff_high_absF               ? 
_refine.pdbx_data_cutoff_high_rms_absF           ? 
_refine.pdbx_data_cutoff_low_absF                ? 
_refine.pdbx_isotropic_thermal_model             ? 
_refine.pdbx_ls_cross_valid_method               THROUGHOUT 
_refine.pdbx_method_to_determine_struct          'MOLECULAR REPLACEMENT' 
_refine.pdbx_starting_model                      ? 
_refine.pdbx_stereochemistry_target_values       ? 
_refine.pdbx_R_Free_selection_details            ? 
_refine.pdbx_stereochem_target_val_spec_case     ? 
_refine.pdbx_overall_ESU_R                       0.082 
_refine.pdbx_overall_ESU_R_Free                  0.086 
_refine.pdbx_solvent_vdw_probe_radii             1.200 
_refine.pdbx_solvent_ion_probe_radii             0.800 
_refine.pdbx_solvent_shrinkage_radii             0.800 
_refine.pdbx_real_space_R                        ? 
_refine.pdbx_density_correlation                 ? 
_refine.pdbx_pd_number_of_powder_patterns        ? 
_refine.pdbx_pd_number_of_points                 ? 
_refine.pdbx_pd_meas_number_of_points            ? 
_refine.pdbx_pd_proc_ls_prof_R_factor            ? 
_refine.pdbx_pd_proc_ls_prof_wR_factor           ? 
_refine.pdbx_pd_Marquardt_correlation_coeff      ? 
_refine.pdbx_pd_Fsqrd_R_factor                   ? 
_refine.pdbx_pd_ls_matrix_band_width             ? 
_refine.pdbx_overall_phase_error                 ? 
_refine.pdbx_overall_SU_R_free_Cruickshank_DPI   ? 
_refine.pdbx_overall_SU_R_free_Blow_DPI          ? 
_refine.pdbx_overall_SU_R_Blow_DPI               ? 
_refine.pdbx_TLS_residual_ADP_flag               ? 
_refine.pdbx_diffrn_id                           1 
_refine.overall_SU_B                             1.389 
_refine.overall_SU_ML                            0.051 
_refine.overall_SU_R_Cruickshank_DPI             ? 
_refine.overall_SU_R_free                        ? 
_refine.overall_FOM_free_R_set                   ? 
_refine.overall_FOM_work_R_set                   ? 
_refine.pdbx_average_fsc_overall                 ? 
_refine.pdbx_average_fsc_work                    ? 
_refine.pdbx_average_fsc_free                    ? 
# 
_refine_hist.pdbx_refine_id                   'X-RAY DIFFRACTION' 
_refine_hist.cycle_id                         LAST 
_refine_hist.pdbx_number_atoms_protein        0 
_refine_hist.pdbx_number_atoms_nucleic_acid   598 
_refine_hist.pdbx_number_atoms_ligand         111 
_refine_hist.number_atoms_solvent             201 
_refine_hist.number_atoms_total               910 
_refine_hist.d_res_high                       1.528 
_refine_hist.d_res_low                        42.948 
# 
loop_
_refine_ls_restr.pdbx_refine_id 
_refine_ls_restr.criterion 
_refine_ls_restr.dev_ideal 
_refine_ls_restr.dev_ideal_target 
_refine_ls_restr.number 
_refine_ls_restr.rejects 
_refine_ls_restr.type 
_refine_ls_restr.weight 
_refine_ls_restr.pdbx_Zscore 
_refine_ls_restr.pdbx_restraint_function 
'X-RAY DIFFRACTION' ? 0.021 0.017  788  ? r_bond_refined_d               ? ? ? 
'X-RAY DIFFRACTION' ? 0.027 0.023  350  ? r_bond_other_d                 ? ? ? 
'X-RAY DIFFRACTION' ? 3.041 2.326  1210 ? r_angle_refined_deg            ? ? ? 
'X-RAY DIFFRACTION' ? 3.607 2.480  824  ? r_angle_other_deg              ? ? ? 
'X-RAY DIFFRACTION' ? 0.089 5.000  14   ? r_dihedral_angle_other_2_deg   ? ? ? 
'X-RAY DIFFRACTION' ? 0.480 0.200  156  ? r_chiral_restr                 ? ? ? 
'X-RAY DIFFRACTION' ? 1.820 0.200  20   ? r_chiral_restr_other           ? ? ? 
'X-RAY DIFFRACTION' ? 0.020 0.021  416  ? r_gen_planes_refined           ? ? ? 
'X-RAY DIFFRACTION' ? 0.001 0.023  136  ? r_gen_planes_other             ? ? ? 
'X-RAY DIFFRACTION' ? 0.075 0.200  57   ? r_nbd_refined                  ? ? ? 
'X-RAY DIFFRACTION' ? 0.186 0.200  465  ? r_symmetry_nbd_other           ? ? ? 
'X-RAY DIFFRACTION' ? 0.244 0.200  310  ? r_nbtor_refined                ? ? ? 
'X-RAY DIFFRACTION' ? 0.246 0.200  177  ? r_symmetry_nbtor_other         ? ? ? 
'X-RAY DIFFRACTION' ? 0.162 0.200  156  ? r_xyhbond_nbd_refined          ? ? ? 
'X-RAY DIFFRACTION' ? 0.012 0.200  3    ? r_metal_ion_refined            ? ? ? 
'X-RAY DIFFRACTION' ? 0.079 0.200  10   ? r_symmetry_nbd_refined         ? ? ? 
'X-RAY DIFFRACTION' ? 0.153 0.200  42   ? r_nbd_other                    ? ? ? 
'X-RAY DIFFRACTION' ? 0.138 0.200  64   ? r_symmetry_xyhbond_nbd_refined ? ? ? 
'X-RAY DIFFRACTION' ? 2.277 1.977  788  ? r_scbond_it                    ? ? ? 
'X-RAY DIFFRACTION' ? 2.276 1.977  789  ? r_scbond_other                 ? ? ? 
'X-RAY DIFFRACTION' ? 3.490 3.622  1210 ? r_scangle_it                   ? ? ? 
'X-RAY DIFFRACTION' ? 3.488 3.622  1211 ? r_scangle_other                ? ? ? 
'X-RAY DIFFRACTION' ? 5.846 25.353 1199 ? r_lrange_it                    ? ? ? 
'X-RAY DIFFRACTION' ? 5.125 24.211 1126 ? r_lrange_other                 ? ? ? 
# 
loop_
_refine_ls_shell.pdbx_refine_id 
_refine_ls_shell.d_res_high 
_refine_ls_shell.d_res_low 
_refine_ls_shell.number_reflns_all 
_refine_ls_shell.number_reflns_obs 
_refine_ls_shell.number_reflns_R_free 
_refine_ls_shell.number_reflns_R_work 
_refine_ls_shell.percent_reflns_obs 
_refine_ls_shell.percent_reflns_R_free 
_refine_ls_shell.R_factor_all 
_refine_ls_shell.R_factor_obs 
_refine_ls_shell.R_factor_R_free_error 
_refine_ls_shell.R_factor_R_work 
_refine_ls_shell.redundancy_reflns_all 
_refine_ls_shell.redundancy_reflns_obs 
_refine_ls_shell.wR_factor_all 
_refine_ls_shell.wR_factor_obs 
_refine_ls_shell.wR_factor_R_free 
_refine_ls_shell.wR_factor_R_work 
_refine_ls_shell.pdbx_R_complete 
_refine_ls_shell.correlation_coeff_Fo_to_Fc 
_refine_ls_shell.correlation_coeff_Fo_to_Fc_free 
_refine_ls_shell.correlation_coeff_I_to_Fcsqd_work 
_refine_ls_shell.correlation_coeff_I_to_Fcsqd_free 
_refine_ls_shell.pdbx_total_number_of_bins_used 
_refine_ls_shell.pdbx_phase_error 
_refine_ls_shell.pdbx_fsc_work 
_refine_ls_shell.pdbx_fsc_free 
_refine_ls_shell.R_factor_R_free 
'X-RAY DIFFRACTION' 1.528 1.567  1326 . 73 1152 92.3831 . 0.265 . . 0.263 . . . . . 0.243 . . . . . 20 . 0.962 0.962 0.299 
'X-RAY DIFFRACTION' 1.567 1.610  1297 . 71 1215 99.1519 . 0.239 . . 0.235 . . . . . 0.212 . . . . . 20 . 0.967 0.929 0.326 
'X-RAY DIFFRACTION' 1.610 1.657  1262 . 61 1184 98.6529 . 0.213 . . 0.213 . . . . . 0.196 . . . . . 20 . 0.971 0.972 0.229 
'X-RAY DIFFRACTION' 1.657 1.708  1219 . 53 1152 98.8515 . 0.198 . . 0.198 . . . . . 0.189 . . . . . 20 . 0.976 0.977 0.201 
'X-RAY DIFFRACTION' 1.708 1.764  1183 . 73 1091 98.3939 . 0.188 . . 0.187 . . . . . 0.181 . . . . . 20 . 0.977 0.973 0.203 
'X-RAY DIFFRACTION' 1.764 1.826  1153 . 61 1084 99.3062 . 0.198 . . 0.195 . . . . . 0.193 . . . . . 20 . 0.975 0.962 0.247 
'X-RAY DIFFRACTION' 1.826 1.894  1108 . 65 1018 97.7437 . 0.208 . . 0.202 . . . . . 0.204 . . . . . 20 . 0.974 0.944 0.319 
'X-RAY DIFFRACTION' 1.894 1.972  1071 . 56 1006 99.1597 . 0.202 . . 0.199 . . . . . 0.203 . . . . . 20 . 0.975 0.954 0.275 
'X-RAY DIFFRACTION' 1.972 2.059  1027 . 51 970  99.4158 . 0.199 . . 0.198 . . . . . 0.204 . . . . . 20 . 0.975 0.973 0.213 
'X-RAY DIFFRACTION' 2.059 2.159  1000 . 39 947  98.6000 . 0.210 . . 0.208 . . . . . 0.227 . . . . . 20 . 0.974 0.970 0.248 
'X-RAY DIFFRACTION' 2.159 2.276  943  . 50 873  97.8791 . 0.189 . . 0.187 . . . . . 0.204 . . . . . 20 . 0.977 0.977 0.209 
'X-RAY DIFFRACTION' 2.276 2.413  886  . 30 841  98.3070 . 0.171 . . 0.168 . . . . . 0.193 . . . . . 20 . 0.982 0.948 0.259 
'X-RAY DIFFRACTION' 2.413 2.579  854  . 29 815  98.8290 . 0.184 . . 0.180 . . . . . 0.213 . . . . . 20 . 0.978 0.960 0.302 
'X-RAY DIFFRACTION' 2.579 2.785  781  . 26 742  98.3355 . 0.194 . . 0.193 . . . . . 0.236 . . . . . 20 . 0.977 0.969 0.215 
'X-RAY DIFFRACTION' 2.785 3.050  735  . 47 657  95.7823 . 0.197 . . 0.196 . . . . . 0.247 . . . . . 20 . 0.976 0.970 0.205 
'X-RAY DIFFRACTION' 3.050 3.408  663  . 39 568  91.5535 . 0.201 . . 0.200 . . . . . 0.258 . . . . . 20 . 0.977 0.969 0.218 
'X-RAY DIFFRACTION' 3.408 3.931  596  . 16 502  86.9128 . 0.203 . . 0.201 . . . . . 0.256 . . . . . 20 . 0.975 0.939 0.270 
'X-RAY DIFFRACTION' 3.931 4.804  521  . 27 410  83.8772 . 0.180 . . 0.176 . . . . . 0.236 . . . . . 20 . 0.983 0.964 0.257 
'X-RAY DIFFRACTION' 4.804 6.752  411  . 19 340  87.3479 . 0.186 . . 0.188 . . . . . 0.280 . . . . . 20 . 0.981 0.986 0.140 
'X-RAY DIFFRACTION' 6.752 42.948 264  . 3  195  75.0000 . 0.324 . . 0.329 . . . . . 0.429 . . . . . 20 . 0.926 0.968 0.111 
# 
_struct.entry_id                     9OL2 
_struct.title                        'RNA-imidazolium-bridged dinucleotide intermediate complex' 
_struct.pdbx_model_details           ? 
_struct.pdbx_formula_weight          ? 
_struct.pdbx_formula_weight_method   ? 
_struct.pdbx_model_type_details      ? 
_struct.pdbx_CASP_flag               N 
# 
_struct_keywords.entry_id        9OL2 
_struct_keywords.text            'Imidazolium-bridged dinucleotide, RNA duplex, Origin of Life, RNA' 
_struct_keywords.pdbx_keywords   RNA 
# 
loop_
_struct_asym.id 
_struct_asym.pdbx_blank_PDB_chainid_flag 
_struct_asym.pdbx_modified 
_struct_asym.entity_id 
_struct_asym.details 
A N N 1 ? 
B N N 1 ? 
C N N 2 ? 
D N N 3 ? 
E N N 3 ? 
F N N 3 ? 
G N N 3 ? 
H N N 2 ? 
I N N 3 ? 
J N N 3 ? 
K N N 3 ? 
L N N 4 ? 
M N N 4 ? 
# 
_struct_ref.id                         1 
_struct_ref.db_name                    PDB 
_struct_ref.db_code                    9OL2 
_struct_ref.pdbx_db_accession          9OL2 
_struct_ref.pdbx_db_isoform            ? 
_struct_ref.entity_id                  1 
_struct_ref.pdbx_seq_one_letter_code   ? 
_struct_ref.pdbx_align_begin           1 
# 
loop_
_struct_ref_seq.align_id 
_struct_ref_seq.ref_id 
_struct_ref_seq.pdbx_PDB_id_code 
_struct_ref_seq.pdbx_strand_id 
_struct_ref_seq.seq_align_beg 
_struct_ref_seq.pdbx_seq_align_beg_ins_code 
_struct_ref_seq.seq_align_end 
_struct_ref_seq.pdbx_seq_align_end_ins_code 
_struct_ref_seq.pdbx_db_accession 
_struct_ref_seq.db_align_beg 
_struct_ref_seq.pdbx_db_align_beg_ins_code 
_struct_ref_seq.db_align_end 
_struct_ref_seq.pdbx_db_align_end_ins_code 
_struct_ref_seq.pdbx_auth_seq_align_beg 
_struct_ref_seq.pdbx_auth_seq_align_end 
1 1 9OL2 A 1 ? 14 ? 9OL2 1 ? 14 ? 1 14 
2 1 9OL2 B 1 ? 14 ? 9OL2 1 ? 14 ? 1 14 
# 
_pdbx_struct_assembly.id                   1 
_pdbx_struct_assembly.details              author_defined_assembly 
_pdbx_struct_assembly.method_details       ? 
_pdbx_struct_assembly.oligomeric_details   dimeric 
_pdbx_struct_assembly.oligomeric_count     2 
# 
_pdbx_struct_assembly_gen.assembly_id       1 
_pdbx_struct_assembly_gen.oper_expression   1 
_pdbx_struct_assembly_gen.asym_id_list      A,B,C,D,E,F,G,H,I,J,K,L,M 
# 
_pdbx_struct_assembly_auth_evidence.id                     1 
_pdbx_struct_assembly_auth_evidence.assembly_id            1 
_pdbx_struct_assembly_auth_evidence.experimental_support   none 
_pdbx_struct_assembly_auth_evidence.details                ? 
# 
_pdbx_struct_oper_list.id                   1 
_pdbx_struct_oper_list.type                 'identity operation' 
_pdbx_struct_oper_list.name                 1_555 
_pdbx_struct_oper_list.symmetry_operation   x,y,z 
_pdbx_struct_oper_list.matrix[1][1]         1.0000000000 
_pdbx_struct_oper_list.matrix[1][2]         0.0000000000 
_pdbx_struct_oper_list.matrix[1][3]         0.0000000000 
_pdbx_struct_oper_list.vector[1]            0.0000000000 
_pdbx_struct_oper_list.matrix[2][1]         0.0000000000 
_pdbx_struct_oper_list.matrix[2][2]         1.0000000000 
_pdbx_struct_oper_list.matrix[2][3]         0.0000000000 
_pdbx_struct_oper_list.vector[2]            0.0000000000 
_pdbx_struct_oper_list.matrix[3][1]         0.0000000000 
_pdbx_struct_oper_list.matrix[3][2]         0.0000000000 
_pdbx_struct_oper_list.matrix[3][3]         1.0000000000 
_pdbx_struct_oper_list.vector[3]            0.0000000000 
# 
loop_
_struct_conn.id 
_struct_conn.conn_type_id 
_struct_conn.pdbx_leaving_atom_flag 
_struct_conn.pdbx_PDB_id 
_struct_conn.ptnr1_label_asym_id 
_struct_conn.ptnr1_label_comp_id 
_struct_conn.ptnr1_label_seq_id 
_struct_conn.ptnr1_label_atom_id 
_struct_conn.pdbx_ptnr1_label_alt_id 
_struct_conn.pdbx_ptnr1_PDB_ins_code 
_struct_conn.pdbx_ptnr1_standard_comp_id 
_struct_conn.ptnr1_symmetry 
_struct_conn.ptnr2_label_asym_id 
_struct_conn.ptnr2_label_comp_id 
_struct_conn.ptnr2_label_seq_id 
_struct_conn.ptnr2_label_atom_id 
_struct_conn.pdbx_ptnr2_label_alt_id 
_struct_conn.pdbx_ptnr2_PDB_ins_code 
_struct_conn.ptnr1_auth_asym_id 
_struct_conn.ptnr1_auth_comp_id 
_struct_conn.ptnr1_auth_seq_id 
_struct_conn.ptnr2_auth_asym_id 
_struct_conn.ptnr2_auth_comp_id 
_struct_conn.ptnr2_auth_seq_id 
_struct_conn.ptnr2_symmetry 
_struct_conn.pdbx_ptnr3_label_atom_id 
_struct_conn.pdbx_ptnr3_label_seq_id 
_struct_conn.pdbx_ptnr3_label_comp_id 
_struct_conn.pdbx_ptnr3_label_asym_id 
_struct_conn.pdbx_ptnr3_label_alt_id 
_struct_conn.pdbx_ptnr3_PDB_ins_code 
_struct_conn.details 
_struct_conn.pdbx_dist_value 
_struct_conn.pdbx_value_order 
_struct_conn.pdbx_role 
covale1  covale both ? A LKC 1  "O3'" ? ? ? 1_555 A LCC 2  P  ? ? A LKC 1   A LCC 2   1_555 ? ? ? ? ? ? ?            1.676 ? ? 
covale2  covale both ? A LCC 2  "O3'" ? ? ? 1_555 A LCC 3  P  ? ? A LCC 2   A LCC 3   1_555 ? ? ? ? ? ? ?            1.615 ? ? 
covale3  covale both ? A LCC 3  "O3'" ? ? ? 1_555 A LCG 4  P  ? ? A LCC 3   A LCG 4   1_555 ? ? ? ? ? ? ?            1.634 ? ? 
covale4  covale both ? A LCG 4  "O3'" ? ? ? 1_555 A A   5  P  ? ? A LCG 4   A A   5   1_555 ? ? ? ? ? ? ?            1.584 ? ? 
covale5  covale both ? B LKC 1  "O3'" ? ? ? 1_555 B LCC 2  P  ? ? B LKC 1   B LCC 2   1_555 ? ? ? ? ? ? ?            1.674 ? ? 
covale6  covale both ? B LCC 2  "O3'" ? ? ? 1_555 B LCC 3  P  ? ? B LCC 2   B LCC 3   1_555 ? ? ? ? ? ? ?            1.614 ? ? 
covale7  covale both ? B LCC 3  "O3'" ? ? ? 1_555 B LCG 4  P  ? ? B LCC 3   B LCG 4   1_555 ? ? ? ? ? ? ?            1.625 ? ? 
covale8  covale both ? B LCG 4  "O3'" ? ? ? 1_555 B A   5  P  ? ? B LCG 4   B A   5   1_555 ? ? ? ? ? ? ?            1.577 ? ? 
metalc1  metalc ?    ? D MG  .  MG    ? ? ? 1_555 L HOH .  O  ? ? A MG  102 A HOH 216 1_555 ? ? ? ? ? ? ?            2.088 ? ? 
metalc2  metalc ?    ? D MG  .  MG    ? ? ? 1_555 L HOH .  O  ? ? A MG  102 A HOH 240 1_555 ? ? ? ? ? ? ?            2.052 ? ? 
metalc3  metalc ?    ? D MG  .  MG    ? ? ? 1_555 L HOH .  O  ? ? A MG  102 A HOH 289 1_555 ? ? ? ? ? ? ?            2.182 ? ? 
metalc4  metalc ?    ? D MG  .  MG    ? ? ? 1_555 M HOH .  O  ? ? A MG  102 B HOH 228 1_555 ? ? ? ? ? ? ?            2.064 ? ? 
metalc5  metalc ?    ? D MG  .  MG    ? ? ? 1_555 M HOH .  O  ? ? A MG  102 B HOH 249 1_555 ? ? ? ? ? ? ?            2.000 ? ? 
metalc6  metalc ?    ? D MG  .  MG    ? ? ? 1_555 M HOH .  O  ? ? A MG  102 B HOH 291 1_555 ? ? ? ? ? ? ?            2.111 ? ? 
metalc7  metalc ?    ? E MG  .  MG    ? ? ? 1_555 L HOH .  O  ? ? A MG  103 A HOH 206 1_555 ? ? ? ? ? ? ?            2.083 ? ? 
metalc8  metalc ?    ? E MG  .  MG    ? ? ? 1_555 L HOH .  O  ? ? A MG  103 A HOH 234 1_555 ? ? ? ? ? ? ?            2.138 ? ? 
metalc9  metalc ?    ? E MG  .  MG    ? ? ? 1_555 L HOH .  O  ? ? A MG  103 A HOH 256 1_555 ? ? ? ? ? ? ?            2.120 ? ? 
metalc10 metalc ?    ? E MG  .  MG    ? ? ? 1_555 L HOH .  O  ? ? A MG  103 A HOH 283 1_555 ? ? ? ? ? ? ?            2.117 ? ? 
metalc11 metalc ?    ? E MG  .  MG    ? ? ? 1_555 L HOH .  O  ? ? A MG  103 A HOH 298 1_555 ? ? ? ? ? ? ?            1.998 ? ? 
metalc12 metalc ?    ? E MG  .  MG    ? ? ? 1_555 L HOH .  O  ? ? A MG  103 A HOH 299 1_555 ? ? ? ? ? ? ?            2.079 ? ? 
metalc13 metalc ?    ? F MG  .  MG    ? ? ? 1_555 L HOH .  O  ? ? A MG  104 A HOH 208 1_555 ? ? ? ? ? ? ?            2.151 ? ? 
metalc14 metalc ?    ? F MG  .  MG    ? ? ? 1_555 L HOH .  O  ? ? A MG  104 A HOH 238 1_555 ? ? ? ? ? ? ?            2.056 ? ? 
metalc15 metalc ?    ? F MG  .  MG    ? ? ? 1_555 L HOH .  O  ? ? A MG  104 A HOH 254 2_565 ? ? ? ? ? ? ?            2.095 ? ? 
metalc16 metalc ?    ? F MG  .  MG    ? ? ? 1_555 M HOH .  O  ? ? A MG  104 B HOH 258 1_555 ? ? ? ? ? ? ?            2.072 ? ? 
metalc17 metalc ?    ? F MG  .  MG    ? ? ? 1_555 M HOH .  O  ? ? A MG  104 B HOH 267 1_555 ? ? ? ? ? ? ?            2.157 ? ? 
metalc18 metalc ?    ? F MG  .  MG    ? ? ? 1_555 M HOH .  O  ? ? A MG  104 B HOH 282 1_555 ? ? ? ? ? ? ?            1.971 ? ? 
metalc19 metalc ?    ? G MG  .  MG    ? ? ? 1_555 L HOH .  O  ? ? A MG  105 A HOH 205 1_555 ? ? ? ? ? ? ?            2.658 ? ? 
metalc20 metalc ?    ? G MG  .  MG    ? ? ? 1_555 L HOH .  O  ? ? A MG  105 A HOH 221 1_555 ? ? ? ? ? ? ?            2.546 ? ? 
metalc21 metalc ?    ? G MG  .  MG    ? ? ? 1_555 L HOH .  O  ? ? A MG  105 A HOH 293 1_555 ? ? ? ? ? ? ?            2.154 ? ? 
metalc22 metalc ?    ? L HOH .  O     ? ? ? 1_555 J MG  .  MG ? ? A HOH 264 B MG  103 1_555 ? ? ? ? ? ? ?            2.080 ? ? 
metalc23 metalc ?    ? L HOH .  O     ? ? ? 1_555 J MG  .  MG ? ? A HOH 266 B MG  103 1_555 ? ? ? ? ? ? ?            2.216 ? ? 
metalc24 metalc ?    ? L HOH .  O     ? ? ? 1_555 J MG  .  MG ? ? A HOH 284 B MG  103 1_555 ? ? ? ? ? ? ?            1.983 ? ? 
metalc25 metalc ?    ? I MG  .  MG    ? ? ? 1_555 M HOH .  O  ? ? B MG  102 B HOH 209 1_555 ? ? ? ? ? ? ?            2.118 ? ? 
metalc26 metalc ?    ? I MG  .  MG    ? ? ? 1_555 M HOH .  O  ? ? B MG  102 B HOH 231 1_555 ? ? ? ? ? ? ?            2.165 ? ? 
metalc27 metalc ?    ? I MG  .  MG    ? ? ? 1_555 M HOH .  O  ? ? B MG  102 B HOH 265 1_555 ? ? ? ? ? ? ?            1.994 ? ? 
metalc28 metalc ?    ? I MG  .  MG    ? ? ? 1_555 M HOH .  O  ? ? B MG  102 B HOH 283 1_555 ? ? ? ? ? ? ?            2.093 ? ? 
metalc29 metalc ?    ? I MG  .  MG    ? ? ? 1_555 M HOH .  O  ? ? B MG  102 B HOH 301 1_555 ? ? ? ? ? ? ?            1.993 ? ? 
metalc30 metalc ?    ? I MG  .  MG    ? ? ? 1_555 M HOH .  O  ? ? B MG  102 B HOH 302 1_555 ? ? ? ? ? ? ?            2.141 ? ? 
metalc31 metalc ?    ? J MG  .  MG    ? ? ? 1_555 M HOH .  O  ? ? B MG  103 B HOH 202 1_555 ? ? ? ? ? ? ?            2.095 ? ? 
metalc32 metalc ?    ? J MG  .  MG    ? ? ? 1_555 M HOH .  O  ? ? B MG  103 B HOH 245 1_555 ? ? ? ? ? ? ?            2.073 ? ? 
metalc33 metalc ?    ? J MG  .  MG    ? ? ? 1_555 M HOH .  O  ? ? B MG  103 B HOH 251 1_555 ? ? ? ? ? ? ?            2.083 ? ? 
metalc34 metalc ?    ? K MG  .  MG    ? ? ? 1_555 M HOH .  O  ? ? B MG  104 B HOH 212 1_555 ? ? ? ? ? ? ?            2.386 ? ? 
metalc35 metalc ?    ? K MG  .  MG    ? ? ? 1_555 M HOH .  O  ? ? B MG  104 B HOH 227 1_555 ? ? ? ? ? ? ?            2.467 ? ? 
metalc36 metalc ?    ? K MG  .  MG    ? ? ? 1_555 M HOH .  O  ? ? B MG  104 B HOH 287 1_555 ? ? ? ? ? ? ?            1.985 ? ? 
hydrog1  hydrog ?    ? A LCG 4  N1    ? ? ? 1_555 B C   13 N3 ? ? A LCG 4   B C   13  1_555 ? ? ? ? ? ? WATSON-CRICK ?     ? ? 
hydrog2  hydrog ?    ? A LCG 4  N2    ? ? ? 1_555 B C   13 O2 ? ? A LCG 4   B C   13  1_555 ? ? ? ? ? ? WATSON-CRICK ?     ? ? 
hydrog3  hydrog ?    ? A LCG 4  O6    ? ? ? 1_555 B C   13 N4 ? ? A LCG 4   B C   13  1_555 ? ? ? ? ? ? WATSON-CRICK ?     ? ? 
hydrog4  hydrog ?    ? A A   5  N1    ? ? ? 1_555 B U   12 N3 ? ? A A   5   B U   12  1_555 ? ? ? ? ? ? WATSON-CRICK ?     ? ? 
hydrog5  hydrog ?    ? A A   5  N6    ? ? ? 1_555 B U   12 O4 ? ? A A   5   B U   12  1_555 ? ? ? ? ? ? WATSON-CRICK ?     ? ? 
hydrog6  hydrog ?    ? A C   6  N3    ? ? ? 1_555 B G   11 N1 ? ? A C   6   B G   11  1_555 ? ? ? ? ? ? WATSON-CRICK ?     ? ? 
hydrog7  hydrog ?    ? A C   6  N4    ? ? ? 1_555 B G   11 O6 ? ? A C   6   B G   11  1_555 ? ? ? ? ? ? WATSON-CRICK ?     ? ? 
hydrog8  hydrog ?    ? A C   6  O2    ? ? ? 1_555 B G   11 N2 ? ? A C   6   B G   11  1_555 ? ? ? ? ? ? WATSON-CRICK ?     ? ? 
hydrog9  hydrog ?    ? A U   7  N3    ? ? ? 1_555 B A   10 N1 ? ? A U   7   B A   10  1_555 ? ? ? ? ? ? WATSON-CRICK ?     ? ? 
hydrog10 hydrog ?    ? A U   7  O4    ? ? ? 1_555 B A   10 N6 ? ? A U   7   B A   10  1_555 ? ? ? ? ? ? WATSON-CRICK ?     ? ? 
hydrog11 hydrog ?    ? A U   8  N3    ? ? ? 1_555 B A   9  N1 ? ? A U   8   B A   9   1_555 ? ? ? ? ? ? WATSON-CRICK ?     ? ? 
hydrog12 hydrog ?    ? A U   8  O4    ? ? ? 1_555 B A   9  N6 ? ? A U   8   B A   9   1_555 ? ? ? ? ? ? WATSON-CRICK ?     ? ? 
hydrog13 hydrog ?    ? A A   9  N1    ? ? ? 1_555 B U   8  N3 ? ? A A   9   B U   8   1_555 ? ? ? ? ? ? WATSON-CRICK ?     ? ? 
hydrog14 hydrog ?    ? A A   9  N6    ? ? ? 1_555 B U   8  O4 ? ? A A   9   B U   8   1_555 ? ? ? ? ? ? WATSON-CRICK ?     ? ? 
hydrog15 hydrog ?    ? A A   10 N1    ? ? ? 1_555 B U   7  N3 ? ? A A   10  B U   7   1_555 ? ? ? ? ? ? WATSON-CRICK ?     ? ? 
hydrog16 hydrog ?    ? A A   10 N6    ? ? ? 1_555 B U   7  O4 ? ? A A   10  B U   7   1_555 ? ? ? ? ? ? WATSON-CRICK ?     ? ? 
hydrog17 hydrog ?    ? A G   11 N1    ? ? ? 1_555 B C   6  N3 ? ? A G   11  B C   6   1_555 ? ? ? ? ? ? WATSON-CRICK ?     ? ? 
hydrog18 hydrog ?    ? A G   11 N2    ? ? ? 1_555 B C   6  O2 ? ? A G   11  B C   6   1_555 ? ? ? ? ? ? WATSON-CRICK ?     ? ? 
hydrog19 hydrog ?    ? A G   11 O6    ? ? ? 1_555 B C   6  N4 ? ? A G   11  B C   6   1_555 ? ? ? ? ? ? WATSON-CRICK ?     ? ? 
hydrog20 hydrog ?    ? A U   12 N3    ? ? ? 1_555 B A   5  N1 ? ? A U   12  B A   5   1_555 ? ? ? ? ? ? WATSON-CRICK ?     ? ? 
hydrog21 hydrog ?    ? A U   12 O4    ? ? ? 1_555 B A   5  N6 ? ? A U   12  B A   5   1_555 ? ? ? ? ? ? WATSON-CRICK ?     ? ? 
hydrog22 hydrog ?    ? A C   13 N3    ? ? ? 1_555 B LCG 4  N1 ? ? A C   13  B LCG 4   1_555 ? ? ? ? ? ? WATSON-CRICK ?     ? ? 
hydrog23 hydrog ?    ? A C   13 N4    ? ? ? 1_555 B LCG 4  O6 ? ? A C   13  B LCG 4   1_555 ? ? ? ? ? ? WATSON-CRICK ?     ? ? 
hydrog24 hydrog ?    ? A C   13 O2    ? ? ? 1_555 B LCG 4  N2 ? ? A C   13  B LCG 4   1_555 ? ? ? ? ? ? WATSON-CRICK ?     ? ? 
# 
loop_
_struct_conn_type.id 
_struct_conn_type.criteria 
_struct_conn_type.reference 
covale ? ? 
metalc ? ? 
hydrog ? ? 
# 
loop_
_pdbx_struct_conn_angle.id 
_pdbx_struct_conn_angle.ptnr1_label_atom_id 
_pdbx_struct_conn_angle.ptnr1_label_alt_id 
_pdbx_struct_conn_angle.ptnr1_label_asym_id 
_pdbx_struct_conn_angle.ptnr1_label_comp_id 
_pdbx_struct_conn_angle.ptnr1_label_seq_id 
_pdbx_struct_conn_angle.ptnr1_auth_atom_id 
_pdbx_struct_conn_angle.ptnr1_auth_asym_id 
_pdbx_struct_conn_angle.ptnr1_auth_comp_id 
_pdbx_struct_conn_angle.ptnr1_auth_seq_id 
_pdbx_struct_conn_angle.ptnr1_PDB_ins_code 
_pdbx_struct_conn_angle.ptnr1_symmetry 
_pdbx_struct_conn_angle.ptnr2_label_atom_id 
_pdbx_struct_conn_angle.ptnr2_label_alt_id 
_pdbx_struct_conn_angle.ptnr2_label_asym_id 
_pdbx_struct_conn_angle.ptnr2_label_comp_id 
_pdbx_struct_conn_angle.ptnr2_label_seq_id 
_pdbx_struct_conn_angle.ptnr2_auth_atom_id 
_pdbx_struct_conn_angle.ptnr2_auth_asym_id 
_pdbx_struct_conn_angle.ptnr2_auth_comp_id 
_pdbx_struct_conn_angle.ptnr2_auth_seq_id 
_pdbx_struct_conn_angle.ptnr2_PDB_ins_code 
_pdbx_struct_conn_angle.ptnr2_symmetry 
_pdbx_struct_conn_angle.ptnr3_label_atom_id 
_pdbx_struct_conn_angle.ptnr3_label_alt_id 
_pdbx_struct_conn_angle.ptnr3_label_asym_id 
_pdbx_struct_conn_angle.ptnr3_label_comp_id 
_pdbx_struct_conn_angle.ptnr3_label_seq_id 
_pdbx_struct_conn_angle.ptnr3_auth_atom_id 
_pdbx_struct_conn_angle.ptnr3_auth_asym_id 
_pdbx_struct_conn_angle.ptnr3_auth_comp_id 
_pdbx_struct_conn_angle.ptnr3_auth_seq_id 
_pdbx_struct_conn_angle.ptnr3_PDB_ins_code 
_pdbx_struct_conn_angle.ptnr3_symmetry 
_pdbx_struct_conn_angle.value 
_pdbx_struct_conn_angle.value_esd 
1  O ? L HOH . ? A HOH 216 ? 1_555 MG ? D MG . ? A MG 102 ? 1_555 O ? L HOH . ? A HOH 240 ? 1_555 89.5  ? 
2  O ? L HOH . ? A HOH 216 ? 1_555 MG ? D MG . ? A MG 102 ? 1_555 O ? L HOH . ? A HOH 289 ? 1_555 84.2  ? 
3  O ? L HOH . ? A HOH 240 ? 1_555 MG ? D MG . ? A MG 102 ? 1_555 O ? L HOH . ? A HOH 289 ? 1_555 90.4  ? 
4  O ? L HOH . ? A HOH 216 ? 1_555 MG ? D MG . ? A MG 102 ? 1_555 O ? M HOH . ? B HOH 228 ? 1_555 92.0  ? 
5  O ? L HOH . ? A HOH 240 ? 1_555 MG ? D MG . ? A MG 102 ? 1_555 O ? M HOH . ? B HOH 228 ? 1_555 91.3  ? 
6  O ? L HOH . ? A HOH 289 ? 1_555 MG ? D MG . ? A MG 102 ? 1_555 O ? M HOH . ? B HOH 228 ? 1_555 175.9 ? 
7  O ? L HOH . ? A HOH 216 ? 1_555 MG ? D MG . ? A MG 102 ? 1_555 O ? M HOH . ? B HOH 249 ? 1_555 91.4  ? 
8  O ? L HOH . ? A HOH 240 ? 1_555 MG ? D MG . ? A MG 102 ? 1_555 O ? M HOH . ? B HOH 249 ? 1_555 177.3 ? 
9  O ? L HOH . ? A HOH 289 ? 1_555 MG ? D MG . ? A MG 102 ? 1_555 O ? M HOH . ? B HOH 249 ? 1_555 87.2  ? 
10 O ? M HOH . ? B HOH 228 ? 1_555 MG ? D MG . ? A MG 102 ? 1_555 O ? M HOH . ? B HOH 249 ? 1_555 91.3  ? 
11 O ? L HOH . ? A HOH 216 ? 1_555 MG ? D MG . ? A MG 102 ? 1_555 O ? M HOH . ? B HOH 291 ? 1_555 177.2 ? 
12 O ? L HOH . ? A HOH 240 ? 1_555 MG ? D MG . ? A MG 102 ? 1_555 O ? M HOH . ? B HOH 291 ? 1_555 87.9  ? 
13 O ? L HOH . ? A HOH 289 ? 1_555 MG ? D MG . ? A MG 102 ? 1_555 O ? M HOH . ? B HOH 291 ? 1_555 96.5  ? 
14 O ? M HOH . ? B HOH 228 ? 1_555 MG ? D MG . ? A MG 102 ? 1_555 O ? M HOH . ? B HOH 291 ? 1_555 87.3  ? 
15 O ? M HOH . ? B HOH 249 ? 1_555 MG ? D MG . ? A MG 102 ? 1_555 O ? M HOH . ? B HOH 291 ? 1_555 91.2  ? 
16 O ? L HOH . ? A HOH 206 ? 1_555 MG ? E MG . ? A MG 103 ? 1_555 O ? L HOH . ? A HOH 234 ? 1_555 94.5  ? 
17 O ? L HOH . ? A HOH 206 ? 1_555 MG ? E MG . ? A MG 103 ? 1_555 O ? L HOH . ? A HOH 256 ? 1_555 86.7  ? 
18 O ? L HOH . ? A HOH 234 ? 1_555 MG ? E MG . ? A MG 103 ? 1_555 O ? L HOH . ? A HOH 256 ? 1_555 83.2  ? 
19 O ? L HOH . ? A HOH 206 ? 1_555 MG ? E MG . ? A MG 103 ? 1_555 O ? L HOH . ? A HOH 283 ? 1_555 179.1 ? 
20 O ? L HOH . ? A HOH 234 ? 1_555 MG ? E MG . ? A MG 103 ? 1_555 O ? L HOH . ? A HOH 283 ? 1_555 85.6  ? 
21 O ? L HOH . ? A HOH 256 ? 1_555 MG ? E MG . ? A MG 103 ? 1_555 O ? L HOH . ? A HOH 283 ? 1_555 92.4  ? 
22 O ? L HOH . ? A HOH 206 ? 1_555 MG ? E MG . ? A MG 103 ? 1_555 O ? L HOH . ? A HOH 298 ? 1_555 89.1  ? 
23 O ? L HOH . ? A HOH 234 ? 1_555 MG ? E MG . ? A MG 103 ? 1_555 O ? L HOH . ? A HOH 298 ? 1_555 172.7 ? 
24 O ? L HOH . ? A HOH 256 ? 1_555 MG ? E MG . ? A MG 103 ? 1_555 O ? L HOH . ? A HOH 298 ? 1_555 90.7  ? 
25 O ? L HOH . ? A HOH 283 ? 1_555 MG ? E MG . ? A MG 103 ? 1_555 O ? L HOH . ? A HOH 298 ? 1_555 90.8  ? 
26 O ? L HOH . ? A HOH 206 ? 1_555 MG ? E MG . ? A MG 103 ? 1_555 O ? L HOH . ? A HOH 299 ? 1_555 87.1  ? 
27 O ? L HOH . ? A HOH 234 ? 1_555 MG ? E MG . ? A MG 103 ? 1_555 O ? L HOH . ? A HOH 299 ? 1_555 90.4  ? 
28 O ? L HOH . ? A HOH 256 ? 1_555 MG ? E MG . ? A MG 103 ? 1_555 O ? L HOH . ? A HOH 299 ? 1_555 170.7 ? 
29 O ? L HOH . ? A HOH 283 ? 1_555 MG ? E MG . ? A MG 103 ? 1_555 O ? L HOH . ? A HOH 299 ? 1_555 93.9  ? 
30 O ? L HOH . ? A HOH 298 ? 1_555 MG ? E MG . ? A MG 103 ? 1_555 O ? L HOH . ? A HOH 299 ? 1_555 96.1  ? 
31 O ? L HOH . ? A HOH 208 ? 1_555 MG ? F MG . ? A MG 104 ? 1_555 O ? L HOH . ? A HOH 238 ? 1_555 93.8  ? 
32 O ? L HOH . ? A HOH 208 ? 1_555 MG ? F MG . ? A MG 104 ? 1_555 O ? L HOH . ? A HOH 254 ? 2_565 92.0  ? 
33 O ? L HOH . ? A HOH 238 ? 1_555 MG ? F MG . ? A MG 104 ? 1_555 O ? L HOH . ? A HOH 254 ? 2_565 87.8  ? 
34 O ? L HOH . ? A HOH 208 ? 1_555 MG ? F MG . ? A MG 104 ? 1_555 O ? M HOH . ? B HOH 258 ? 1_555 85.7  ? 
35 O ? L HOH . ? A HOH 238 ? 1_555 MG ? F MG . ? A MG 104 ? 1_555 O ? M HOH . ? B HOH 258 ? 1_555 90.7  ? 
36 O ? L HOH . ? A HOH 254 ? 2_565 MG ? F MG . ? A MG 104 ? 1_555 O ? M HOH . ? B HOH 258 ? 1_555 177.2 ? 
37 O ? L HOH . ? A HOH 208 ? 1_555 MG ? F MG . ? A MG 104 ? 1_555 O ? M HOH . ? B HOH 267 ? 1_555 86.0  ? 
38 O ? L HOH . ? A HOH 238 ? 1_555 MG ? F MG . ? A MG 104 ? 1_555 O ? M HOH . ? B HOH 267 ? 1_555 175.8 ? 
39 O ? L HOH . ? A HOH 254 ? 2_565 MG ? F MG . ? A MG 104 ? 1_555 O ? M HOH . ? B HOH 267 ? 1_555 88.0  ? 
40 O ? M HOH . ? B HOH 258 ? 1_555 MG ? F MG . ? A MG 104 ? 1_555 O ? M HOH . ? B HOH 267 ? 1_555 93.5  ? 
41 O ? L HOH . ? A HOH 208 ? 1_555 MG ? F MG . ? A MG 104 ? 1_555 O ? M HOH . ? B HOH 282 ? 1_555 173.9 ? 
42 O ? L HOH . ? A HOH 238 ? 1_555 MG ? F MG . ? A MG 104 ? 1_555 O ? M HOH . ? B HOH 282 ? 1_555 91.3  ? 
43 O ? L HOH . ? A HOH 254 ? 2_565 MG ? F MG . ? A MG 104 ? 1_555 O ? M HOH . ? B HOH 282 ? 1_555 91.5  ? 
44 O ? M HOH . ? B HOH 258 ? 1_555 MG ? F MG . ? A MG 104 ? 1_555 O ? M HOH . ? B HOH 282 ? 1_555 90.9  ? 
45 O ? M HOH . ? B HOH 267 ? 1_555 MG ? F MG . ? A MG 104 ? 1_555 O ? M HOH . ? B HOH 282 ? 1_555 89.1  ? 
46 O ? L HOH . ? A HOH 205 ? 1_555 MG ? G MG . ? A MG 105 ? 1_555 O ? L HOH . ? A HOH 221 ? 1_555 69.8  ? 
47 O ? L HOH . ? A HOH 205 ? 1_555 MG ? G MG . ? A MG 105 ? 1_555 O ? L HOH . ? A HOH 293 ? 1_555 59.1  ? 
48 O ? L HOH . ? A HOH 221 ? 1_555 MG ? G MG . ? A MG 105 ? 1_555 O ? L HOH . ? A HOH 293 ? 1_555 71.8  ? 
49 O ? L HOH . ? A HOH 264 ? 1_555 MG ? J MG . ? B MG 103 ? 1_555 O ? L HOH . ? A HOH 266 ? 1_555 95.0  ? 
50 O ? L HOH . ? A HOH 264 ? 1_555 MG ? J MG . ? B MG 103 ? 1_555 O ? L HOH . ? A HOH 284 ? 1_555 91.0  ? 
51 O ? L HOH . ? A HOH 266 ? 1_555 MG ? J MG . ? B MG 103 ? 1_555 O ? L HOH . ? A HOH 284 ? 1_555 89.0  ? 
52 O ? L HOH . ? A HOH 264 ? 1_555 MG ? J MG . ? B MG 103 ? 1_555 O ? M HOH . ? B HOH 202 ? 1_555 86.5  ? 
53 O ? L HOH . ? A HOH 266 ? 1_555 MG ? J MG . ? B MG 103 ? 1_555 O ? M HOH . ? B HOH 202 ? 1_555 85.3  ? 
54 O ? L HOH . ? A HOH 284 ? 1_555 MG ? J MG . ? B MG 103 ? 1_555 O ? M HOH . ? B HOH 202 ? 1_555 173.5 ? 
55 O ? L HOH . ? A HOH 264 ? 1_555 MG ? J MG . ? B MG 103 ? 1_555 O ? M HOH . ? B HOH 245 ? 1_555 90.9  ? 
56 O ? L HOH . ? A HOH 266 ? 1_555 MG ? J MG . ? B MG 103 ? 1_555 O ? M HOH . ? B HOH 245 ? 1_555 173.9 ? 
57 O ? L HOH . ? A HOH 284 ? 1_555 MG ? J MG . ? B MG 103 ? 1_555 O ? M HOH . ? B HOH 245 ? 1_555 89.5  ? 
58 O ? M HOH . ? B HOH 202 ? 1_555 MG ? J MG . ? B MG 103 ? 1_555 O ? M HOH . ? B HOH 245 ? 1_555 96.5  ? 
59 O ? L HOH . ? A HOH 264 ? 1_555 MG ? J MG . ? B MG 103 ? 1_555 O ? M HOH . ? B HOH 251 ? 1_555 177.4 ? 
60 O ? L HOH . ? A HOH 266 ? 1_555 MG ? J MG . ? B MG 103 ? 1_555 O ? M HOH . ? B HOH 251 ? 1_555 85.2  ? 
61 O ? L HOH . ? A HOH 284 ? 1_555 MG ? J MG . ? B MG 103 ? 1_555 O ? M HOH . ? B HOH 251 ? 1_555 91.6  ? 
62 O ? M HOH . ? B HOH 202 ? 1_555 MG ? J MG . ? B MG 103 ? 1_555 O ? M HOH . ? B HOH 251 ? 1_555 90.9  ? 
63 O ? M HOH . ? B HOH 245 ? 1_555 MG ? J MG . ? B MG 103 ? 1_555 O ? M HOH . ? B HOH 251 ? 1_555 88.9  ? 
64 O ? M HOH . ? B HOH 209 ? 1_555 MG ? I MG . ? B MG 102 ? 1_555 O ? M HOH . ? B HOH 231 ? 1_555 93.6  ? 
65 O ? M HOH . ? B HOH 209 ? 1_555 MG ? I MG . ? B MG 102 ? 1_555 O ? M HOH . ? B HOH 265 ? 1_555 89.0  ? 
66 O ? M HOH . ? B HOH 231 ? 1_555 MG ? I MG . ? B MG 102 ? 1_555 O ? M HOH . ? B HOH 265 ? 1_555 83.9  ? 
67 O ? M HOH . ? B HOH 209 ? 1_555 MG ? I MG . ? B MG 102 ? 1_555 O ? M HOH . ? B HOH 283 ? 1_555 177.7 ? 
68 O ? M HOH . ? B HOH 231 ? 1_555 MG ? I MG . ? B MG 102 ? 1_555 O ? M HOH . ? B HOH 283 ? 1_555 85.9  ? 
69 O ? M HOH . ? B HOH 265 ? 1_555 MG ? I MG . ? B MG 102 ? 1_555 O ? M HOH . ? B HOH 283 ? 1_555 93.2  ? 
70 O ? M HOH . ? B HOH 209 ? 1_555 MG ? I MG . ? B MG 102 ? 1_555 O ? M HOH . ? B HOH 301 ? 1_555 90.8  ? 
71 O ? M HOH . ? B HOH 231 ? 1_555 MG ? I MG . ? B MG 102 ? 1_555 O ? M HOH . ? B HOH 301 ? 1_555 175.0 ? 
72 O ? M HOH . ? B HOH 265 ? 1_555 MG ? I MG . ? B MG 102 ? 1_555 O ? M HOH . ? B HOH 301 ? 1_555 93.9  ? 
73 O ? M HOH . ? B HOH 283 ? 1_555 MG ? I MG . ? B MG 102 ? 1_555 O ? M HOH . ? B HOH 301 ? 1_555 89.8  ? 
74 O ? M HOH . ? B HOH 209 ? 1_555 MG ? I MG . ? B MG 102 ? 1_555 O ? M HOH . ? B HOH 302 ? 1_555 85.0  ? 
75 O ? M HOH . ? B HOH 231 ? 1_555 MG ? I MG . ? B MG 102 ? 1_555 O ? M HOH . ? B HOH 302 ? 1_555 89.9  ? 
76 O ? M HOH . ? B HOH 265 ? 1_555 MG ? I MG . ? B MG 102 ? 1_555 O ? M HOH . ? B HOH 302 ? 1_555 171.0 ? 
77 O ? M HOH . ? B HOH 283 ? 1_555 MG ? I MG . ? B MG 102 ? 1_555 O ? M HOH . ? B HOH 302 ? 1_555 92.7  ? 
78 O ? M HOH . ? B HOH 301 ? 1_555 MG ? I MG . ? B MG 102 ? 1_555 O ? M HOH . ? B HOH 302 ? 1_555 92.8  ? 
79 O ? M HOH . ? B HOH 212 ? 1_555 MG ? K MG . ? B MG 104 ? 1_555 O ? M HOH . ? B HOH 227 ? 1_555 81.2  ? 
80 O ? M HOH . ? B HOH 212 ? 1_555 MG ? K MG . ? B MG 104 ? 1_555 O ? M HOH . ? B HOH 287 ? 1_555 66.6  ? 
81 O ? M HOH . ? B HOH 227 ? 1_555 MG ? K MG . ? B MG 104 ? 1_555 O ? M HOH . ? B HOH 287 ? 1_555 59.8  ? 
# 
_pdbx_entry_details.entry_id                   9OL2 
_pdbx_entry_details.nonpolymer_details         ? 
_pdbx_entry_details.sequence_details           ? 
_pdbx_entry_details.compound_details           ? 
_pdbx_entry_details.source_details             ? 
_pdbx_entry_details.has_ligand_of_interest     Y 
_pdbx_entry_details.has_protein_modification   N 
# 
_pdbx_validate_close_contact.id               1 
_pdbx_validate_close_contact.PDB_model_num    1 
_pdbx_validate_close_contact.auth_atom_id_1   O 
_pdbx_validate_close_contact.auth_asym_id_1   A 
_pdbx_validate_close_contact.auth_comp_id_1   HOH 
_pdbx_validate_close_contact.auth_seq_id_1    287 
_pdbx_validate_close_contact.PDB_ins_code_1   ? 
_pdbx_validate_close_contact.label_alt_id_1   ? 
_pdbx_validate_close_contact.auth_atom_id_2   O 
_pdbx_validate_close_contact.auth_asym_id_2   B 
_pdbx_validate_close_contact.auth_comp_id_2   HOH 
_pdbx_validate_close_contact.auth_seq_id_2    222 
_pdbx_validate_close_contact.PDB_ins_code_2   ? 
_pdbx_validate_close_contact.label_alt_id_2   ? 
_pdbx_validate_close_contact.dist             1.97 
# 
loop_
_pdbx_validate_symm_contact.id 
_pdbx_validate_symm_contact.PDB_model_num 
_pdbx_validate_symm_contact.auth_atom_id_1 
_pdbx_validate_symm_contact.auth_asym_id_1 
_pdbx_validate_symm_contact.auth_comp_id_1 
_pdbx_validate_symm_contact.auth_seq_id_1 
_pdbx_validate_symm_contact.PDB_ins_code_1 
_pdbx_validate_symm_contact.label_alt_id_1 
_pdbx_validate_symm_contact.site_symmetry_1 
_pdbx_validate_symm_contact.auth_atom_id_2 
_pdbx_validate_symm_contact.auth_asym_id_2 
_pdbx_validate_symm_contact.auth_comp_id_2 
_pdbx_validate_symm_contact.auth_seq_id_2 
_pdbx_validate_symm_contact.PDB_ins_code_2 
_pdbx_validate_symm_contact.label_alt_id_2 
_pdbx_validate_symm_contact.site_symmetry_2 
_pdbx_validate_symm_contact.dist 
1 1 O A HOH 253 ? ? 1_555 O A HOH 253 ? ? 6_555 2.06 
2 1 O B HOH 240 ? ? 1_555 O B HOH 240 ? ? 5_556 2.18 
# 
loop_
_pdbx_validate_rmsd_angle.id 
_pdbx_validate_rmsd_angle.PDB_model_num 
_pdbx_validate_rmsd_angle.auth_atom_id_1 
_pdbx_validate_rmsd_angle.auth_asym_id_1 
_pdbx_validate_rmsd_angle.auth_comp_id_1 
_pdbx_validate_rmsd_angle.auth_seq_id_1 
_pdbx_validate_rmsd_angle.PDB_ins_code_1 
_pdbx_validate_rmsd_angle.label_alt_id_1 
_pdbx_validate_rmsd_angle.auth_atom_id_2 
_pdbx_validate_rmsd_angle.auth_asym_id_2 
_pdbx_validate_rmsd_angle.auth_comp_id_2 
_pdbx_validate_rmsd_angle.auth_seq_id_2 
_pdbx_validate_rmsd_angle.PDB_ins_code_2 
_pdbx_validate_rmsd_angle.label_alt_id_2 
_pdbx_validate_rmsd_angle.auth_atom_id_3 
_pdbx_validate_rmsd_angle.auth_asym_id_3 
_pdbx_validate_rmsd_angle.auth_comp_id_3 
_pdbx_validate_rmsd_angle.auth_seq_id_3 
_pdbx_validate_rmsd_angle.PDB_ins_code_3 
_pdbx_validate_rmsd_angle.label_alt_id_3 
_pdbx_validate_rmsd_angle.angle_value 
_pdbx_validate_rmsd_angle.angle_target_value 
_pdbx_validate_rmsd_angle.angle_deviation 
_pdbx_validate_rmsd_angle.angle_standard_deviation 
_pdbx_validate_rmsd_angle.linker_flag 
1 1 "C3'" A LKC 1 ? ? "O3'" A LKC 1 ? ? P   A LCC 2 ? ? 127.41 119.70 7.71  1.20 Y 
2 1 C2    A C   6 ? ? N3    A C   6 ? ? C4  A C   6 ? ? 123.30 119.90 3.40  0.50 N 
3 1 N3    A C   6 ? ? C4    A C   6 ? ? C5  A C   6 ? ? 119.40 121.90 -2.50 0.40 N 
4 1 "O5'" A U   8 ? ? P     A U   8 ? ? OP2 A U   8 ? ? 97.24  105.70 -8.46 0.90 N 
5 1 "C3'" B LKC 1 ? ? "O3'" B LKC 1 ? ? P   B LCC 2 ? ? 127.95 119.70 8.25  1.20 Y 
6 1 C2    B C   6 ? ? N3    B C   6 ? ? C4  B C   6 ? ? 123.02 119.90 3.12  0.50 N 
7 1 "O5'" B U   8 ? ? P     B U   8 ? ? OP2 B U   8 ? ? 96.98  105.70 -8.72 0.90 N 
8 1 C5    B A   9 ? ? C6    B A   9 ? ? N1  B A   9 ? ? 120.72 117.70 3.02  0.50 N 
# 
loop_
_pdbx_struct_special_symmetry.id 
_pdbx_struct_special_symmetry.PDB_model_num 
_pdbx_struct_special_symmetry.auth_asym_id 
_pdbx_struct_special_symmetry.auth_comp_id 
_pdbx_struct_special_symmetry.auth_seq_id 
_pdbx_struct_special_symmetry.PDB_ins_code 
_pdbx_struct_special_symmetry.label_asym_id 
_pdbx_struct_special_symmetry.label_comp_id 
_pdbx_struct_special_symmetry.label_seq_id 
1 1 A HOH 275 ? L HOH . 
2 1 A HOH 286 ? L HOH . 
3 1 A HOH 297 ? L HOH . 
4 1 B HOH 275 ? M HOH . 
5 1 B HOH 285 ? M HOH . 
6 1 B HOH 298 ? M HOH . 
7 1 B HOH 299 ? M HOH . 
# 
loop_
_chem_comp_atom.comp_id 
_chem_comp_atom.atom_id 
_chem_comp_atom.type_symbol 
_chem_comp_atom.pdbx_aromatic_flag 
_chem_comp_atom.pdbx_stereo_config 
_chem_comp_atom.pdbx_ordinal 
A   OP3    O  N N 1   
A   P      P  N N 2   
A   OP1    O  N N 3   
A   OP2    O  N N 4   
A   "O5'"  O  N N 5   
A   "C5'"  C  N N 6   
A   "C4'"  C  N R 7   
A   "O4'"  O  N N 8   
A   "C3'"  C  N S 9   
A   "O3'"  O  N N 10  
A   "C2'"  C  N R 11  
A   "O2'"  O  N N 12  
A   "C1'"  C  N R 13  
A   N9     N  Y N 14  
A   C8     C  Y N 15  
A   N7     N  Y N 16  
A   C5     C  Y N 17  
A   C6     C  Y N 18  
A   N6     N  N N 19  
A   N1     N  Y N 20  
A   C2     C  Y N 21  
A   N3     N  Y N 22  
A   C4     C  Y N 23  
A   HOP3   H  N N 24  
A   HOP2   H  N N 25  
A   "H5'"  H  N N 26  
A   "H5''" H  N N 27  
A   "H4'"  H  N N 28  
A   "H3'"  H  N N 29  
A   "HO3'" H  N N 30  
A   "H2'"  H  N N 31  
A   "HO2'" H  N N 32  
A   "H1'"  H  N N 33  
A   H8     H  N N 34  
A   H61    H  N N 35  
A   H62    H  N N 36  
A   H2     H  N N 37  
C   OP3    O  N N 38  
C   P      P  N N 39  
C   OP1    O  N N 40  
C   OP2    O  N N 41  
C   "O5'"  O  N N 42  
C   "C5'"  C  N N 43  
C   "C4'"  C  N R 44  
C   "O4'"  O  N N 45  
C   "C3'"  C  N S 46  
C   "O3'"  O  N N 47  
C   "C2'"  C  N R 48  
C   "O2'"  O  N N 49  
C   "C1'"  C  N R 50  
C   N1     N  N N 51  
C   C2     C  N N 52  
C   O2     O  N N 53  
C   N3     N  N N 54  
C   C4     C  N N 55  
C   N4     N  N N 56  
C   C5     C  N N 57  
C   C6     C  N N 58  
C   HOP3   H  N N 59  
C   HOP2   H  N N 60  
C   "H5'"  H  N N 61  
C   "H5''" H  N N 62  
C   "H4'"  H  N N 63  
C   "H3'"  H  N N 64  
C   "HO3'" H  N N 65  
C   "H2'"  H  N N 66  
C   "HO2'" H  N N 67  
C   "H1'"  H  N N 68  
C   H41    H  N N 69  
C   H42    H  N N 70  
C   H5     H  N N 71  
C   H6     H  N N 72  
EQ1 PA     P  N N 73  
EQ1 PG     P  N N 74  
EQ1 C1C    C  Y N 75  
EQ1 C1D    C  N R 76  
EQ1 C1E    C  N R 77  
EQ1 N1A    N  N N 78  
EQ1 N1B    N  N N 79  
EQ1 N1C    N  Y N 80  
EQ1 O1A    O  N N 81  
EQ1 O1G    O  N N 82  
EQ1 C2A    C  N N 83  
EQ1 C2B    C  N N 84  
EQ1 C2C    C  Y N 85  
EQ1 C2D    C  N R 86  
EQ1 C2E    C  N R 87  
EQ1 N2A    N  N N 88  
EQ1 N2B    N  N N 89  
EQ1 N2C    N  Y N 90  
EQ1 O2A    O  N N 91  
EQ1 O2D    O  N N 92  
EQ1 O2E    O  N N 93  
EQ1 O2G    O  N N 94  
EQ1 C3C    C  Y N 95  
EQ1 C3D    C  N S 96  
EQ1 C3E    C  N S 97  
EQ1 N3A    N  N N 98  
EQ1 N3B    N  N N 99  
EQ1 N3C    N  N N 100 
EQ1 O3D    O  N N 101 
EQ1 O3E    O  N N 102 
EQ1 C4A    C  Y N 103 
EQ1 C4B    C  Y N 104 
EQ1 C4D    C  N R 105 
EQ1 C4E    C  N R 106 
EQ1 O4D    O  N N 107 
EQ1 O4E    O  N N 108 
EQ1 C5A    C  Y N 109 
EQ1 C5B    C  Y N 110 
EQ1 C5D    C  N N 111 
EQ1 C5E    C  N N 112 
EQ1 O5D    O  N N 113 
EQ1 O5E    O  N N 114 
EQ1 C6A    C  N N 115 
EQ1 C6B    C  N N 116 
EQ1 O6A    O  N N 117 
EQ1 O6B    O  N N 118 
EQ1 N7A    N  Y N 119 
EQ1 N7B    N  Y N 120 
EQ1 C8A    C  Y N 121 
EQ1 C8B    C  Y N 122 
EQ1 N9A    N  Y N 123 
EQ1 N9B    N  Y N 124 
EQ1 H1     H  N N 125 
EQ1 H2     H  N N 126 
EQ1 H3     H  N N 127 
EQ1 H4     H  N N 128 
EQ1 H5     H  N N 129 
EQ1 H6     H  N N 130 
EQ1 H7     H  N N 131 
EQ1 H8     H  N N 132 
EQ1 H9     H  N N 133 
EQ1 H10    H  N N 134 
EQ1 H11    H  N N 135 
EQ1 H12    H  N N 136 
EQ1 H13    H  N N 137 
EQ1 H14    H  N N 138 
EQ1 H15    H  N N 139 
EQ1 H16    H  N N 140 
EQ1 H17    H  N N 141 
EQ1 H18    H  N N 142 
EQ1 H19    H  N N 143 
EQ1 H20    H  N N 144 
EQ1 H21    H  N N 145 
EQ1 H22    H  N N 146 
EQ1 H23    H  N N 147 
EQ1 H24    H  N N 148 
EQ1 H25    H  N N 149 
EQ1 H26    H  N N 150 
EQ1 H27    H  N N 151 
EQ1 H28    H  N N 152 
EQ1 H29    H  N N 153 
EQ1 H30    H  N N 154 
G   OP3    O  N N 155 
G   P      P  N N 156 
G   OP1    O  N N 157 
G   OP2    O  N N 158 
G   "O5'"  O  N N 159 
G   "C5'"  C  N N 160 
G   "C4'"  C  N R 161 
G   "O4'"  O  N N 162 
G   "C3'"  C  N S 163 
G   "O3'"  O  N N 164 
G   "C2'"  C  N R 165 
G   "O2'"  O  N N 166 
G   "C1'"  C  N R 167 
G   N9     N  Y N 168 
G   C8     C  Y N 169 
G   N7     N  Y N 170 
G   C5     C  Y N 171 
G   C6     C  N N 172 
G   O6     O  N N 173 
G   N1     N  N N 174 
G   C2     C  N N 175 
G   N2     N  N N 176 
G   N3     N  N N 177 
G   C4     C  Y N 178 
G   HOP3   H  N N 179 
G   HOP2   H  N N 180 
G   "H5'"  H  N N 181 
G   "H5''" H  N N 182 
G   "H4'"  H  N N 183 
G   "H3'"  H  N N 184 
G   "HO3'" H  N N 185 
G   "H2'"  H  N N 186 
G   "HO2'" H  N N 187 
G   "H1'"  H  N N 188 
G   H8     H  N N 189 
G   H1     H  N N 190 
G   H21    H  N N 191 
G   H22    H  N N 192 
HOH O      O  N N 193 
HOH H1     H  N N 194 
HOH H2     H  N N 195 
LCC "O5'"  O  N N 196 
LCC "C5'"  C  N N 197 
LCC "C4'"  C  N R 198 
LCC "O4'"  O  N N 199 
LCC "C1'"  C  N R 200 
LCC N1     N  N N 201 
LCC C6     C  N N 202 
LCC C5     C  N N 203 
LCC C5M    C  N N 204 
LCC C4     C  N N 205 
LCC N4     N  N N 206 
LCC N3     N  N N 207 
LCC C2     C  N N 208 
LCC O2     O  N N 209 
LCC "C3'"  C  N S 210 
LCC "C2'"  C  N R 211 
LCC "O2'"  O  N N 212 
LCC "O3'"  O  N N 213 
LCC "C6'"  C  N N 214 
LCC P      P  N N 215 
LCC O1P    O  N N 216 
LCC O2P    O  N N 217 
LCC OXT    O  N N 218 
LCC "H5'1" H  N N 219 
LCC "H5'2" H  N N 220 
LCC "H1'"  H  N N 221 
LCC H6     H  N N 222 
LCC H5M1   H  N N 223 
LCC H5M2   H  N N 224 
LCC H5M3   H  N N 225 
LCC H41    H  N N 226 
LCC H42    H  N N 227 
LCC "H3'"  H  N N 228 
LCC "H2'1" H  N N 229 
LCC H3T    H  N N 230 
LCC "H6'1" H  N N 231 
LCC "H6'2" H  N N 232 
LCC H1P    H  N N 233 
LCC HXT    H  N N 234 
LCG P      P  N N 235 
LCG OP1    O  N N 236 
LCG "O5'"  O  N N 237 
LCG "C5'"  C  N N 238 
LCG "C3'"  C  N S 239 
LCG "C6'"  C  N N 240 
LCG N9     N  Y N 241 
LCG C8     C  Y N 242 
LCG C4     C  Y N 243 
LCG N7     N  Y N 244 
LCG C5     C  Y N 245 
LCG C6     C  N N 246 
LCG "C2'"  C  N R 247 
LCG O6     O  N N 248 
LCG "C4'"  C  N R 249 
LCG "C1'"  C  N R 250 
LCG C2     C  N N 251 
LCG N1     N  N N 252 
LCG "O4'"  O  N N 253 
LCG OP2    O  N N 254 
LCG N2     N  N N 255 
LCG N3     N  N N 256 
LCG "O2'"  O  N N 257 
LCG "O3'"  O  N N 258 
LCG OP3    O  N N 259 
LCG "H5'"  H  N N 260 
LCG "H5''" H  N N 261 
LCG "H3'"  H  N N 262 
LCG "H6'1" H  N N 263 
LCG "H6'2" H  N N 264 
LCG H8     H  N N 265 
LCG "H2'"  H  N N 266 
LCG "H1'"  H  N N 267 
LCG H1     H  N N 268 
LCG HOP2   H  N N 269 
LCG H21    H  N N 270 
LCG H22    H  N N 271 
LCG "HO3'" H  N N 272 
LCG HOP3   H  N N 273 
LKC N1     N  N N 274 
LKC C2     C  N N 275 
LKC N3     N  N N 276 
LKC C4     C  N N 277 
LKC C5     C  N N 278 
LKC C6     C  N N 279 
LKC O2     O  N N 280 
LKC N4     N  N N 281 
LKC "C1'"  C  N R 282 
LKC "C2'"  C  N R 283 
LKC "C3'"  C  N S 284 
LKC "C4'"  C  N S 285 
LKC "O4'"  O  N N 286 
LKC "O3'"  O  N N 287 
LKC "C5'"  C  N N 288 
LKC "O5'"  O  N N 289 
LKC C5A    C  N N 290 
LKC "O2'"  O  N N 291 
LKC "C6'"  C  N N 292 
LKC H6     H  N N 293 
LKC H41    H  N N 294 
LKC H42    H  N N 295 
LKC "H1'"  H  N N 296 
LKC "H2'1" H  N N 297 
LKC "H3'"  H  N N 298 
LKC H3T    H  N N 299 
LKC "H5'1" H  N N 300 
LKC "H5'2" H  N N 301 
LKC H5T    H  N N 302 
LKC H5M1   H  N N 303 
LKC H5M2   H  N N 304 
LKC H5M3   H  N N 305 
LKC "H6'1" H  N N 306 
LKC "H6'2" H  N N 307 
MG  MG     MG N N 308 
U   OP3    O  N N 309 
U   P      P  N N 310 
U   OP1    O  N N 311 
U   OP2    O  N N 312 
U   "O5'"  O  N N 313 
U   "C5'"  C  N N 314 
U   "C4'"  C  N R 315 
U   "O4'"  O  N N 316 
U   "C3'"  C  N S 317 
U   "O3'"  O  N N 318 
U   "C2'"  C  N R 319 
U   "O2'"  O  N N 320 
U   "C1'"  C  N R 321 
U   N1     N  N N 322 
U   C2     C  N N 323 
U   O2     O  N N 324 
U   N3     N  N N 325 
U   C4     C  N N 326 
U   O4     O  N N 327 
U   C5     C  N N 328 
U   C6     C  N N 329 
U   HOP3   H  N N 330 
U   HOP2   H  N N 331 
U   "H5'"  H  N N 332 
U   "H5''" H  N N 333 
U   "H4'"  H  N N 334 
U   "H3'"  H  N N 335 
U   "HO3'" H  N N 336 
U   "H2'"  H  N N 337 
U   "HO2'" H  N N 338 
U   "H1'"  H  N N 339 
U   H3     H  N N 340 
U   H5     H  N N 341 
U   H6     H  N N 342 
# 
loop_
_chem_comp_bond.comp_id 
_chem_comp_bond.atom_id_1 
_chem_comp_bond.atom_id_2 
_chem_comp_bond.value_order 
_chem_comp_bond.pdbx_aromatic_flag 
_chem_comp_bond.pdbx_stereo_config 
_chem_comp_bond.pdbx_ordinal 
A   OP3   P      sing N N 1   
A   OP3   HOP3   sing N N 2   
A   P     OP1    doub N N 3   
A   P     OP2    sing N N 4   
A   P     "O5'"  sing N N 5   
A   OP2   HOP2   sing N N 6   
A   "O5'" "C5'"  sing N N 7   
A   "C5'" "C4'"  sing N N 8   
A   "C5'" "H5'"  sing N N 9   
A   "C5'" "H5''" sing N N 10  
A   "C4'" "O4'"  sing N N 11  
A   "C4'" "C3'"  sing N N 12  
A   "C4'" "H4'"  sing N N 13  
A   "O4'" "C1'"  sing N N 14  
A   "C3'" "O3'"  sing N N 15  
A   "C3'" "C2'"  sing N N 16  
A   "C3'" "H3'"  sing N N 17  
A   "O3'" "HO3'" sing N N 18  
A   "C2'" "O2'"  sing N N 19  
A   "C2'" "C1'"  sing N N 20  
A   "C2'" "H2'"  sing N N 21  
A   "O2'" "HO2'" sing N N 22  
A   "C1'" N9     sing N N 23  
A   "C1'" "H1'"  sing N N 24  
A   N9    C8     sing Y N 25  
A   N9    C4     sing Y N 26  
A   C8    N7     doub Y N 27  
A   C8    H8     sing N N 28  
A   N7    C5     sing Y N 29  
A   C5    C6     sing Y N 30  
A   C5    C4     doub Y N 31  
A   C6    N6     sing N N 32  
A   C6    N1     doub Y N 33  
A   N6    H61    sing N N 34  
A   N6    H62    sing N N 35  
A   N1    C2     sing Y N 36  
A   C2    N3     doub Y N 37  
A   C2    H2     sing N N 38  
A   N3    C4     sing Y N 39  
C   OP3   P      sing N N 40  
C   OP3   HOP3   sing N N 41  
C   P     OP1    doub N N 42  
C   P     OP2    sing N N 43  
C   P     "O5'"  sing N N 44  
C   OP2   HOP2   sing N N 45  
C   "O5'" "C5'"  sing N N 46  
C   "C5'" "C4'"  sing N N 47  
C   "C5'" "H5'"  sing N N 48  
C   "C5'" "H5''" sing N N 49  
C   "C4'" "O4'"  sing N N 50  
C   "C4'" "C3'"  sing N N 51  
C   "C4'" "H4'"  sing N N 52  
C   "O4'" "C1'"  sing N N 53  
C   "C3'" "O3'"  sing N N 54  
C   "C3'" "C2'"  sing N N 55  
C   "C3'" "H3'"  sing N N 56  
C   "O3'" "HO3'" sing N N 57  
C   "C2'" "O2'"  sing N N 58  
C   "C2'" "C1'"  sing N N 59  
C   "C2'" "H2'"  sing N N 60  
C   "O2'" "HO2'" sing N N 61  
C   "C1'" N1     sing N N 62  
C   "C1'" "H1'"  sing N N 63  
C   N1    C2     sing N N 64  
C   N1    C6     sing N N 65  
C   C2    O2     doub N N 66  
C   C2    N3     sing N N 67  
C   N3    C4     doub N N 68  
C   C4    N4     sing N N 69  
C   C4    C5     sing N N 70  
C   N4    H41    sing N N 71  
C   N4    H42    sing N N 72  
C   C5    C6     doub N N 73  
C   C5    H5     sing N N 74  
C   C6    H6     sing N N 75  
EQ1 O2G   PG     doub N N 76  
EQ1 PG    O1G    sing N N 77  
EQ1 PG    O5E    sing N N 78  
EQ1 PG    N2C    sing N N 79  
EQ1 C2C   N2C    sing Y N 80  
EQ1 C2C   C3C    doub Y N 81  
EQ1 O5E   C5E    sing N N 82  
EQ1 C5E   C4E    sing N N 83  
EQ1 N2C   C1C    doub Y N 84  
EQ1 O3E   C3E    sing N N 85  
EQ1 C3C   N1C    sing Y N 86  
EQ1 C3E   C4E    sing N N 87  
EQ1 C3E   C2E    sing N N 88  
EQ1 C1C   N1C    sing Y N 89  
EQ1 C1C   N3C    sing N N 90  
EQ1 C4E   O4E    sing N N 91  
EQ1 N1C   PA     sing N N 92  
EQ1 C2E   O2E    sing N N 93  
EQ1 C2E   C1E    sing N N 94  
EQ1 O4E   C1E    sing N N 95  
EQ1 O3D   C3D    sing N N 96  
EQ1 PA    O2A    doub N N 97  
EQ1 PA    O1A    sing N N 98  
EQ1 PA    O5D    sing N N 99  
EQ1 C8B   N7B    doub Y N 100 
EQ1 C8B   N9B    sing Y N 101 
EQ1 C1E   N9B    sing N N 102 
EQ1 N7B   C5B    sing Y N 103 
EQ1 N9B   C4B    sing Y N 104 
EQ1 C5B   C4B    doub Y N 105 
EQ1 C5B   C6B    sing N N 106 
EQ1 C4B   N3B    sing N N 107 
EQ1 C3D   C4D    sing N N 108 
EQ1 C3D   C2D    sing N N 109 
EQ1 O6B   C6B    doub N N 110 
EQ1 C6B   N1B    sing N N 111 
EQ1 N3B   C2B    doub N N 112 
EQ1 C5D   O5D    sing N N 113 
EQ1 C5D   C4D    sing N N 114 
EQ1 N1B   C2B    sing N N 115 
EQ1 C2B   N2B    sing N N 116 
EQ1 C4D   O4D    sing N N 117 
EQ1 C2D   O2D    sing N N 118 
EQ1 C2D   C1D    sing N N 119 
EQ1 C8A   N7A    doub Y N 120 
EQ1 C8A   N9A    sing Y N 121 
EQ1 N7A   C5A    sing Y N 122 
EQ1 O4D   C1D    sing N N 123 
EQ1 N9A   C1D    sing N N 124 
EQ1 N9A   C4A    sing Y N 125 
EQ1 C5A   C4A    doub Y N 126 
EQ1 C5A   C6A    sing N N 127 
EQ1 C4A   N3A    sing N N 128 
EQ1 O6A   C6A    doub N N 129 
EQ1 C6A   N1A    sing N N 130 
EQ1 N3A   C2A    doub N N 131 
EQ1 N1A   C2A    sing N N 132 
EQ1 C2A   N2A    sing N N 133 
EQ1 C1D   H1     sing N N 134 
EQ1 C1E   H2     sing N N 135 
EQ1 N1A   H3     sing N N 136 
EQ1 N1B   H4     sing N N 137 
EQ1 O1A   H5     sing N N 138 
EQ1 O1G   H6     sing N N 139 
EQ1 C2C   H7     sing N N 140 
EQ1 C2D   H8     sing N N 141 
EQ1 C2E   H9     sing N N 142 
EQ1 N2A   H10    sing N N 143 
EQ1 N2A   H11    sing N N 144 
EQ1 N2B   H12    sing N N 145 
EQ1 N2B   H13    sing N N 146 
EQ1 O2D   H14    sing N N 147 
EQ1 O2E   H15    sing N N 148 
EQ1 C3C   H16    sing N N 149 
EQ1 C3D   H17    sing N N 150 
EQ1 C3E   H18    sing N N 151 
EQ1 N3C   H19    sing N N 152 
EQ1 N3C   H20    sing N N 153 
EQ1 O3D   H21    sing N N 154 
EQ1 O3E   H22    sing N N 155 
EQ1 C4D   H23    sing N N 156 
EQ1 C4E   H24    sing N N 157 
EQ1 C5D   H25    sing N N 158 
EQ1 C5D   H26    sing N N 159 
EQ1 C5E   H27    sing N N 160 
EQ1 C5E   H28    sing N N 161 
EQ1 C8A   H29    sing N N 162 
EQ1 C8B   H30    sing N N 163 
G   OP3   P      sing N N 164 
G   OP3   HOP3   sing N N 165 
G   P     OP1    doub N N 166 
G   P     OP2    sing N N 167 
G   P     "O5'"  sing N N 168 
G   OP2   HOP2   sing N N 169 
G   "O5'" "C5'"  sing N N 170 
G   "C5'" "C4'"  sing N N 171 
G   "C5'" "H5'"  sing N N 172 
G   "C5'" "H5''" sing N N 173 
G   "C4'" "O4'"  sing N N 174 
G   "C4'" "C3'"  sing N N 175 
G   "C4'" "H4'"  sing N N 176 
G   "O4'" "C1'"  sing N N 177 
G   "C3'" "O3'"  sing N N 178 
G   "C3'" "C2'"  sing N N 179 
G   "C3'" "H3'"  sing N N 180 
G   "O3'" "HO3'" sing N N 181 
G   "C2'" "O2'"  sing N N 182 
G   "C2'" "C1'"  sing N N 183 
G   "C2'" "H2'"  sing N N 184 
G   "O2'" "HO2'" sing N N 185 
G   "C1'" N9     sing N N 186 
G   "C1'" "H1'"  sing N N 187 
G   N9    C8     sing Y N 188 
G   N9    C4     sing Y N 189 
G   C8    N7     doub Y N 190 
G   C8    H8     sing N N 191 
G   N7    C5     sing Y N 192 
G   C5    C6     sing N N 193 
G   C5    C4     doub Y N 194 
G   C6    O6     doub N N 195 
G   C6    N1     sing N N 196 
G   N1    C2     sing N N 197 
G   N1    H1     sing N N 198 
G   C2    N2     sing N N 199 
G   C2    N3     doub N N 200 
G   N2    H21    sing N N 201 
G   N2    H22    sing N N 202 
G   N3    C4     sing N N 203 
HOH O     H1     sing N N 204 
HOH O     H2     sing N N 205 
LCC "O5'" "C5'"  sing N N 206 
LCC "O5'" P      sing N N 207 
LCC "C5'" "C4'"  sing N N 208 
LCC "C5'" "H5'1" sing N N 209 
LCC "C5'" "H5'2" sing N N 210 
LCC "C4'" "O4'"  sing N N 211 
LCC "C4'" "C3'"  sing N N 212 
LCC "C4'" "C6'"  sing N N 213 
LCC "O4'" "C1'"  sing N N 214 
LCC "C1'" N1     sing N N 215 
LCC "C1'" "C2'"  sing N N 216 
LCC "C1'" "H1'"  sing N N 217 
LCC N1    C6     sing N N 218 
LCC N1    C2     sing N N 219 
LCC C6    C5     doub N N 220 
LCC C6    H6     sing N N 221 
LCC C5    C5M    sing N N 222 
LCC C5    C4     sing N N 223 
LCC C5M   H5M1   sing N N 224 
LCC C5M   H5M2   sing N N 225 
LCC C5M   H5M3   sing N N 226 
LCC C4    N4     sing N N 227 
LCC C4    N3     doub N N 228 
LCC N4    H41    sing N N 229 
LCC N4    H42    sing N N 230 
LCC N3    C2     sing N N 231 
LCC C2    O2     doub N N 232 
LCC "C3'" "C2'"  sing N N 233 
LCC "C3'" "O3'"  sing N N 234 
LCC "C3'" "H3'"  sing N N 235 
LCC "C2'" "O2'"  sing N N 236 
LCC "C2'" "H2'1" sing N N 237 
LCC "O2'" "C6'"  sing N N 238 
LCC "O3'" H3T    sing N N 239 
LCC "C6'" "H6'1" sing N N 240 
LCC "C6'" "H6'2" sing N N 241 
LCC P     O1P    sing N N 242 
LCC P     O2P    doub N N 243 
LCC P     OXT    sing N N 244 
LCC O1P   H1P    sing N N 245 
LCC OXT   HXT    sing N N 246 
LCG P     OP1    doub N N 247 
LCG P     "O5'"  sing N N 248 
LCG P     OP2    sing N N 249 
LCG P     OP3    sing N N 250 
LCG "O5'" "C5'"  sing N N 251 
LCG "C5'" "C4'"  sing N N 252 
LCG "C5'" "H5'"  sing N N 253 
LCG "C5'" "H5''" sing N N 254 
LCG "C3'" "C2'"  sing N N 255 
LCG "C3'" "C4'"  sing N N 256 
LCG "C3'" "O3'"  sing N N 257 
LCG "C3'" "H3'"  sing N N 258 
LCG "C6'" "C4'"  sing N N 259 
LCG "C6'" "O2'"  sing N N 260 
LCG "C6'" "H6'1" sing N N 261 
LCG "C6'" "H6'2" sing N N 262 
LCG N9    C8     sing Y N 263 
LCG N9    C4     sing Y N 264 
LCG N9    "C1'"  sing N N 265 
LCG C8    N7     doub Y N 266 
LCG C8    H8     sing N N 267 
LCG C4    C5     doub Y N 268 
LCG C4    N3     sing N N 269 
LCG N7    C5     sing Y N 270 
LCG C5    C6     sing N N 271 
LCG C6    O6     doub N N 272 
LCG C6    N1     sing N N 273 
LCG "C2'" "C1'"  sing N N 274 
LCG "C2'" "O2'"  sing N N 275 
LCG "C2'" "H2'"  sing N N 276 
LCG "C4'" "O4'"  sing N N 277 
LCG "C1'" "O4'"  sing N N 278 
LCG "C1'" "H1'"  sing N N 279 
LCG C2    N1     sing N N 280 
LCG C2    N2     sing N N 281 
LCG C2    N3     doub N N 282 
LCG N1    H1     sing N N 283 
LCG OP2   HOP2   sing N N 284 
LCG N2    H21    sing N N 285 
LCG N2    H22    sing N N 286 
LCG "O3'" "HO3'" sing N N 287 
LCG OP3   HOP3   sing N N 288 
LKC N1    C2     sing N N 289 
LKC N1    C6     sing N N 290 
LKC N1    "C1'"  sing N N 291 
LKC C2    N3     sing N N 292 
LKC C2    O2     doub N N 293 
LKC N3    C4     doub N N 294 
LKC C4    C5     sing N N 295 
LKC C4    N4     sing N N 296 
LKC C5    C6     doub N N 297 
LKC C5    C5A    sing N N 298 
LKC C6    H6     sing N N 299 
LKC N4    H41    sing N N 300 
LKC N4    H42    sing N N 301 
LKC "C1'" "C2'"  sing N N 302 
LKC "C1'" "O4'"  sing N N 303 
LKC "C1'" "H1'"  sing N N 304 
LKC "C2'" "C3'"  sing N N 305 
LKC "C2'" "O2'"  sing N N 306 
LKC "C2'" "H2'1" sing N N 307 
LKC "C3'" "C4'"  sing N N 308 
LKC "C3'" "O3'"  sing N N 309 
LKC "C3'" "H3'"  sing N N 310 
LKC "C4'" "O4'"  sing N N 311 
LKC "C4'" "C5'"  sing N N 312 
LKC "C4'" "C6'"  sing N N 313 
LKC "O3'" H3T    sing N N 314 
LKC "C5'" "O5'"  sing N N 315 
LKC "C5'" "H5'1" sing N N 316 
LKC "C5'" "H5'2" sing N N 317 
LKC "O5'" H5T    sing N N 318 
LKC C5A   H5M1   sing N N 319 
LKC C5A   H5M2   sing N N 320 
LKC C5A   H5M3   sing N N 321 
LKC "O2'" "C6'"  sing N N 322 
LKC "C6'" "H6'1" sing N N 323 
LKC "C6'" "H6'2" sing N N 324 
U   OP3   P      sing N N 325 
U   OP3   HOP3   sing N N 326 
U   P     OP1    doub N N 327 
U   P     OP2    sing N N 328 
U   P     "O5'"  sing N N 329 
U   OP2   HOP2   sing N N 330 
U   "O5'" "C5'"  sing N N 331 
U   "C5'" "C4'"  sing N N 332 
U   "C5'" "H5'"  sing N N 333 
U   "C5'" "H5''" sing N N 334 
U   "C4'" "O4'"  sing N N 335 
U   "C4'" "C3'"  sing N N 336 
U   "C4'" "H4'"  sing N N 337 
U   "O4'" "C1'"  sing N N 338 
U   "C3'" "O3'"  sing N N 339 
U   "C3'" "C2'"  sing N N 340 
U   "C3'" "H3'"  sing N N 341 
U   "O3'" "HO3'" sing N N 342 
U   "C2'" "O2'"  sing N N 343 
U   "C2'" "C1'"  sing N N 344 
U   "C2'" "H2'"  sing N N 345 
U   "O2'" "HO2'" sing N N 346 
U   "C1'" N1     sing N N 347 
U   "C1'" "H1'"  sing N N 348 
U   N1    C2     sing N N 349 
U   N1    C6     sing N N 350 
U   C2    O2     doub N N 351 
U   C2    N3     sing N N 352 
U   N3    C4     sing N N 353 
U   N3    H3     sing N N 354 
U   C4    O4     doub N N 355 
U   C4    C5     sing N N 356 
U   C5    C6     doub N N 357 
U   C5    H5     sing N N 358 
U   C6    H6     sing N N 359 
# 
_ndb_struct_conf_na.entry_id   9OL2 
_ndb_struct_conf_na.feature    'a-form double helix' 
# 
loop_
_ndb_struct_na_base_pair.model_number 
_ndb_struct_na_base_pair.i_label_asym_id 
_ndb_struct_na_base_pair.i_label_comp_id 
_ndb_struct_na_base_pair.i_label_seq_id 
_ndb_struct_na_base_pair.i_symmetry 
_ndb_struct_na_base_pair.j_label_asym_id 
_ndb_struct_na_base_pair.j_label_comp_id 
_ndb_struct_na_base_pair.j_label_seq_id 
_ndb_struct_na_base_pair.j_symmetry 
_ndb_struct_na_base_pair.shear 
_ndb_struct_na_base_pair.stretch 
_ndb_struct_na_base_pair.stagger 
_ndb_struct_na_base_pair.buckle 
_ndb_struct_na_base_pair.propeller 
_ndb_struct_na_base_pair.opening 
_ndb_struct_na_base_pair.pair_number 
_ndb_struct_na_base_pair.pair_name 
_ndb_struct_na_base_pair.i_auth_asym_id 
_ndb_struct_na_base_pair.i_auth_seq_id 
_ndb_struct_na_base_pair.i_PDB_ins_code 
_ndb_struct_na_base_pair.j_auth_asym_id 
_ndb_struct_na_base_pair.j_auth_seq_id 
_ndb_struct_na_base_pair.j_PDB_ins_code 
_ndb_struct_na_base_pair.hbond_type_28 
_ndb_struct_na_base_pair.hbond_type_12 
1 A LCG 4  1_555 B C   13 1_555 -0.181 -0.157 0.132  -1.999 -14.668 -0.810 1  A_LCG4:C13_B A 4  ? B 13 ? 19 1 
1 A A   5  1_555 B U   12 1_555 0.002  -0.132 0.017  1.501  -9.369  -5.089 2  A_A5:U12_B   A 5  ? B 12 ? 20 1 
1 A C   6  1_555 B G   11 1_555 0.204  -0.168 -0.049 8.615  -17.250 -0.853 3  A_C6:G11_B   A 6  ? B 11 ? 19 1 
1 A U   7  1_555 B A   10 1_555 0.017  -0.161 -0.036 2.249  -15.173 4.202  4  A_U7:A10_B   A 7  ? B 10 ? 20 1 
1 A U   8  1_555 B A   9  1_555 0.045  -0.115 -0.024 3.154  -9.238  1.980  5  A_U8:A9_B    A 8  ? B 9  ? 20 1 
1 A A   9  1_555 B U   8  1_555 0.009  -0.097 -0.048 -2.266 -9.287  0.930  6  A_A9:U8_B    A 9  ? B 8  ? 20 1 
1 A A   10 1_555 B U   7  1_555 -0.002 -0.168 0.022  -1.945 -14.658 3.976  7  A_A10:U7_B   A 10 ? B 7  ? 20 1 
1 A G   11 1_555 B C   6  1_555 -0.168 -0.160 0.001  -8.150 -16.734 -1.005 8  A_G11:C6_B   A 11 ? B 6  ? 19 1 
1 A U   12 1_555 B A   5  1_555 0.017  -0.128 0.111  -3.016 -8.537  -5.406 9  A_U12:A5_B   A 12 ? B 5  ? 20 1 
1 A C   13 1_555 B LCG 4  1_555 0.165  -0.159 0.097  2.958  -14.353 -0.343 10 A_C13:LCG4_B A 13 ? B 4  ? 19 1 
# 
loop_
_ndb_struct_na_base_pair_step.model_number 
_ndb_struct_na_base_pair_step.i_label_asym_id_1 
_ndb_struct_na_base_pair_step.i_label_comp_id_1 
_ndb_struct_na_base_pair_step.i_label_seq_id_1 
_ndb_struct_na_base_pair_step.i_symmetry_1 
_ndb_struct_na_base_pair_step.j_label_asym_id_1 
_ndb_struct_na_base_pair_step.j_label_comp_id_1 
_ndb_struct_na_base_pair_step.j_label_seq_id_1 
_ndb_struct_na_base_pair_step.j_symmetry_1 
_ndb_struct_na_base_pair_step.i_label_asym_id_2 
_ndb_struct_na_base_pair_step.i_label_comp_id_2 
_ndb_struct_na_base_pair_step.i_label_seq_id_2 
_ndb_struct_na_base_pair_step.i_symmetry_2 
_ndb_struct_na_base_pair_step.j_label_asym_id_2 
_ndb_struct_na_base_pair_step.j_label_comp_id_2 
_ndb_struct_na_base_pair_step.j_label_seq_id_2 
_ndb_struct_na_base_pair_step.j_symmetry_2 
_ndb_struct_na_base_pair_step.shift 
_ndb_struct_na_base_pair_step.slide 
_ndb_struct_na_base_pair_step.rise 
_ndb_struct_na_base_pair_step.tilt 
_ndb_struct_na_base_pair_step.roll 
_ndb_struct_na_base_pair_step.twist 
_ndb_struct_na_base_pair_step.x_displacement 
_ndb_struct_na_base_pair_step.y_displacement 
_ndb_struct_na_base_pair_step.helical_rise 
_ndb_struct_na_base_pair_step.inclination 
_ndb_struct_na_base_pair_step.tip 
_ndb_struct_na_base_pair_step.helical_twist 
_ndb_struct_na_base_pair_step.step_number 
_ndb_struct_na_base_pair_step.step_name 
_ndb_struct_na_base_pair_step.i_auth_asym_id_1 
_ndb_struct_na_base_pair_step.i_auth_seq_id_1 
_ndb_struct_na_base_pair_step.i_PDB_ins_code_1 
_ndb_struct_na_base_pair_step.j_auth_asym_id_1 
_ndb_struct_na_base_pair_step.j_auth_seq_id_1 
_ndb_struct_na_base_pair_step.j_PDB_ins_code_1 
_ndb_struct_na_base_pair_step.i_auth_asym_id_2 
_ndb_struct_na_base_pair_step.i_auth_seq_id_2 
_ndb_struct_na_base_pair_step.i_PDB_ins_code_2 
_ndb_struct_na_base_pair_step.j_auth_asym_id_2 
_ndb_struct_na_base_pair_step.j_auth_seq_id_2 
_ndb_struct_na_base_pair_step.j_PDB_ins_code_2 
1 A LCG 4  1_555 B C 13 1_555 A A 5  1_555 B U   12 1_555 -0.581 -1.146 3.202 -0.686 3.411  32.506 -2.604 0.919  3.080 6.072  
1.220  32.687 1 AA_LCG4A5:U12C13_BB A 4  ? B 13 ? A 5  ? B 12 ? 
1 A A   5  1_555 B U 12 1_555 A C 6  1_555 B G   11 1_555 0.575  -1.401 3.109 1.343  4.949  32.764 -3.224 -0.799 2.893 8.706  
-2.363 33.152 2 AA_A5C6:G11U12_BB   A 5  ? B 12 ? A 6  ? B 11 ? 
1 A C   6  1_555 B G 11 1_555 A U 7  1_555 B A   10 1_555 -0.198 -1.643 3.421 -2.264 12.059 29.011 -5.183 -0.039 2.560 22.826 
4.285  31.447 3 AA_C6U7:A10G11_BB   A 6  ? B 11 ? A 7  ? B 10 ? 
1 A U   7  1_555 B A 10 1_555 A U 8  1_555 B A   9  1_555 -0.420 -1.305 3.243 -2.459 9.353  31.151 -3.859 0.346  2.770 16.912 
4.446  32.583 4 AA_U7U8:A9A10_BB    A 7  ? B 10 ? A 8  ? B 9  ? 
1 A U   8  1_555 B A 9  1_555 A A 9  1_555 B U   8  1_555 -0.043 -1.329 3.334 0.106  16.653 31.929 -4.366 0.083  2.374 28.018 
-0.178 35.910 5 AA_U8A9:U8A9_BB     A 8  ? B 9  ? A 9  ? B 8  ? 
1 A A   9  1_555 B U 8  1_555 A A 10 1_555 B U   7  1_555 0.424  -1.325 3.235 1.686  9.547  30.829 -3.966 -0.484 2.732 17.426 
-3.078 32.283 6 AA_A9A10:U7U8_BB    A 9  ? B 8  ? A 10 ? B 7  ? 
1 A A   10 1_555 B U 7  1_555 A G 11 1_555 B C   6  1_555 0.181  -1.660 3.421 2.268  11.211 29.420 -5.059 0.071  2.634 21.098 
-4.268 31.519 7 AA_A10G11:C6U7_BB   A 10 ? B 7  ? A 11 ? B 6  ? 
1 A G   11 1_555 B C 6  1_555 A U 12 1_555 B A   5  1_555 -0.581 -1.425 3.157 -1.807 5.172  32.756 -3.307 0.734  2.931 9.092  
3.176  33.199 8 AA_G11U12:A5C6_BB   A 11 ? B 6  ? A 12 ? B 5  ? 
1 A U   12 1_555 B A 5  1_555 A C 13 1_555 B LCG 4  1_555 0.574  -1.176 3.125 1.372  2.843  32.128 -2.592 -0.803 3.034 5.122  
-2.471 32.279 9 AA_U12C13:LCG4A5_BB A 12 ? B 5  ? A 13 ? B 4  ? 
# 
loop_
_pdbx_audit_support.funding_organization 
_pdbx_audit_support.country 
_pdbx_audit_support.grant_number 
_pdbx_audit_support.ordinal 
'National Science Foundation (NSF, United States)' 'United States' 2104708 1 
'Howard Hughes Medical Institute (HHMI)'           'United States' ?       2 
# 
_pdbx_initial_refinement_model.id               1 
_pdbx_initial_refinement_model.entity_id_list   ? 
_pdbx_initial_refinement_model.type             'experimental model' 
_pdbx_initial_refinement_model.source_name      PDB 
_pdbx_initial_refinement_model.accession_code   6C8E 
_pdbx_initial_refinement_model.details          ? 
# 
_atom_sites.entry_id                    9OL2 
_atom_sites.Cartn_transf_matrix[1][1]   ? 
_atom_sites.Cartn_transf_matrix[1][2]   ? 
_atom_sites.Cartn_transf_matrix[1][3]   ? 
_atom_sites.Cartn_transf_matrix[2][1]   ? 
_atom_sites.Cartn_transf_matrix[2][2]   ? 
_atom_sites.Cartn_transf_matrix[2][3]   ? 
_atom_sites.Cartn_transf_matrix[3][1]   ? 
_atom_sites.Cartn_transf_matrix[3][2]   ? 
_atom_sites.Cartn_transf_matrix[3][3]   ? 
_atom_sites.Cartn_transf_vector[1]      ? 
_atom_sites.Cartn_transf_vector[2]      ? 
_atom_sites.Cartn_transf_vector[3]      ? 
_atom_sites.Cartn_transform_axes        ? 
_atom_sites.fract_transf_matrix[1][1]   -0.01935891 
_atom_sites.fract_transf_matrix[1][2]   -0.00421470 
_atom_sites.fract_transf_matrix[1][3]   0.01223242 
_atom_sites.fract_transf_matrix[2][1]   -0.00501719 
_atom_sites.fract_transf_matrix[2][2]   -0.02171577 
_atom_sites.fract_transf_matrix[2][3]   0.00673778 
_atom_sites.fract_transf_matrix[3][1]   0.00616640 
_atom_sites.fract_transf_matrix[3][2]   0.00179513 
_atom_sites.fract_transf_matrix[3][3]   0.01037741 
_atom_sites.fract_transf_vector[1]      -0.202103 
_atom_sites.fract_transf_vector[2]      0.204749 
_atom_sites.fract_transf_vector[3]      0.249119 
_atom_sites.solution_primary            ? 
_atom_sites.solution_secondary          ? 
_atom_sites.solution_hydrogens          ? 
_atom_sites.special_details             ? 
# 
loop_
_atom_type.symbol 
_atom_type.pdbx_scat_Z 
_atom_type.pdbx_N_electrons 
_atom_type.scat_Cromer_Mann_a1 
_atom_type.scat_Cromer_Mann_b1 
_atom_type.scat_Cromer_Mann_a2 
_atom_type.scat_Cromer_Mann_b2 
_atom_type.scat_Cromer_Mann_a3 
_atom_type.scat_Cromer_Mann_b3 
_atom_type.scat_Cromer_Mann_a4 
_atom_type.scat_Cromer_Mann_b4 
_atom_type.scat_Cromer_Mann_c 
C  6  6  2.3103  20.8439 1.0201 10.2075 1.5888 0.5687  0.8651 51.6512 0.2156   
H  1  1  0.4930  10.5109 0.3229 26.1257 0.1402 3.1424  0.0408 57.7997 0.0030   
MG 12 12 5.4265  2.8275  2.1759 79.2611 1.2283 0.3808  2.3099 7.1937  0.9382   
N  7  7  12.2220 0.0057  3.1346 9.8933  2.0141 28.9975 1.1672 0.5826  -11.5379 
O  8  8  3.0487  13.2771 2.2870 5.7011  1.5464 0.3239  0.8671 32.9089 0.2508   
P  15 15 6.4348  1.9067  4.1793 27.1570 1.7801 0.5260  1.4909 68.1645 1.2732   
# 
loop_
_atom_site.group_PDB 
_atom_site.id 
_atom_site.type_symbol 
_atom_site.label_atom_id 
_atom_site.label_alt_id 
_atom_site.label_comp_id 
_atom_site.label_asym_id 
_atom_site.label_entity_id 
_atom_site.label_seq_id 
_atom_site.pdbx_PDB_ins_code 
_atom_site.Cartn_x 
_atom_site.Cartn_y 
_atom_site.Cartn_z 
_atom_site.occupancy 
_atom_site.B_iso_or_equiv 
_atom_site.pdbx_formal_charge 
_atom_site.auth_seq_id 
_atom_site.auth_comp_id 
_atom_site.auth_asym_id 
_atom_site.auth_atom_id 
_atom_site.pdbx_PDB_model_num 
_atom_site.calc_flag 
HETATM 1   N  N1    . LKC A 1 1  ? -16.601 -8.127  -10.500 1.000 17.915 0 1   LKC A N1    1 ? 
HETATM 2   C  C2    . LKC A 1 1  ? -15.621 -8.214  -11.402 1.000 16.664 0 1   LKC A C2    1 ? 
HETATM 3   N  N3    . LKC A 1 1  ? -15.140 -7.160  -12.056 1.000 17.909 0 1   LKC A N3    1 ? 
HETATM 4   C  C4    . LKC A 1 1  ? -15.706 -5.949  -11.812 1.000 19.708 0 1   LKC A C4    1 ? 
HETATM 5   C  C5    . LKC A 1 1  ? -16.734 -5.763  -10.873 1.000 21.068 0 1   LKC A C5    1 ? 
HETATM 6   C  C6    . LKC A 1 1  ? -17.200 -6.857  -10.241 1.000 19.652 0 1   LKC A C6    1 ? 
HETATM 7   O  O2    . LKC A 1 1  ? -15.102 -9.336  -11.614 1.000 17.031 0 1   LKC A O2    1 ? 
HETATM 8   N  N4    . LKC A 1 1  ? -15.209 -4.918  -12.476 1.000 24.055 0 1   LKC A N4    1 ? 
HETATM 9   C  "C1'" . LKC A 1 1  ? -17.083 -9.292  -9.897  1.000 18.836 0 1   LKC A "C1'" 1 ? 
HETATM 10  C  "C2'" . LKC A 1 1  ? -16.244 -9.825  -8.736  1.000 19.034 0 1   LKC A "C2'" 1 ? 
HETATM 11  C  "C3'" . LKC A 1 1  ? -16.780 -8.987  -7.615  1.000 22.486 0 1   LKC A "C3'" 1 ? 
HETATM 12  C  "C4'" . LKC A 1 1  ? -18.160 -9.567  -7.845  1.000 23.053 0 1   LKC A "C4'" 1 ? 
HETATM 13  O  "O4'" . LKC A 1 1  ? -18.320 -9.026  -9.188  1.000 19.584 0 1   LKC A "O4'" 1 ? 
HETATM 14  O  "O3'" . LKC A 1 1  ? -16.240 -9.451  -6.392  1.000 22.171 0 1   LKC A "O3'" 1 ? 
HETATM 15  C  "C5'" . LKC A 1 1  ? -19.273 -9.140  -6.854  1.000 26.006 0 1   LKC A "C5'" 1 ? 
HETATM 16  O  "O5'" . LKC A 1 1  ? -19.285 -7.741  -6.996  1.000 27.339 0 1   LKC A "O5'" 1 ? 
HETATM 17  C  C5A   . LKC A 1 1  ? -17.371 -4.530  -10.551 1.000 25.707 0 1   LKC A C5A   1 ? 
HETATM 18  O  "O2'" . LKC A 1 1  ? -16.648 -11.203 -8.426  1.000 19.316 0 1   LKC A "O2'" 1 ? 
HETATM 19  C  "C6'" . LKC A 1 1  ? -17.999 -11.087 -7.757  1.000 23.630 0 1   LKC A "C6'" 1 ? 
HETATM 20  O  "O5'" . LCC A 1 2  ? -13.832 -9.601  -6.625  1.000 17.326 0 2   LCC A "O5'" 1 ? 
HETATM 21  C  "C5'" . LCC A 1 2  ? -13.615 -10.964 -6.501  1.000 15.301 0 2   LCC A "C5'" 1 ? 
HETATM 22  C  "C4'" . LCC A 1 2  ? -12.508 -11.285 -7.570  1.000 15.463 0 2   LCC A "C4'" 1 ? 
HETATM 23  O  "O4'" . LCC A 1 2  ? -12.898 -10.929 -8.914  1.000 14.282 0 2   LCC A "O4'" 1 ? 
HETATM 24  C  "C1'" . LCC A 1 2  ? -11.694 -10.699 -9.653  1.000 13.491 0 2   LCC A "C1'" 1 ? 
HETATM 25  N  N1    . LCC A 1 2  ? -11.575 -9.295  -10.115 1.000 14.085 0 2   LCC A N1    1 ? 
HETATM 26  C  C6    . LCC A 1 2  ? -12.423 -8.258  -9.623  1.000 14.888 0 2   LCC A C6    1 ? 
HETATM 27  C  C5    . LCC A 1 2  ? -12.236 -6.985  -10.127 1.000 15.491 0 2   LCC A C5    1 ? 
HETATM 28  C  C5M   . LCC A 1 2  ? -13.054 -5.931  -9.671  1.000 20.685 0 2   LCC A C5M   1 ? 
HETATM 29  C  C4    . LCC A 1 2  ? -11.222 -6.803  -11.114 1.000 15.445 0 2   LCC A C4    1 ? 
HETATM 30  N  N4    . LCC A 1 2  ? -11.114 -5.562  -11.603 1.000 17.626 0 2   LCC A N4    1 ? 
HETATM 31  N  N3    . LCC A 1 2  ? -10.407 -7.803  -11.568 1.000 14.103 0 2   LCC A N3    1 ? 
HETATM 32  C  C2    . LCC A 1 2  ? -10.585 -9.042  -11.066 1.000 12.775 0 2   LCC A C2    1 ? 
HETATM 33  O  O2    . LCC A 1 2  ? -9.846  -9.923  -11.455 1.000 15.090 0 2   LCC A O2    1 ? 
HETATM 34  C  "C3'" . LCC A 1 2  ? -11.232 -10.501 -7.392  1.000 15.437 0 2   LCC A "C3'" 1 ? 
HETATM 35  C  "C2'" . LCC A 1 2  ? -10.642 -11.119 -8.596  1.000 14.253 0 2   LCC A "C2'" 1 ? 
HETATM 36  O  "O2'" . LCC A 1 2  ? -10.739 -12.515 -8.406  1.000 15.137 0 2   LCC A "O2'" 1 ? 
HETATM 37  O  "O3'" . LCC A 1 2  ? -10.502 -10.890 -6.216  1.000 16.997 0 2   LCC A "O3'" 1 ? 
HETATM 38  C  "C6'" . LCC A 1 2  ? -12.000 -12.722 -7.596  1.000 15.550 0 2   LCC A "C6'" 1 ? 
HETATM 39  P  P     . LCC A 1 2  ? -14.850 -8.915  -5.624  1.000 20.939 0 2   LCC A P     1 ? 
HETATM 40  O  O1P   . LCC A 1 2  ? -15.030 -9.607  -4.396  1.000 25.238 0 2   LCC A O1P   1 ? 
HETATM 41  O  O2P   . LCC A 1 2  ? -14.790 -7.541  -5.883  1.000 20.153 0 2   LCC A O2P   1 ? 
HETATM 42  O  "O5'" . LCC A 1 3  ? -8.205  -10.200 -6.497  1.000 13.030 0 3   LCC A "O5'" 1 ? 
HETATM 43  C  "C5'" . LCC A 1 3  ? -7.552  -11.510 -6.583  1.000 13.743 0 3   LCC A "C5'" 1 ? 
HETATM 44  C  "C4'" . LCC A 1 3  ? -6.543  -11.332 -7.732  1.000 11.972 0 3   LCC A "C4'" 1 ? 
HETATM 45  O  "O4'" . LCC A 1 3  ? -7.103  -10.822 -8.991  1.000 13.004 0 3   LCC A "O4'" 1 ? 
HETATM 46  C  "C1'" . LCC A 1 3  ? -5.988  -10.225 -9.728  1.000 12.054 0 3   LCC A "C1'" 1 ? 
HETATM 47  N  N1    . LCC A 1 3  ? -6.348  -8.804  -9.940  1.000 11.580 0 3   LCC A N1    1 ? 
HETATM 48  C  C6    . LCC A 1 3  ? -7.389  -8.173  -9.229  1.000 11.727 0 3   LCC A C6    1 ? 
HETATM 49  C  C5    . LCC A 1 3  ? -7.764  -6.878  -9.489  1.000 10.206 0 3   LCC A C5    1 ? 
HETATM 50  C  C5M   . LCC A 1 3  ? -8.859  -6.296  -8.765  1.000 11.316 0 3   LCC A C5M   1 ? 
HETATM 51  C  C4    . LCC A 1 3  ? -7.019  -6.210  -10.514 1.000 10.579 0 3   LCC A C4    1 ? 
HETATM 52  N  N4    . LCC A 1 3  ? -7.310  -4.959  -10.802 1.000 13.054 0 3   LCC A N4    1 ? 
HETATM 53  N  N3    . LCC A 1 3  ? -5.985  -6.832  -11.097 1.000 12.080 0 3   LCC A N3    1 ? 
HETATM 54  C  C2    . LCC A 1 3  ? -5.617  -8.106  -10.835 1.000 11.571 0 3   LCC A C2    1 ? 
HETATM 55  O  O2    . LCC A 1 3  ? -4.658  -8.603  -11.399 1.000 13.011 0 3   LCC A O2    1 ? 
HETATM 56  C  "C3'" . LCC A 1 3  ? -5.508  -10.242 -7.476  1.000 11.954 0 3   LCC A "C3'" 1 ? 
HETATM 57  C  "C2'" . LCC A 1 3  ? -4.857  -10.510 -8.805  1.000 12.021 0 3   LCC A "C2'" 1 ? 
HETATM 58  O  "O2'" . LCC A 1 3  ? -4.597  -11.953 -8.852  1.000 13.708 0 3   LCC A "O2'" 1 ? 
HETATM 59  O  "O3'" . LCC A 1 3  ? -4.696  -10.671 -6.412  1.000 12.929 0 3   LCC A "O3'" 1 ? 
HETATM 60  C  "C6'" . LCC A 1 3  ? -5.668  -12.591 -8.044  1.000 12.994 0 3   LCC A "C6'" 1 ? 
HETATM 61  P  P     . LCC A 1 3  ? -9.408  -9.914  -5.539  1.000 16.507 0 3   LCC A P     1 ? 
HETATM 62  O  O1P   . LCC A 1 3  ? -9.145  -10.483 -4.255  1.000 19.529 0 3   LCC A O1P   1 ? 
HETATM 63  O  O2P   . LCC A 1 3  ? -9.768  -8.553  -5.644  1.000 15.981 0 3   LCC A O2P   1 ? 
HETATM 64  P  P     . LCG A 1 4  ? -3.928  -9.625  -5.419  1.000 12.422 0 4   LCG A P     1 ? 
HETATM 65  O  OP1   . LCG A 1 4  ? -3.330  -10.488 -4.325  1.000 12.673 0 4   LCG A OP1   1 ? 
HETATM 66  O  "O5'" . LCG A 1 4  ? -2.828  -8.980  -6.325  1.000 10.917 0 4   LCG A "O5'" 1 ? 
HETATM 67  C  "C5'" . LCG A 1 4  ? -1.780  -9.842  -6.810  1.000 10.730 0 4   LCG A "C5'" 1 ? 
HETATM 68  C  "C3'" . LCG A 1 4  ? -0.465  -7.600  -7.336  1.000 12.199 0 4   LCG A "C3'" 1 ? 
HETATM 69  C  "C6'" . LCG A 1 4  ? 0.380   -9.552  -8.408  1.000 12.301 0 4   LCG A "C6'" 1 ? 
HETATM 70  N  N9    . LCG A 1 4  ? -2.147  -6.313  -9.407  1.000 12.076 0 4   LCG A N9    1 ? 
HETATM 71  C  C8    . LCG A 1 4  ? -3.338  -6.316  -8.743  1.000 12.332 0 4   LCG A C8    1 ? 
HETATM 72  C  C4    . LCG A 1 4  ? -2.111  -5.183  -10.101 1.000 13.105 0 4   LCG A C4    1 ? 
HETATM 73  N  N7    . LCG A 1 4  ? -4.017  -5.178  -8.972  1.000 12.854 0 4   LCG A N7    1 ? 
HETATM 74  C  C5    . LCG A 1 4  ? -3.262  -4.473  -9.837  1.000 11.459 0 4   LCG A C5    1 ? 
HETATM 75  C  C6    . LCG A 1 4  ? -3.465  -3.262  -10.446 1.000 11.700 0 4   LCG A C6    1 ? 
HETATM 76  C  "C2'" . LCG A 1 4  ? 0.114   -7.215  -8.618  1.000 11.213 0 4   LCG A "C2'" 1 ? 
HETATM 77  O  O6    . LCG A 1 4  ? -4.497  -2.547  -10.310 1.000 13.675 0 4   LCG A O6    1 ? 
HETATM 78  C  "C4'" . LCG A 1 4  ? -0.894  -8.971  -7.825  1.000 10.717 0 4   LCG A "C4'" 1 ? 
HETATM 79  C  "C1'" . LCG A 1 4  ? -1.088  -7.340  -9.505  1.000 11.847 0 4   LCG A "C1'" 1 ? 
HETATM 80  C  C2    . LCG A 1 4  ? -1.325  -3.520  -11.504 1.000 12.150 0 4   LCG A C2    1 ? 
HETATM 81  N  N1    . LCG A 1 4  ? -2.464  -2.781  -11.308 1.000 12.018 0 4   LCG A N1    1 ? 
HETATM 82  O  "O4'" . LCG A 1 4  ? -1.730  -8.528  -8.975  1.000 11.413 0 4   LCG A "O4'" 1 ? 
HETATM 83  O  OP2   . LCG A 1 4  ? -4.813  -8.488  -5.083  1.000 14.629 0 4   LCG A OP2   1 ? 
HETATM 84  N  N2    . LCG A 1 4  ? -0.359  -3.034  -12.308 1.000 12.329 0 4   LCG A N2    1 ? 
HETATM 85  N  N3    . LCG A 1 4  ? -1.142  -4.744  -10.935 1.000 12.321 0 4   LCG A N3    1 ? 
HETATM 86  O  "O2'" . LCG A 1 4  ? 0.964   -8.308  -8.981  1.000 12.377 0 4   LCG A "O2'" 1 ? 
HETATM 87  O  "O3'" . LCG A 1 4  ? 0.551   -7.813  -6.288  1.000 12.180 0 4   LCG A "O3'" 1 ? 
ATOM   88  P  P     . A   A 1 5  ? 0.828   -6.737  -5.160  1.000 13.542 0 5   A   A P     1 ? 
ATOM   89  O  OP1   . A   A 1 5  ? 1.608   -7.466  -4.088  1.000 14.608 0 5   A   A OP1   1 ? 
ATOM   90  O  OP2   . A   A 1 5  ? -0.387  -5.996  -4.769  1.000 13.867 0 5   A   A OP2   1 ? 
ATOM   91  O  "O5'" . A   A 1 5  ? 1.785   -5.661  -5.892  1.000 12.368 0 5   A   A "O5'" 1 ? 
ATOM   92  C  "C5'" . A   A 1 5  ? 3.022   -6.055  -6.504  1.000 12.052 0 5   A   A "C5'" 1 ? 
ATOM   93  C  "C4'" . A   A 1 5  ? 3.495   -4.920  -7.381  1.000 11.587 0 5   A   A "C4'" 1 ? 
ATOM   94  O  "O4'" . A   A 1 5  ? 2.621   -4.779  -8.541  1.000 10.915 0 5   A   A "O4'" 1 ? 
ATOM   95  C  "C3'" . A   A 1 5  ? 3.530   -3.537  -6.764  1.000 11.698 0 5   A   A "C3'" 1 ? 
ATOM   96  O  "O3'" . A   A 1 5  ? 4.662   -3.341  -5.926  1.000 11.319 0 5   A   A "O3'" 1 ? 
ATOM   97  C  "C2'" . A   A 1 5  ? 3.568   -2.702  -8.035  1.000 10.656 0 5   A   A "C2'" 1 ? 
ATOM   98  O  "O2'" . A   A 1 5  ? 4.837   -2.820  -8.613  1.000 11.025 0 5   A   A "O2'" 1 ? 
ATOM   99  C  "C1'" . A   A 1 5  ? 2.478   -3.404  -8.858  1.000 11.429 0 5   A   A "C1'" 1 ? 
ATOM   100 N  N9    . A   A 1 5  ? 1.131   -2.932  -8.538  1.000 11.185 0 5   A   A N9    1 ? 
ATOM   101 C  C8    . A   A 1 5  ? 0.215   -3.552  -7.741  1.000 12.651 0 5   A   A C8    1 ? 
ATOM   102 N  N7    . A   A 1 5  ? -0.943  -2.943  -7.656  1.000 11.709 0 5   A   A N7    1 ? 
ATOM   103 C  C5    . A   A 1 5  ? -0.759  -1.819  -8.439  1.000 12.194 0 5   A   A C5    1 ? 
ATOM   104 C  C6    . A   A 1 5  ? -1.623  -0.756  -8.776  1.000 13.364 0 5   A   A C6    1 ? 
ATOM   105 N  N6    . A   A 1 5  ? -2.842  -0.647  -8.269  1.000 14.273 0 5   A   A N6    1 ? 
ATOM   106 N  N1    . A   A 1 5  ? -1.126  0.184   -9.635  1.000 12.750 0 5   A   A N1    1 ? 
ATOM   107 C  C2    . A   A 1 5  ? 0.118   0.087   -10.091 1.000 13.986 0 5   A   A C2    1 ? 
ATOM   108 N  N3    . A   A 1 5  ? 1.001   -0.880  -9.850  1.000 12.836 0 5   A   A N3    1 ? 
ATOM   109 C  C4    . A   A 1 5  ? 0.493   -1.812  -9.016  1.000 12.281 0 5   A   A C4    1 ? 
ATOM   110 P  P     . C   A 1 6  ? 4.653   -2.344  -4.676  1.000 12.285 0 6   C   A P     1 ? 
ATOM   111 O  OP1   . C   A 1 6  ? 5.910   -2.666  -3.896  1.000 12.514 0 6   C   A OP1   1 ? 
ATOM   112 O  OP2   . C   A 1 6  ? 3.329   -2.339  -3.987  1.000 13.922 0 6   C   A OP2   1 ? 
ATOM   113 O  "O5'" . C   A 1 6  ? 4.658   -0.890  -5.307  1.000 11.076 0 6   C   A "O5'" 1 ? 
ATOM   114 C  "C5'" . C   A 1 6  ? 5.739   -0.444  -6.191  1.000 11.722 0 6   C   A "C5'" 1 ? 
ATOM   115 C  "C4'" . C   A 1 6  ? 5.263   0.793   -6.909  1.000 12.745 0 6   C   A "C4'" 1 ? 
ATOM   116 O  "O4'" . C   A 1 6  ? 4.056   0.479   -7.681  1.000 12.282 0 6   C   A "O4'" 1 ? 
ATOM   117 C  "C3'" . C   A 1 6  ? 4.791   1.958   -6.043  1.000 13.871 0 6   C   A "C3'" 1 ? 
ATOM   118 O  "O3'" . C   A 1 6  ? 5.917   2.685   -5.588  1.000 14.267 0 6   C   A "O3'" 1 ? 
ATOM   119 C  "C2'" . C   A 1 6  ? 3.919   2.739   -7.014  1.000 13.739 0 6   C   A "C2'" 1 ? 
ATOM   120 O  "O2'" . C   A 1 6  ? 4.737   3.422   -7.950  1.000 14.902 0 6   C   A "O2'" 1 ? 
ATOM   121 C  "C1'" . C   A 1 6  ? 3.178   1.587   -7.690  1.000 13.864 0 6   C   A "C1'" 1 ? 
ATOM   122 N  N1    . C   A 1 6  ? 1.913   1.220   -6.999  1.000 13.241 0 6   C   A N1    1 ? 
ATOM   123 C  C2    . C   A 1 6  ? 0.781   1.989   -7.276  1.000 12.377 0 6   C   A C2    1 ? 
ATOM   124 O  O2    . C   A 1 6  ? 0.929   2.989   -8.012  1.000 15.793 0 6   C   A O2    1 ? 
ATOM   125 N  N3    . C   A 1 6  ? -0.379  1.640   -6.704  1.000 12.606 0 6   C   A N3    1 ? 
ATOM   126 C  C4    . C   A 1 6  ? -0.509  0.589   -5.898  1.000 13.255 0 6   C   A C4    1 ? 
ATOM   127 N  N4    . C   A 1 6  ? -1.681  0.300   -5.360  1.000 14.039 0 6   C   A N4    1 ? 
ATOM   128 C  C5    . C   A 1 6  ? 0.634   -0.171  -5.558  1.000 12.748 0 6   C   A C5    1 ? 
ATOM   129 C  C6    . C   A 1 6  ? 1.788   0.141   -6.163  1.000 12.855 0 6   C   A C6    1 ? 
ATOM   130 P  P     . U   A 1 7  ? 5.888   3.468   -4.208  1.000 16.063 0 7   U   A P     1 ? 
ATOM   131 O  OP1   . U   A 1 7  ? 7.265   4.028   -4.063  1.000 18.345 0 7   U   A OP1   1 ? 
ATOM   132 O  OP2   . U   A 1 7  ? 5.221   2.744   -3.130  1.000 14.865 0 7   U   A OP2   1 ? 
ATOM   133 O  "O5'" . U   A 1 7  ? 4.856   4.680   -4.499  1.000 15.736 0 7   U   A "O5'" 1 ? 
ATOM   134 C  "C5'" . U   A 1 7  ? 5.219   5.683   -5.464  1.000 16.728 0 7   U   A "C5'" 1 ? 
ATOM   135 C  "C4'" . U   A 1 7  ? 4.072   6.660   -5.573  1.000 17.870 0 7   U   A "C4'" 1 ? 
ATOM   136 O  "O4'" . U   A 1 7  ? 2.930   5.959   -6.119  1.000 15.976 0 7   U   A "O4'" 1 ? 
ATOM   137 C  "C3'" . U   A 1 7  ? 3.528   7.239   -4.265  1.000 18.092 0 7   U   A "C3'" 1 ? 
ATOM   138 O  "O3'" . U   A 1 7  ? 4.376   8.280   -3.797  1.000 18.225 0 7   U   A "O3'" 1 ? 
ATOM   139 C  "C2'" . U   A 1 7  ? 2.160   7.726   -4.740  1.000 16.999 0 7   U   A "C2'" 1 ? 
ATOM   140 O  "O2'" . U   A 1 7  ? 2.351   8.866   -5.560  1.000 20.338 0 7   U   A "O2'" 1 ? 
ATOM   141 C  "C1'" . U   A 1 7  ? 1.742   6.535   -5.598  1.000 16.222 0 7   U   A "C1'" 1 ? 
ATOM   142 N  N1    . U   A 1 7  ? 0.988   5.482   -4.887  1.000 15.203 0 7   U   A N1    1 ? 
ATOM   143 C  C2    . U   A 1 7  ? -0.374  5.672   -4.702  1.000 16.249 0 7   U   A C2    1 ? 
ATOM   144 O  O2    . U   A 1 7  ? -0.940  6.714   -4.992  1.000 18.720 0 7   U   A O2    1 ? 
ATOM   145 N  N3    . U   A 1 7  ? -1.049  4.630   -4.132  1.000 15.054 0 7   U   A N3    1 ? 
ATOM   146 C  C4    . U   A 1 7  ? -0.560  3.404   -3.723  1.000 13.042 0 7   U   A C4    1 ? 
ATOM   147 O  O4    . U   A 1 7  ? -1.320  2.591   -3.241  1.000 14.540 0 7   U   A O4    1 ? 
ATOM   148 C  C5    . U   A 1 7  ? 0.854   3.269   -3.919  1.000 13.521 0 7   U   A C5    1 ? 
ATOM   149 C  C6    . U   A 1 7  ? 1.553   4.277   -4.480  1.000 15.296 0 7   U   A C6    1 ? 
ATOM   150 P  P     . U   A 1 8  ? 4.529   8.496   -2.238  1.000 20.495 0 8   U   A P     1 ? 
ATOM   151 O  OP1   . U   A 1 8  ? 5.713   9.379   -2.054  1.000 22.991 0 8   U   A OP1   1 ? 
ATOM   152 O  OP2   . U   A 1 8  ? 4.411   7.283   -1.395  1.000 19.680 0 8   U   A OP2   1 ? 
ATOM   153 O  "O5'" . U   A 1 8  ? 3.158   9.172   -1.810  1.000 21.407 0 8   U   A "O5'" 1 ? 
ATOM   154 C  "C5'" . U   A 1 8  ? 2.831   10.465  -2.403  1.000 24.913 0 8   U   A "C5'" 1 ? 
ATOM   155 C  "C4'" . U   A 1 8  ? 1.426   10.818  -2.011  1.000 23.177 0 8   U   A "C4'" 1 ? 
ATOM   156 O  "O4'" . U   A 1 8  ? 0.484   9.921   -2.653  1.000 22.047 0 8   U   A "O4'" 1 ? 
ATOM   157 C  "C3'" . U   A 1 8  ? 1.073   10.685  -0.523  1.000 23.341 0 8   U   A "C3'" 1 ? 
ATOM   158 O  "O3'" . U   A 1 8  ? 1.499   11.779  0.278   1.000 24.350 0 8   U   A "O3'" 1 ? 
ATOM   159 C  "C2'" . U   A 1 8  ? -0.445  10.662  -0.603  1.000 22.045 0 8   U   A "C2'" 1 ? 
ATOM   160 O  "O2'" . U   A 1 8  ? -1.003  11.930  -0.933  1.000 24.474 0 8   U   A "O2'" 1 ? 
ATOM   161 C  "C1'" . U   A 1 8  ? -0.628  9.745   -1.806  1.000 22.119 0 8   U   A "C1'" 1 ? 
ATOM   162 N  N1    . U   A 1 8  ? -0.737  8.310   -1.455  1.000 20.015 0 8   U   A N1    1 ? 
ATOM   163 C  C2    . U   A 1 8  ? -1.991  7.856   -1.101  1.000 21.283 0 8   U   A C2    1 ? 
ATOM   164 O  O2    . U   A 1 8  ? -2.983  8.579   -1.002  1.000 21.291 0 8   U   A O2    1 ? 
ATOM   165 N  N3    . U   A 1 8  ? -2.067  6.523   -0.840  1.000 17.038 0 8   U   A N3    1 ? 
ATOM   166 C  C4    . U   A 1 8  ? -1.037  5.595   -0.941  1.000 16.622 0 8   U   A C4    1 ? 
ATOM   167 O  O4    . U   A 1 8  ? -1.286  4.414   -0.651  1.000 16.172 0 8   U   A O4    1 ? 
ATOM   168 C  C5    . U   A 1 8  ? 0.238   6.162   -1.266  1.000 17.459 0 8   U   A C5    1 ? 
ATOM   169 C  C6    . U   A 1 8  ? 0.352   7.472   -1.534  1.000 20.200 0 8   U   A C6    1 ? 
ATOM   170 P  P     . A   A 1 9  ? 1.971   11.561  1.786   1.000 24.247 0 9   A   A P     1 ? 
ATOM   171 O  OP1   . A   A 1 9  ? 2.572   12.881  2.172   1.000 29.235 0 9   A   A OP1   1 ? 
ATOM   172 O  OP2   . A   A 1 9  ? 2.778   10.314  2.003   1.000 26.865 0 9   A   A OP2   1 ? 
ATOM   173 O  "O5'" . A   A 1 9  ? 0.626   11.330  2.585   1.000 22.959 0 9   A   A "O5'" 1 ? 
ATOM   174 C  "C5'" . A   A 1 9  ? -0.337  12.424  2.612   1.000 26.467 0 9   A   A "C5'" 1 ? 
ATOM   175 C  "C4'" . A   A 1 9  ? -1.592  11.970  3.291   1.000 23.864 0 9   A   A "C4'" 1 ? 
ATOM   176 O  "O4'" . A   A 1 9  ? -2.317  11.066  2.424   1.000 23.236 0 9   A   A "O4'" 1 ? 
ATOM   177 C  "C3'" . A   A 1 9  ? -1.446  11.168  4.584   1.000 24.743 0 9   A   A "C3'" 1 ? 
ATOM   178 O  "O3'" . A   A 1 9  ? -1.215  11.968  5.727   1.000 26.592 0 9   A   A "O3'" 1 ? 
ATOM   179 C  "C2'" . A   A 1 9  ? -2.834  10.556  4.669   1.000 24.575 0 9   A   A "C2'" 1 ? 
ATOM   180 O  "O2'" . A   A 1 9  ? -3.790  11.532  5.035   1.000 26.909 0 9   A   A "O2'" 1 ? 
ATOM   181 C  "C1'" . A   A 1 9  ? -2.992  10.122  3.218   1.000 23.431 0 9   A   A "C1'" 1 ? 
ATOM   182 N  N9    . A   A 1 9  ? -2.428  8.801   2.945   1.000 20.077 0 9   A   A N9    1 ? 
ATOM   183 C  C8    . A   A 1 9  ? -1.215  8.453   2.406   1.000 20.800 0 9   A   A C8    1 ? 
ATOM   184 N  N7    . A   A 1 9  ? -1.072  7.155   2.270   1.000 19.536 0 9   A   A N7    1 ? 
ATOM   185 C  C5    . A   A 1 9  ? -2.265  6.632   2.743   1.000 17.644 0 9   A   A C5    1 ? 
ATOM   186 C  C6    . A   A 1 9  ? -2.752  5.323   2.871   1.000 17.500 0 9   A   A C6    1 ? 
ATOM   187 N  N6    . A   A 1 9  ? -2.038  4.266   2.481   1.000 16.217 0 9   A   A N6    1 ? 
ATOM   188 N  N1    . A   A 1 9  ? -3.974  5.102   3.395   1.000 19.412 0 9   A   A N1    1 ? 
ATOM   189 C  C2    . A   A 1 9  ? -4.690  6.187   3.763   1.000 20.372 0 9   A   A C2    1 ? 
ATOM   190 N  N3    . A   A 1 9  ? -4.341  7.470   3.670   1.000 20.044 0 9   A   A N3    1 ? 
ATOM   191 C  C4    . A   A 1 9  ? -3.110  7.639   3.161   1.000 19.558 0 9   A   A C4    1 ? 
ATOM   192 P  P     . A   A 1 10 ? -0.291  11.452  6.930   1.000 27.387 0 10  A   A P     1 ? 
ATOM   193 O  OP1   . A   A 1 10 ? -0.088  12.613  7.849   1.000 31.916 0 10  A   A OP1   1 ? 
ATOM   194 O  OP2   . A   A 1 10 ? 0.927   10.729  6.471   1.000 28.690 0 10  A   A OP2   1 ? 
ATOM   195 O  "O5'" . A   A 1 10 ? -1.260  10.462  7.693   1.000 25.457 0 10  A   A "O5'" 1 ? 
ATOM   196 C  "C5'" . A   A 1 10 ? -2.485  10.932  8.294   1.000 24.895 0 10  A   A "C5'" 1 ? 
ATOM   197 C  "C4'" . A   A 1 10 ? -3.344  9.751   8.647   1.000 25.758 0 10  A   A "C4'" 1 ? 
ATOM   198 O  "O4'" . A   A 1 10 ? -3.720  9.012   7.454   1.000 25.724 0 10  A   A "O4'" 1 ? 
ATOM   199 C  "C3'" . A   A 1 10 ? -2.715  8.666   9.514   1.000 25.371 0 10  A   A "C3'" 1 ? 
ATOM   200 O  "O3'" . A   A 1 10 ? -2.585  9.078   10.863  1.000 25.481 0 10  A   A "O3'" 1 ? 
ATOM   201 C  "C2'" . A   A 1 10 ? -3.744  7.565   9.314   1.000 24.528 0 10  A   A "C2'" 1 ? 
ATOM   202 O  "O2'" . A   A 1 10 ? -4.948  7.743   10.020  1.000 29.790 0 10  A   A "O2'" 1 ? 
ATOM   203 C  "C1'" . A   A 1 10 ? -3.936  7.662   7.801   1.000 23.102 0 10  A   A "C1'" 1 ? 
ATOM   204 N  N9    . A   A 1 10 ? -2.967  6.843   7.075   1.000 21.514 0 10  A   A N9    1 ? 
ATOM   205 C  C8    . A   A 1 10 ? -1.766  7.240   6.552   1.000 22.123 0 10  A   A C8    1 ? 
ATOM   206 N  N7    . A   A 1 10 ? -1.083  6.263   5.986   1.000 20.251 0 10  A   A N7    1 ? 
ATOM   207 C  C5    . A   A 1 10 ? -1.887  5.153   6.169   1.000 17.700 0 10  A   A C5    1 ? 
ATOM   208 C  C6    . A   A 1 10 ? -1.718  3.787   5.849   1.000 17.453 0 10  A   A C6    1 ? 
ATOM   209 N  N6    . A   A 1 10 ? -0.653  3.322   5.200   1.000 16.294 0 10  A   A N6    1 ? 
ATOM   210 N  N1    . A   A 1 10 ? -2.687  2.919   6.190   1.000 17.262 0 10  A   A N1    1 ? 
ATOM   211 C  C2    . A   A 1 10 ? -3.763  3.396   6.846   1.000 18.174 0 10  A   A C2    1 ? 
ATOM   212 N  N3    . A   A 1 10 ? -4.022  4.647   7.219   1.000 20.068 0 10  A   A N3    1 ? 
ATOM   213 C  C4    . A   A 1 10 ? -3.030  5.483   6.879   1.000 19.098 0 10  A   A C4    1 ? 
ATOM   214 P  P     . G   A 1 11 ? -1.350  8.584   11.756  1.000 27.830 0 11  G   A P     1 ? 
ATOM   215 O  OP1   . G   A 1 11 ? -1.550  9.241   13.080  1.000 36.449 0 11  G   A OP1   1 ? 
ATOM   216 O  OP2   . G   A 1 11 ? -0.006  8.600   11.117  1.000 29.034 0 11  G   A OP2   1 ? 
ATOM   217 O  "O5'" . G   A 1 11 ? -1.802  7.089   12.072  1.000 24.657 0 11  G   A "O5'" 1 ? 
ATOM   218 C  "C5'" . G   A 1 11 ? -3.012  6.857   12.803  1.000 24.858 0 11  G   A "C5'" 1 ? 
ATOM   219 C  "C4'" . G   A 1 11 ? -3.342  5.394   12.711  1.000 23.373 0 11  G   A "C4'" 1 ? 
ATOM   220 O  "O4'" . G   A 1 11 ? -3.466  5.008   11.313  1.000 21.319 0 11  G   A "O4'" 1 ? 
ATOM   221 C  "C3'" . G   A 1 11 ? -2.283  4.422   13.231  1.000 22.952 0 11  G   A "C3'" 1 ? 
ATOM   222 O  "O3'" . G   A 1 11 ? -2.401  4.277   14.633  1.000 23.033 0 11  G   A "O3'" 1 ? 
ATOM   223 C  "C2'" . G   A 1 11 ? -2.790  3.148   12.569  1.000 21.636 0 11  G   A "C2'" 1 ? 
ATOM   224 O  "O2'" . G   A 1 11 ? -3.973  2.666   13.159  1.000 23.473 0 11  G   A "O2'" 1 ? 
ATOM   225 C  "C1'" . G   A 1 11 ? -3.103  3.654   11.175  1.000 22.172 0 11  G   A "C1'" 1 ? 
ATOM   226 N  N9    . G   A 1 11 ? -1.965  3.534   10.265  1.000 18.139 0 11  G   A N9    1 ? 
ATOM   227 C  C8    . G   A 1 11 ? -1.091  4.495   9.840   1.000 18.406 0 11  G   A C8    1 ? 
ATOM   228 N  N7    . G   A 1 11 ? -0.170  4.063   9.010   1.000 18.411 0 11  G   A N7    1 ? 
ATOM   229 C  C5    . G   A 1 11 ? -0.441  2.703   8.898   1.000 16.318 0 11  G   A C5    1 ? 
ATOM   230 C  C6    . G   A 1 11 ? 0.232   1.687   8.137   1.000 15.671 0 11  G   A C6    1 ? 
ATOM   231 O  O6    . G   A 1 11 ? 1.203   1.780   7.366   1.000 15.840 0 11  G   A O6    1 ? 
ATOM   232 N  N1    . G   A 1 11 ? -0.375  0.461   8.328   1.000 15.805 0 11  G   A N1    1 ? 
ATOM   233 C  C2    . G   A 1 11 ? -1.479  0.226   9.116   1.000 16.438 0 11  G   A C2    1 ? 
ATOM   234 N  N2    . G   A 1 11 ? -1.940  -1.021  9.191   1.000 15.293 0 11  G   A N2    1 ? 
ATOM   235 N  N3    . G   A 1 11 ? -2.118  1.168   9.814   1.000 16.836 0 11  G   A N3    1 ? 
ATOM   236 C  C4    . G   A 1 11 ? -1.551  2.372   9.640   1.000 17.464 0 11  G   A C4    1 ? 
ATOM   237 P  P     . U   A 1 12 ? -1.205  3.687   15.517  1.000 24.243 0 12  U   A P     1 ? 
ATOM   238 O  OP1   . U   A 1 12 ? -1.639  3.905   16.941  1.000 27.467 0 12  U   A OP1   1 ? 
ATOM   239 O  OP2   . U   A 1 12 ? 0.123   4.174   15.091  1.000 24.058 0 12  U   A OP2   1 ? 
ATOM   240 O  "O5'" . U   A 1 12 ? -1.150  2.092   15.385  1.000 21.911 0 12  U   A "O5'" 1 ? 
ATOM   241 C  "C5'" . U   A 1 12 ? -2.259  1.247   15.766  1.000 22.450 0 12  U   A "C5'" 1 ? 
ATOM   242 C  "C4'" . U   A 1 12 ? -1.951  -0.157  15.311  1.000 21.730 0 12  U   A "C4'" 1 ? 
ATOM   243 O  "O4'" . U   A 1 12 ? -2.013  -0.207  13.856  1.000 21.899 0 12  U   A "O4'" 1 ? 
ATOM   244 C  "C3'" . U   A 1 12 ? -0.554  -0.674  15.644  1.000 22.420 0 12  U   A "C3'" 1 ? 
ATOM   245 O  "O3'" . U   A 1 12 ? -0.431  -1.177  16.969  1.000 20.960 0 12  U   A "O3'" 1 ? 
ATOM   246 C  "C2'" . U   A 1 12 ? -0.462  -1.811  14.627  1.000 20.482 0 12  U   A "C2'" 1 ? 
ATOM   247 O  "O2'" . U   A 1 12 ? -1.316  -2.885  14.966  1.000 22.647 0 12  U   A "O2'" 1 ? 
ATOM   248 C  "C1'" . U   A 1 12 ? -1.030  -1.125  13.388  1.000 20.652 0 12  U   A "C1'" 1 ? 
ATOM   249 N  N1    . U   A 1 12 ? -0.022  -0.429  12.559  1.000 18.267 0 12  U   A N1    1 ? 
ATOM   250 C  C2    . U   A 1 12 ? 0.696   -1.234  11.686  1.000 16.972 0 12  U   A C2    1 ? 
ATOM   251 O  O2    . U   A 1 12 ? 0.501   -2.439  11.640  1.000 17.039 0 12  U   A O2    1 ? 
ATOM   252 N  N3    . U   A 1 12 ? 1.603   -0.576  10.901  1.000 16.886 0 12  U   A N3    1 ? 
ATOM   253 C  C4    . U   A 1 12 ? 1.864   0.777   10.871  1.000 16.806 0 12  U   A C4    1 ? 
ATOM   254 O  O4    . U   A 1 12 ? 2.663   1.257   10.078  1.000 17.413 0 12  U   A O4    1 ? 
ATOM   255 C  C5    . U   A 1 12 ? 1.110   1.539   11.826  1.000 17.336 0 12  U   A C5    1 ? 
ATOM   256 C  C6    . U   A 1 12 ? 0.220   0.922   12.623  1.000 18.266 0 12  U   A C6    1 ? 
ATOM   257 P  P     . C   A 1 13 ? 0.973   -1.090  17.709  1.000 22.824 0 13  C   A P     1 ? 
ATOM   258 O  OP1   . C   A 1 13 ? 0.722   -1.387  19.148  1.000 25.362 0 13  C   A OP1   1 ? 
ATOM   259 O  OP2   . C   A 1 13 ? 1.795   0.081   17.337  1.000 22.665 0 13  C   A OP2   1 ? 
ATOM   260 O  "O5'" . C   A 1 13 ? 1.830   -2.278  17.058  1.000 20.458 0 13  C   A "O5'" 1 ? 
ATOM   261 C  "C5'" . C   A 1 13 ? 1.394   -3.625  17.232  1.000 17.895 0 13  C   A "C5'" 1 ? 
ATOM   262 C  "C4'" . C   A 1 13 ? 2.043   -4.511  16.189  1.000 18.097 0 13  C   A "C4'" 1 ? 
ATOM   263 O  "O4'" . C   A 1 13 ? 1.739   -4.013  14.857  1.000 17.358 0 13  C   A "O4'" 1 ? 
ATOM   264 C  "C3'" . C   A 1 13 ? 3.575   -4.619  16.220  1.000 17.332 0 13  C   A "C3'" 1 ? 
ATOM   265 O  "O3'" . C   A 1 13 ? 4.012   -5.522  17.211  1.000 19.156 0 13  C   A "O3'" 1 ? 
ATOM   266 C  "C2'" . C   A 1 13 ? 3.859   -5.094  14.795  1.000 15.684 0 13  C   A "C2'" 1 ? 
ATOM   267 O  "O2'" . C   A 1 13 ? 3.547   -6.464  14.700  1.000 14.288 0 13  C   A "O2'" 1 ? 
ATOM   268 C  "C1'" . C   A 1 13 ? 2.858   -4.244  14.010  1.000 15.808 0 13  C   A "C1'" 1 ? 
ATOM   269 N  N1    . C   A 1 13 ? 3.437   -2.956  13.566  1.000 15.367 0 13  C   A N1    1 ? 
ATOM   270 C  C2    . C   A 1 13 ? 4.261   -2.965  12.439  1.000 14.564 0 13  C   A C2    1 ? 
ATOM   271 O  O2    . C   A 1 13 ? 4.501   -4.069  11.911  1.000 15.533 0 13  C   A O2    1 ? 
ATOM   272 N  N3    . C   A 1 13 ? 4.854   -1.825  12.030  1.000 13.980 0 13  C   A N3    1 ? 
ATOM   273 C  C4    . C   A 1 13 ? 4.575   -0.664  12.641  1.000 15.140 0 13  C   A C4    1 ? 
ATOM   274 N  N4    . C   A 1 13 ? 5.113   0.433   12.182  1.000 15.819 0 13  C   A N4    1 ? 
ATOM   275 C  C5    . C   A 1 13 ? 3.742   -0.624  13.798  1.000 14.535 0 13  C   A C5    1 ? 
ATOM   276 C  C6    . C   A 1 13 ? 3.202   -1.772  14.213  1.000 15.063 0 13  C   A C6    1 ? 
ATOM   277 P  P     . G   A 1 14 ? 5.364   -5.252  18.025  1.000 22.468 0 14  G   A P     1 ? 
ATOM   278 O  OP1   . G   A 1 14 ? 5.463   -6.374  19.017  1.000 24.665 0 14  G   A OP1   1 ? 
ATOM   279 O  OP2   . G   A 1 14 ? 5.482   -3.842  18.483  1.000 22.951 0 14  G   A OP2   1 ? 
ATOM   280 O  "O5'" . G   A 1 14 ? 6.540   -5.385  16.941  1.000 17.179 0 14  G   A "O5'" 1 ? 
ATOM   281 C  "C5'" . G   A 1 14 ? 6.848   -6.698  16.470  1.000 17.276 0 14  G   A "C5'" 1 ? 
ATOM   282 C  "C4'" . G   A 1 14 ? 7.810   -6.585  15.323  1.000 17.533 0 14  G   A "C4'" 1 ? 
ATOM   283 O  "O4'" . G   A 1 14 ? 7.228   -5.754  14.296  1.000 15.448 0 14  G   A "O4'" 1 ? 
ATOM   284 C  "C3'" . G   A 1 14 ? 9.157   -5.914  15.608  1.000 18.269 0 14  G   A "C3'" 1 ? 
ATOM   285 O  "O3'" . G   A 1 14 ? 10.080  -6.809  16.221  1.000 20.966 0 14  G   A "O3'" 1 ? 
ATOM   286 C  "C2'" . G   A 1 14 ? 9.587   -5.640  14.167  1.000 16.852 0 14  G   A "C2'" 1 ? 
ATOM   287 O  "O2'" . G   A 1 14 ? 10.072  -6.816  13.543  1.000 19.389 0 14  G   A "O2'" 1 ? 
ATOM   288 C  "C1'" . G   A 1 14 ? 8.281   -5.202  13.523  1.000 15.456 0 14  G   A "C1'" 1 ? 
ATOM   289 N  N9    . G   A 1 14 ? 8.149   -3.763  13.442  1.000 15.103 0 14  G   A N9    1 ? 
ATOM   290 C  C8    . G   A 1 14 ? 7.408   -2.903  14.214  1.000 16.902 0 14  G   A C8    1 ? 
ATOM   291 N  N7    . G   A 1 14 ? 7.532   -1.642  13.860  1.000 16.574 0 14  G   A N7    1 ? 
ATOM   292 C  C5    . G   A 1 14 ? 8.414   -1.677  12.778  1.000 14.766 0 14  G   A C5    1 ? 
ATOM   293 C  C6    . G   A 1 14 ? 8.957   -0.611  12.013  1.000 12.513 0 14  G   A C6    1 ? 
ATOM   294 O  O6    . G   A 1 14 ? 8.704   0.598   12.086  1.000 15.853 0 14  G   A O6    1 ? 
ATOM   295 N  N1    . G   A 1 14 ? 9.881   -1.104  11.086  1.000 12.603 0 14  G   A N1    1 ? 
ATOM   296 C  C2    . G   A 1 14 ? 10.206  -2.423  10.885  1.000 13.629 0 14  G   A C2    1 ? 
ATOM   297 N  N2    . G   A 1 14 ? 11.048  -2.685  9.877   1.000 14.629 0 14  G   A N2    1 ? 
ATOM   298 N  N3    . G   A 1 14 ? 9.690   -3.424  11.594  1.000 13.470 0 14  G   A N3    1 ? 
ATOM   299 C  C4    . G   A 1 14 ? 8.818   -2.976  12.529  1.000 13.816 0 14  G   A C4    1 ? 
HETATM 300 N  N1    . LKC B 1 1  ? 14.717  10.722  11.340  1.000 17.710 0 1   LKC B N1    1 ? 
HETATM 301 C  C2    . LKC B 1 1  ? 14.833  9.456   11.823  1.000 16.634 0 1   LKC B C2    1 ? 
HETATM 302 N  N3    . LKC B 1 1  ? 13.933  8.895   12.635  1.000 17.462 0 1   LKC B N3    1 ? 
HETATM 303 C  C4    . LKC B 1 1  ? 12.870  9.643   13.023  1.000 19.972 0 1   LKC B C4    1 ? 
HETATM 304 C  C5    . LKC B 1 1  ? 12.657  10.960  12.567  1.000 20.610 0 1   LKC B C5    1 ? 
HETATM 305 C  C6    . LKC B 1 1  ? 13.587  11.502  11.738  1.000 19.626 0 1   LKC B C6    1 ? 
HETATM 306 O  O2    . LKC B 1 1  ? 15.809  8.748   11.470  1.000 16.261 0 1   LKC B O2    1 ? 
HETATM 307 N  N4    . LKC B 1 1  ? 12.002  9.086   13.835  1.000 22.691 0 1   LKC B N4    1 ? 
HETATM 308 C  "C1'" . LKC B 1 1  ? 15.755  11.204  10.525  1.000 18.566 0 1   LKC B "C1'" 1 ? 
HETATM 309 C  "C2'" . LKC B 1 1  ? 15.698  10.787  9.058   1.000 18.870 0 1   LKC B "C2'" 1 ? 
HETATM 310 C  "C3'" . LKC B 1 1  ? 14.686  11.783  8.551   1.000 21.228 0 1   LKC B "C3'" 1 ? 
HETATM 311 C  "C4'" . LKC B 1 1  ? 15.597  12.909  8.961   1.000 22.524 0 1   LKC B "C4'" 1 ? 
HETATM 312 O  "O4'" . LKC B 1 1  ? 15.576  12.631  10.371  1.000 19.071 0 1   LKC B "O4'" 1 ? 
HETATM 313 O  "O3'" . LKC B 1 1  ? 14.646  11.686  7.173   1.000 21.234 0 1   LKC B "O3'" 1 ? 
HETATM 314 C  "C5'" . LKC B 1 1  ? 15.166  14.359  8.615   1.000 25.951 0 1   LKC B "C5'" 1 ? 
HETATM 315 O  "O5'" . LKC B 1 1  ? 13.892  14.505  9.184   1.000 27.393 0 1   LKC B "O5'" 1 ? 
HETATM 316 C  C5A   . LKC B 1 1  ? 11.549  11.755  12.943  1.000 26.781 0 1   LKC B C5A   1 ? 
HETATM 317 O  "O2'" . LKC B 1 1  ? 16.945  11.109  8.370   1.000 19.570 0 1   LKC B "O2'" 1 ? 
HETATM 318 C  "C6'" . LKC B 1 1  ? 16.929  12.609  8.269   1.000 23.746 0 1   LKC B "C6'" 1 ? 
HETATM 319 O  "O5'" . LCC B 1 2  ? 14.307  9.293   6.522   1.000 18.326 0 2   LCC B "O5'" 1 ? 
HETATM 320 C  "C5'" . LCC B 1 2  ? 15.514  8.996   5.900   1.000 16.830 0 2   LCC B "C5'" 1 ? 
HETATM 321 C  "C4'" . LCC B 1 2  ? 15.823  7.545   6.431   1.000 16.677 0 2   LCC B "C4'" 1 ? 
HETATM 322 O  "O4'" . LCC B 1 2  ? 15.982  7.454   7.851   1.000 14.619 0 2   LCC B "O4'" 1 ? 
HETATM 323 C  "C1'" . LCC B 1 2  ? 15.731  6.089   8.231   1.000 13.464 0 2   LCC B "C1'" 1 ? 
HETATM 324 N  N1    . LCC B 1 2  ? 14.524  5.996   9.109   1.000 14.094 0 2   LCC B N1    1 ? 
HETATM 325 C  C6    . LCC B 1 2  ? 13.608  7.083   9.270   1.000 14.213 0 2   LCC B C6    1 ? 
HETATM 326 C  C5    . LCC B 1 2  ? 12.542  6.896   10.120  1.000 15.419 0 2   LCC B C5    1 ? 
HETATM 327 C  C5M   . LCC B 1 2  ? 11.636  7.955   10.323  1.000 20.422 0 2   LCC B C5M   1 ? 
HETATM 328 C  C4    . LCC B 1 2  ? 12.400  5.629   10.755  1.000 15.066 0 2   LCC B C4    1 ? 
HETATM 329 N  N4    . LCC B 1 2  ? 11.389  5.512   11.602  1.000 17.020 0 2   LCC B N4    1 ? 
HETATM 330 N  N3    . LCC B 1 2  ? 13.272  4.606   10.616  1.000 14.232 0 2   LCC B N3    1 ? 
HETATM 331 C  C2    . LCC B 1 2  ? 14.302  4.786   9.751   1.000 12.766 0 2   LCC B C2    1 ? 
HETATM 332 O  O2    . LCC B 1 2  ? 15.061  3.851   9.592   1.000 15.487 0 2   LCC B O2    1 ? 
HETATM 333 C  "C3'" . LCC B 1 2  ? 14.727  6.528   6.158   1.000 16.171 0 2   LCC B "C3'" 1 ? 
HETATM 334 C  "C2'" . LCC B 1 2  ? 15.539  5.481   6.844   1.000 14.027 0 2   LCC B "C2'" 1 ? 
HETATM 335 O  "O2'" . LCC B 1 2  ? 16.797  5.408   6.219   1.000 15.831 0 2   LCC B "O2'" 1 ? 
HETATM 336 O  "O3'" . LCC B 1 2  ? 14.596  6.233   4.783   1.000 17.114 0 2   LCC B "O3'" 1 ? 
HETATM 337 C  "C6'" . LCC B 1 2  ? 17.039  6.844   5.813   1.000 16.324 0 2   LCC B "C6'" 1 ? 
HETATM 338 P  P     . LCC B 1 2  ? 13.633  10.738  6.236   1.000 20.295 0 2   LCC B P     1 ? 
HETATM 339 O  O1P   . LCC B 1 2  ? 12.375  10.677  6.929   1.000 21.363 0 2   LCC B O1P   1 ? 
HETATM 340 O  O2P   . LCC B 1 2  ? 13.823  11.099  4.817   1.000 23.962 0 2   LCC B O2P   1 ? 
HETATM 341 O  "O5'" . LCC B 1 3  ? 13.420  4.038   4.583   1.000 13.407 0 3   LCC B "O5'" 1 ? 
HETATM 342 C  "C5'" . LCC B 1 3  ? 14.551  3.302   4.051   1.000 13.498 0 3   LCC B "C5'" 1 ? 
HETATM 343 C  "C4'" . LCC B 1 3  ? 14.480  1.952   4.793   1.000 12.510 0 3   LCC B "C4'" 1 ? 
HETATM 344 O  "O4'" . LCC B 1 3  ? 14.519  2.091   6.257   1.000 12.524 0 3   LCC B "O4'" 1 ? 
HETATM 345 C  "C1'" . LCC B 1 3  ? 13.873  0.894   6.828   1.000 12.105 0 3   LCC B "C1'" 1 ? 
HETATM 346 N  N1    . LCC B 1 3  ? 12.707  1.330   7.637   1.000 11.881 0 3   LCC B N1    1 ? 
HETATM 347 C  C6    . LCC B 1 3  ? 12.172  2.632   7.520   1.000 12.518 0 3   LCC B C6    1 ? 
HETATM 348 C  C5    . LCC B 1 3  ? 11.151  3.055   8.313   1.000 11.053 0 3   LCC B C5    1 ? 
HETATM 349 C  C5M   . LCC B 1 3  ? 10.635  4.383   8.220   1.000 11.917 0 3   LCC B C5M   1 ? 
HETATM 350 C  C4    . LCC B 1 3  ? 10.641  2.091   9.226   1.000 11.160 0 3   LCC B C4    1 ? 
HETATM 351 N  N4    . LCC B 1 3  ? 9.646   2.383   10.031  1.000 13.825 0 3   LCC B N4    1 ? 
HETATM 352 N  N3    . LCC B 1 3  ? 11.138  0.847   9.265   1.000 11.552 0 3   LCC B N3    1 ? 
HETATM 353 C  C2    . LCC B 1 3  ? 12.153  0.434   8.488   1.000 12.013 0 3   LCC B C2    1 ? 
HETATM 354 O  O2    . LCC B 1 3  ? 12.588  -0.716  8.501   1.000 13.202 0 3   LCC B O2    1 ? 
HETATM 355 C  "C3'" . LCC B 1 3  ? 13.155  1.177   4.671   1.000 12.704 0 3   LCC B "C3'" 1 ? 
HETATM 356 C  "C2'" . LCC B 1 3  ? 13.624  0.104   5.581   1.000 12.230 0 3   LCC B "C2'" 1 ? 
HETATM 357 O  "O2'" . LCC B 1 3  ? 14.901  -0.337  4.991   1.000 14.075 0 3   LCC B "O2'" 1 ? 
HETATM 358 O  "O3'" . LCC B 1 3  ? 13.035  0.770   3.317   1.000 13.207 0 3   LCC B "O3'" 1 ? 
HETATM 359 C  "C6'" . LCC B 1 3  ? 15.534  0.902   4.356   1.000 13.331 0 3   LCC B "C6'" 1 ? 
HETATM 360 P  P     . LCC B 1 3  ? 13.235  5.591   4.200   1.000 16.733 0 3   LCC B P     1 ? 
HETATM 361 O  O1P   . LCC B 1 3  ? 12.046  6.028   4.911   1.000 16.412 0 3   LCC B O1P   1 ? 
HETATM 362 O  O2P   . LCC B 1 3  ? 13.241  5.665   2.718   1.000 19.112 0 3   LCC B O2P   1 ? 
HETATM 363 P  P     . LCG B 1 4  ? 11.592  0.566   2.600   1.000 12.442 0 4   LCG B P     1 ? 
HETATM 364 O  OP1   . LCG B 1 4  ? 11.928  0.309   1.178   1.000 12.218 0 4   LCG B OP1   1 ? 
HETATM 365 O  "O5'" . LCG B 1 4  ? 10.983  -0.706  3.298   1.000 10.623 0 4   LCG B "O5'" 1 ? 
HETATM 366 C  "C5'" . LCG B 1 4  ? 11.673  -1.963  3.133   1.000 10.295 0 4   LCG B "C5'" 1 ? 
HETATM 367 C  "C3'" . LCG B 1 4  ? 9.435   -3.085  4.012   1.000 12.557 0 4   LCG B "C3'" 1 ? 
HETATM 368 C  "C6'" . LCG B 1 4  ? 11.362  -4.442  4.014   1.000 12.671 0 4   LCG B "C6'" 1 ? 
HETATM 369 N  N9    . LCG B 1 4  ? 9.253   -2.094  6.810   1.000 12.546 0 4   LCG B N9    1 ? 
HETATM 370 C  C8    . LCG B 1 4  ? 9.356   -0.759  6.605   1.000 12.609 0 4   LCG B C8    1 ? 
HETATM 371 C  C4    . LCG B 1 4  ? 8.425   -2.201  7.850   1.000 13.029 0 4   LCG B C4    1 ? 
HETATM 372 N  N7    . LCG B 1 4  ? 8.542   -0.009  7.368   1.000 13.555 0 4   LCG B N7    1 ? 
HETATM 373 C  C5    . LCG B 1 4  ? 7.952   -0.922  8.152   1.000 11.979 0 4   LCG B C5    1 ? 
HETATM 374 C  C6    . LCG B 1 4  ? 7.058   -0.791  9.195   1.000 12.092 0 4   LCG B C6    1 ? 
HETATM 375 C  "C2'" . LCG B 1 4  ? 9.320   -3.986  5.099   1.000 11.337 0 4   LCG B "C2'" 1 ? 
HETATM 376 O  O6    . LCG B 1 4  ? 6.570   0.264   9.640   1.000 13.552 0 4   LCG B O6    1 ? 
HETATM 377 C  "C4'" . LCG B 1 4  ? 10.959  -2.997  4.087   1.000 11.029 0 4   LCG B "C4'" 1 ? 
HETATM 378 C  "C1'" . LCG B 1 4  ? 10.006  -3.183  6.204   1.000 11.833 0 4   LCG B "C1'" 1 ? 
HETATM 379 C  C2    . LCG B 1 4  ? 7.089   -3.188  9.428   1.000 12.333 0 4   LCG B C2    1 ? 
HETATM 380 N  N1    . LCG B 1 4  ? 6.602   -1.947  9.807   1.000 12.216 0 4   LCG B N1    1 ? 
HETATM 381 O  "O4'" . LCG B 1 4  ? 11.049  -2.532  5.514   1.000 11.415 0 4   LCG B "O4'" 1 ? 
HETATM 382 O  OP2   . LCG B 1 4  ? 10.654  1.664   2.921   1.000 14.259 0 4   LCG B OP2   1 ? 
HETATM 383 N  N2    . LCG B 1 4  ? 6.601   -4.314  10.011  1.000 12.774 0 4   LCG B N2    1 ? 
HETATM 384 N  N3    . LCG B 1 4  ? 7.993   -3.362  8.417   1.000 12.143 0 4   LCG B N3    1 ? 
HETATM 385 O  "O2'" . LCG B 1 4  ? 10.236  -5.059  4.816   1.000 11.785 0 4   LCG B "O2'" 1 ? 
HETATM 386 O  "O3'" . LCG B 1 4  ? 9.053   -3.687  2.730   1.000 11.873 0 4   LCG B "O3'" 1 ? 
ATOM   387 P  P     . A   B 1 5  ? 7.696   -3.354  1.998   1.000 13.315 0 5   A   B P     1 ? 
ATOM   388 O  OP1   . A   B 1 5  ? 7.882   -3.800  0.546   1.000 14.900 0 5   A   B OP1   1 ? 
ATOM   389 O  OP2   . A   B 1 5  ? 7.164   -2.015  2.285   1.000 13.365 0 5   A   B OP2   1 ? 
ATOM   390 O  "O5'" . A   B 1 5  ? 6.704   -4.374  2.766   1.000 11.924 0 5   A   B "O5'" 1 ? 
ATOM   391 C  "C5'" . A   B 1 5  ? 6.908   -5.795  2.785   1.000 12.376 0 5   A   B "C5'" 1 ? 
ATOM   392 C  "C4'" . A   B 1 5  ? 6.004   -6.385  3.845   1.000 11.816 0 5   A   B "C4'" 1 ? 
ATOM   393 O  "O4'" . A   B 1 5  ? 6.418   -5.973  5.178   1.000 11.020 0 5   A   B "O4'" 1 ? 
ATOM   394 C  "C3'" . A   B 1 5  ? 4.527   -6.025  3.786   1.000 10.915 0 5   A   B "C3'" 1 ? 
ATOM   395 O  "O3'" . A   B 1 5  ? 3.852   -6.758  2.768   1.000 11.308 0 5   A   B "O3'" 1 ? 
ATOM   396 C  "C2'" . A   B 1 5  ? 4.138   -6.395  5.213   1.000 11.074 0 5   A   B "C2'" 1 ? 
ATOM   397 O  "O2'" . A   B 1 5  ? 4.099   -7.798  5.290   1.000 10.809 0 5   A   B "O2'" 1 ? 
ATOM   398 C  "C1'" . A   B 1 5  ? 5.287   -5.765  6.010   1.000 11.374 0 5   A   B "C1'" 1 ? 
ATOM   399 N  N9    . A   B 1 5  ? 5.087   -4.339  6.279   1.000 11.120 0 5   A   B N9    1 ? 
ATOM   400 C  C8    . A   B 1 5  ? 5.651   -3.274  5.625   1.000 12.666 0 5   A   B C8    1 ? 
ATOM   401 N  N7    . A   B 1 5  ? 5.305   -2.104  6.092   1.000 11.714 0 5   A   B N7    1 ? 
ATOM   402 C  C5    . A   B 1 5  ? 4.483   -2.407  7.155   1.000 11.988 0 5   A   B C5    1 ? 
ATOM   403 C  C6    . A   B 1 5  ? 3.794   -1.601  8.075   1.000 12.378 0 5   A   B C6    1 ? 
ATOM   404 N  N6    . A   B 1 5  ? 3.850   -0.277  8.023   1.000 12.687 0 5   A   B N6    1 ? 
ATOM   405 N  N1    . A   B 1 5  ? 3.045   -2.243  9.013   1.000 12.249 0 5   A   B N1    1 ? 
ATOM   406 C  C2    . A   B 1 5  ? 2.985   -3.568  9.028   1.000 13.620 0 5   A   B C2    1 ? 
ATOM   407 N  N3    . A   B 1 5  ? 3.589   -4.419  8.205   1.000 12.496 0 5   A   B N3    1 ? 
ATOM   408 C  C4    . A   B 1 5  ? 4.317   -3.774  7.276   1.000 11.451 0 5   A   B C4    1 ? 
ATOM   409 P  P     . C   B 1 6  ? 2.559   -6.158  2.044   1.000 12.301 0 6   C   B P     1 ? 
ATOM   410 O  OP1   . C   B 1 6  ? 2.293   -7.083  0.882   1.000 13.126 0 6   C   B OP1   1 ? 
ATOM   411 O  OP2   . C   B 1 6  ? 2.681   -4.686  1.813   1.000 13.875 0 6   C   B OP2   1 ? 
ATOM   412 O  "O5'" . C   B 1 6  ? 1.390   -6.208  3.105   1.000 11.337 0 6   C   B "O5'" 1 ? 
ATOM   413 C  "C5'" . C   B 1 6  ? 0.962   -7.454  3.730   1.000 12.400 0 6   C   B "C5'" 1 ? 
ATOM   414 C  "C4'" . C   B 1 6  ? 0.160   -7.129  4.961   1.000 12.570 0 6   C   B "C4'" 1 ? 
ATOM   415 O  "O4'" . C   B 1 6  ? 0.968   -6.323  5.885   1.000 11.824 0 6   C   B "O4'" 1 ? 
ATOM   416 C  "C3'" . C   B 1 6  ? -1.049  -6.226  4.720   1.000 13.677 0 6   C   B "C3'" 1 ? 
ATOM   417 O  "O3'" . C   B 1 6  ? -2.111  -7.034  4.237   1.000 14.457 0 6   C   B "O3'" 1 ? 
ATOM   418 C  "C2'" . C   B 1 6  ? -1.296  -5.667  6.112   1.000 13.092 0 6   C   B "C2'" 1 ? 
ATOM   419 O  "O2'" . C   B 1 6  ? -1.833  -6.646  6.978   1.000 14.292 0 6   C   B "O2'" 1 ? 
ATOM   420 C  "C1'" . C   B 1 6  ? 0.142   -5.357  6.523   1.000 14.057 0 6   C   B "C1'" 1 ? 
ATOM   421 N  N1    . C   B 1 6  ? 0.595   -3.990  6.149   1.000 13.272 0 6   C   B N1    1 ? 
ATOM   422 C  C2    . C   B 1 6  ? 0.217   -2.943  6.986   1.000 12.217 0 6   C   B C2    1 ? 
ATOM   423 O  O2    . C   B 1 6  ? -0.524  -3.212  7.954   1.000 15.391 0 6   C   B O2    1 ? 
ATOM   424 N  N3    . C   B 1 6  ? 0.669   -1.710  6.708   1.000 12.529 0 6   C   B N3    1 ? 
ATOM   425 C  C4    . C   B 1 6  ? 1.421   -1.437  5.650   1.000 13.546 0 6   C   B C4    1 ? 
ATOM   426 N  N4    . C   B 1 6  ? 1.838   -0.203  5.438   1.000 14.182 0 6   C   B N4    1 ? 
ATOM   427 C  C5    . C   B 1 6  ? 1.789   -2.471  4.760   1.000 13.645 0 6   C   B C5    1 ? 
ATOM   428 C  C6    . C   B 1 6  ? 1.396   -3.720  5.066   1.000 13.746 0 6   C   B C6    1 ? 
ATOM   429 P  P     . U   B 1 7  ? -3.270  -6.403  3.341   1.000 16.143 0 7   U   B P     1 ? 
ATOM   430 O  OP1   . U   B 1 7  ? -4.185  -7.529  2.994   1.000 17.668 0 7   U   B OP1   1 ? 
ATOM   431 O  OP2   . U   B 1 7  ? -2.746  -5.537  2.290   1.000 14.292 0 7   U   B OP2   1 ? 
ATOM   432 O  "O5'" . U   B 1 7  ? -4.068  -5.416  4.333   1.000 15.966 0 7   U   B "O5'" 1 ? 
ATOM   433 C  "C5'" . U   B 1 7  ? -4.782  -5.946  5.459   1.000 17.134 0 7   U   B "C5'" 1 ? 
ATOM   434 C  "C4'" . U   B 1 7  ? -5.366  -4.772  6.208   1.000 18.239 0 7   U   B "C4'" 1 ? 
ATOM   435 O  "O4'" . U   B 1 7  ? -4.296  -3.983  6.784   1.000 16.494 0 7   U   B "O4'" 1 ? 
ATOM   436 C  "C3'" . U   B 1 7  ? -6.143  -3.741  5.386   1.000 18.932 0 7   U   B "C3'" 1 ? 
ATOM   437 O  "O3'" . U   B 1 7  ? -7.434  -4.231  5.101   1.000 18.529 0 7   U   B "O3'" 1 ? 
ATOM   438 C  "C2'" . U   B 1 7  ? -6.150  -2.573  6.363   1.000 17.594 0 7   U   B "C2'" 1 ? 
ATOM   439 O  "O2'" . U   B 1 7  ? -7.005  -2.856  7.452   1.000 20.425 0 7   U   B "O2'" 1 ? 
ATOM   440 C  "C1'" . U   B 1 7  ? -4.706  -2.629  6.848   1.000 16.712 0 7   U   B "C1'" 1 ? 
ATOM   441 N  N1    . U   B 1 7  ? -3.752  -1.821  6.057   1.000 15.192 0 7   U   B N1    1 ? 
ATOM   442 C  C2    . U   B 1 7  ? -3.659  -0.471  6.355   1.000 16.938 0 7   U   B C2    1 ? 
ATOM   443 O  O2    . U   B 1 7  ? -4.409  0.071   7.156   1.000 18.590 0 7   U   B O2    1 ? 
ATOM   444 N  N3    . U   B 1 7  ? -2.701  0.230   5.670   1.000 15.627 0 7   U   B N3    1 ? 
ATOM   445 C  C4    . U   B 1 7  ? -1.807  -0.246  4.726   1.000 13.215 0 7   U   B C4    1 ? 
ATOM   446 O  O4    . U   B 1 7  ? -0.997  0.516   4.230   1.000 14.294 0 7   U   B O4    1 ? 
ATOM   447 C  C5    . U   B 1 7  ? -1.968  -1.645  4.445   1.000 14.617 0 7   U   B C5    1 ? 
ATOM   448 C  C6    . U   B 1 7  ? -2.879  -2.366  5.125   1.000 16.357 0 7   U   B C6    1 ? 
ATOM   449 P  P     . U   B 1 8  ? -8.156  -3.784  3.766   1.000 20.918 0 8   U   B P     1 ? 
ATOM   450 O  OP1   . U   B 1 8  ? -9.293  -4.735  3.592   1.000 24.313 0 8   U   B OP1   1 ? 
ATOM   451 O  OP2   . U   B 1 8  ? -7.268  -3.542  2.600   1.000 19.563 0 8   U   B OP2   1 ? 
ATOM   452 O  "O5'" . U   B 1 8  ? -8.593  -2.266  3.996   1.000 20.709 0 8   U   B "O5'" 1 ? 
ATOM   453 C  "C5'" . U   B 1 8  ? -9.583  -2.008  5.040   1.000 23.198 0 8   U   B "C5'" 1 ? 
ATOM   454 C  "C4'" . U   B 1 8  ? -9.662  -0.528  5.256   1.000 22.638 0 8   U   B "C4'" 1 ? 
ATOM   455 O  "O4'" . U   B 1 8  ? -8.409  -0.026  5.793   1.000 22.246 0 8   U   B "O4'" 1 ? 
ATOM   456 C  "C3'" . U   B 1 8  ? -9.880  0.334   4.005   1.000 24.164 0 8   U   B "C3'" 1 ? 
ATOM   457 O  "O3'" . U   B 1 8  ? -11.232 0.348   3.558   1.000 23.713 0 8   U   B "O3'" 1 ? 
ATOM   458 C  "C2'" . U   B 1 8  ? -9.447  1.693   4.534   1.000 22.636 0 8   U   B "C2'" 1 ? 
ATOM   459 O  "O2'" . U   B 1 8  ? -10.406 2.264   5.421   1.000 24.853 0 8   U   B "O2'" 1 ? 
ATOM   460 C  "C1'" . U   B 1 8  ? -8.203  1.284   5.325   1.000 22.282 0 8   U   B "C1'" 1 ? 
ATOM   461 N  N1    . U   B 1 8  ? -6.947  1.328   4.537   1.000 19.145 0 8   U   B N1    1 ? 
ATOM   462 C  C2    . U   B 1 8  ? -6.335  2.561   4.440   1.000 20.452 0 8   U   B C2    1 ? 
ATOM   463 O  O2    . U   B 1 8  ? -6.811  3.607   4.890   1.000 21.281 0 8   U   B O2    1 ? 
ATOM   464 N  N3    . U   B 1 8  ? -5.173  2.573   3.731   1.000 17.446 0 8   U   B N3    1 ? 
ATOM   465 C  C4    . U   B 1 8  ? -4.510  1.472   3.205   1.000 16.587 0 8   U   B C4    1 ? 
ATOM   466 O  O4    . U   B 1 8  ? -3.459  1.684   2.592   1.000 16.533 0 8   U   B O4    1 ? 
ATOM   467 C  C5    . U   B 1 8  ? -5.234  0.239   3.308   1.000 17.606 0 8   U   B C5    1 ? 
ATOM   468 C  C6    . U   B 1 8  ? -6.394  0.191   3.987   1.000 20.432 0 8   U   B C6    1 ? 
ATOM   469 P  P     . A   B 1 9  ? -11.559 0.450   1.998   1.000 24.689 0 9   A   B P     1 ? 
ATOM   470 O  OP1   . A   B 1 9  ? -13.033 0.198   1.912   1.000 29.278 0 9   A   B OP1   1 ? 
ATOM   471 O  OP2   . A   B 1 9  ? -10.636 -0.407  1.180   1.000 26.301 0 9   A   B OP2   1 ? 
ATOM   472 O  "O5'" . A   B 1 9  ? -11.215 1.952   1.632   1.000 22.106 0 9   A   B "O5'" 1 ? 
ATOM   473 C  "C5'" . A   B 1 9  ? -12.023 3.002   2.244   1.000 25.445 0 9   A   B "C5'" 1 ? 
ATOM   474 C  "C4'" . A   B 1 9  ? -11.496 4.347   1.848   1.000 23.102 0 9   A   B "C4'" 1 ? 
ATOM   475 O  "O4'" . A   B 1 9  ? -10.240 4.606   2.529   1.000 22.947 0 9   A   B "O4'" 1 ? 
ATOM   476 C  "C3'" . A   B 1 9  ? -11.143 4.554   0.376   1.000 24.301 0 9   A   B "C3'" 1 ? 
ATOM   477 O  "O3'" . A   B 1 9  ? -12.284 4.828   -0.413  1.000 26.381 0 9   A   B "O3'" 1 ? 
ATOM   478 C  "C2'" . A   B 1 9  ? -10.276 5.798   0.501   1.000 24.908 0 9   A   B "C2'" 1 ? 
ATOM   479 O  "O2'" . A   B 1 9  ? -11.076 6.935   0.766   1.000 27.094 0 9   A   B "O2'" 1 ? 
ATOM   480 C  "C1'" . A   B 1 9  ? -9.416  5.374   1.685   1.000 22.073 0 9   A   B "C1'" 1 ? 
ATOM   481 N  N9    . A   B 1 9  ? -8.254  4.569   1.292   1.000 20.040 0 9   A   B N9    1 ? 
ATOM   482 C  C8    . A   B 1 9  ? -8.078  3.206   1.299   1.000 21.125 0 9   A   B C8    1 ? 
ATOM   483 N  N7    . A   B 1 9  ? -6.871  2.844   0.907   1.000 19.213 0 9   A   B N7    1 ? 
ATOM   484 C  C5    . A   B 1 9  ? -6.230  4.047   0.638   1.000 17.641 0 9   A   B C5    1 ? 
ATOM   485 C  C6    . A   B 1 9  ? -4.946  4.375   0.173   1.000 17.879 0 9   A   B C6    1 ? 
ATOM   486 N  N6    . A   B 1 9  ? -4.022  3.451   -0.067  1.000 16.497 0 9   A   B N6    1 ? 
ATOM   487 N  N1    . A   B 1 9  ? -4.588  5.661   -0.010  1.000 18.973 0 9   A   B N1    1 ? 
ATOM   488 C  C2    . A   B 1 9  ? -5.522  6.595   0.261   1.000 20.066 0 9   A   B C2    1 ? 
ATOM   489 N  N3    . A   B 1 9  ? -6.760  6.407   0.706   1.000 19.477 0 9   A   B N3    1 ? 
ATOM   490 C  C4    . A   B 1 9  ? -7.074  5.113   0.867   1.000 18.750 0 9   A   B C4    1 ? 
ATOM   491 P  P     . A   B 1 10 ? -12.402 4.312   -1.924  1.000 27.540 0 10  A   B P     1 ? 
ATOM   492 O  OP1   . A   B 1 10 ? -13.795 4.570   -2.405  1.000 30.354 0 10  A   B OP1   1 ? 
ATOM   493 O  OP2   . A   B 1 10 ? -11.857 2.934   -2.124  1.000 28.218 0 10  A   B OP2   1 ? 
ATOM   494 O  "O5'" . A   B 1 10 ? -11.467 5.350   -2.673  1.000 26.976 0 10  A   B "O5'" 1 ? 
ATOM   495 C  "C5'" . A   B 1 10 ? -11.805 6.756   -2.728  1.000 25.722 0 10  A   B "C5'" 1 ? 
ATOM   496 C  "C4'" . A   B 1 10 ? -10.604 7.526   -3.197  1.000 26.016 0 10  A   B "C4'" 1 ? 
ATOM   497 O  "O4'" . A   B 1 10 ? -9.483  7.342   -2.288  1.000 25.351 0 10  A   B "O4'" 1 ? 
ATOM   498 C  "C3'" . A   B 1 10 ? -10.002 7.134   -4.543  1.000 25.792 0 10  A   B "C3'" 1 ? 
ATOM   499 O  "O3'" . A   B 1 10 ? -10.821 7.533   -5.636  1.000 26.027 0 10  A   B "O3'" 1 ? 
ATOM   500 C  "C2'" . A   B 1 10 ? -8.675  7.880   -4.432  1.000 25.628 0 10  A   B "C2'" 1 ? 
ATOM   501 O  "O2'" . A   B 1 10 ? -8.788  9.273   -4.613  1.000 31.132 0 10  A   B "O2'" 1 ? 
ATOM   502 C  "C1'" . A   B 1 10 ? -8.278  7.517   -3.001  1.000 22.978 0 10  A   B "C1'" 1 ? 
ATOM   503 N  N9    . A   B 1 10 ? -7.520  6.266   -2.927  1.000 19.990 0 10  A   B N9    1 ? 
ATOM   504 C  C8    . A   B 1 10 ? -8.041  5.018   -2.717  1.000 20.753 0 10  A   B C8    1 ? 
ATOM   505 N  N7    . A   B 1 10 ? -7.143  4.055   -2.745  1.000 20.622 0 10  A   B N7    1 ? 
ATOM   506 C  C5    . A   B 1 10 ? -5.965  4.722   -3.058  1.000 18.325 0 10  A   B C5    1 ? 
ATOM   507 C  C6    . A   B 1 10 ? -4.638  4.272   -3.288  1.000 16.486 0 10  A   B C6    1 ? 
ATOM   508 N  N6    . A   B 1 10 ? -4.270  2.994   -3.224  1.000 15.268 0 10  A   B N6    1 ? 
ATOM   509 N  N1    . A   B 1 10 ? -3.699  5.178   -3.627  1.000 17.310 0 10  A   B N1    1 ? 
ATOM   510 C  C2    . A   B 1 10 ? -4.056  6.474   -3.701  1.000 18.925 0 10  A   B C2    1 ? 
ATOM   511 N  N3    . A   B 1 10 ? -5.266  7.008   -3.516  1.000 20.557 0 10  A   B N3    1 ? 
ATOM   512 C  C4    . A   B 1 10 ? -6.189  6.078   -3.227  1.000 19.626 0 10  A   B C4    1 ? 
ATOM   513 P  P     . G   B 1 11 ? -10.894 6.644   -6.970  1.000 29.363 0 11  G   B P     1 ? 
ATOM   514 O  OP1   . G   B 1 11 ? -11.844 7.376   -7.858  1.000 36.441 0 11  G   B OP1   1 ? 
ATOM   515 O  OP2   . G   B 1 11 ? -11.029 5.176   -6.791  1.000 29.306 0 11  G   B OP2   1 ? 
ATOM   516 O  "O5'" . G   B 1 11 ? -9.478  6.963   -7.634  1.000 25.135 0 11  G   B "O5'" 1 ? 
ATOM   517 C  "C5'" . G   B 1 11 ? -9.177  8.313   -8.019  1.000 25.782 0 11  G   B "C5'" 1 ? 
ATOM   518 C  "C4'" . G   B 1 11 ? -7.718  8.412   -8.359  1.000 23.880 0 11  G   B "C4'" 1 ? 
ATOM   519 O  "O4'" . G   B 1 11 ? -6.911  8.004   -7.216  1.000 22.321 0 11  G   B "O4'" 1 ? 
ATOM   520 C  "C3'" . G   B 1 11 ? -7.206  7.509   -9.483  1.000 24.062 0 11  G   B "C3'" 1 ? 
ATOM   521 O  "O3'" . G   B 1 11 ? -7.421  8.081   -10.758 1.000 23.162 0 11  G   B "O3'" 1 ? 
ATOM   522 C  "C2'" . G   B 1 11 ? -5.714  7.566   -9.190  1.000 21.872 0 11  G   B "C2'" 1 ? 
ATOM   523 O  "O2'" . G   B 1 11 ? -5.123  8.794   -9.545  1.000 24.226 0 11  G   B "O2'" 1 ? 
ATOM   524 C  "C1'" . G   B 1 11 ? -5.712  7.421   -7.676  1.000 22.471 0 11  G   B "C1'" 1 ? 
ATOM   525 N  N9    . G   B 1 11 ? -5.626  6.025   -7.245  1.000 18.211 0 11  G   B N9    1 ? 
ATOM   526 C  C8    . G   B 1 11 ? -6.600  5.197   -6.766  1.000 19.026 0 11  G   B C8    1 ? 
ATOM   527 N  N7    . G   B 1 11 ? -6.180  3.988   -6.465  1.000 18.168 0 11  G   B N7    1 ? 
ATOM   528 C  C5    . G   B 1 11 ? -4.821  4.018   -6.770  1.000 16.515 0 11  G   B C5    1 ? 
ATOM   529 C  C6    . G   B 1 11 ? -3.805  3.010   -6.628  1.000 16.352 0 11  G   B C6    1 ? 
ATOM   530 O  O6    . G   B 1 11 ? -3.897  1.843   -6.223  1.000 16.080 0 11  G   B O6    1 ? 
ATOM   531 N  N1    . G   B 1 11 ? -2.592  3.480   -7.082  1.000 16.536 0 11  G   B N1    1 ? 
ATOM   532 C  C2    . G   B 1 11 ? -2.336  4.754   -7.524  1.000 16.315 0 11  G   B C2    1 ? 
ATOM   533 N  N2    . G   B 1 11 ? -1.099  5.054   -7.904  1.000 15.963 0 11  G   B N2    1 ? 
ATOM   534 N  N3    . G   B 1 11 ? -3.262  5.703   -7.620  1.000 15.920 0 11  G   B N3    1 ? 
ATOM   535 C  C4    . G   B 1 11 ? -4.466  5.267   -7.215  1.000 16.853 0 11  G   B C4    1 ? 
ATOM   536 P  P     . U   B 1 12 ? -7.480  7.196   -12.090 1.000 23.511 0 12  U   B P     1 ? 
ATOM   537 O  OP1   . U   B 1 12 ? -8.017  8.098   -13.158 1.000 27.723 0 12  U   B OP1   1 ? 
ATOM   538 O  OP2   . U   B 1 12 ? -8.183  5.919   -11.878 1.000 22.301 0 12  U   B OP2   1 ? 
ATOM   539 O  "O5'" . U   B 1 12 ? -5.970  6.880   -12.515 1.000 21.861 0 12  U   B "O5'" 1 ? 
ATOM   540 C  "C5'" . U   B 1 12 ? -5.048  7.950   -12.835 1.000 21.891 0 12  U   B "C5'" 1 ? 
ATOM   541 C  "C4'" . U   B 1 12 ? -3.683  7.340   -13.020 1.000 22.042 0 12  U   B "C4'" 1 ? 
ATOM   542 O  "O4'" . U   B 1 12 ? -3.207  6.861   -11.735 1.000 21.363 0 12  U   B "O4'" 1 ? 
ATOM   543 C  "C3'" . U   B 1 12 ? -3.629  6.103   -13.917 1.000 22.473 0 12  U   B "C3'" 1 ? 
ATOM   544 O  "O3'" . U   B 1 12 ? -3.586  6.355   -15.317 1.000 20.528 0 12  U   B "O3'" 1 ? 
ATOM   545 C  "C2'" . U   B 1 12 ? -2.291  5.519   -13.449 1.000 20.765 0 12  U   B "C2'" 1 ? 
ATOM   546 O  "O2'" . U   B 1 12 ? -1.195  6.289   -13.897 1.000 22.852 0 12  U   B "O2'" 1 ? 
ATOM   547 C  "C1'" . U   B 1 12 ? -2.438  5.673   -11.938 1.000 20.632 0 12  U   B "C1'" 1 ? 
ATOM   548 N  N1    . U   B 1 12 ? -3.081  4.517   -11.269 1.000 18.481 0 12  U   B N1    1 ? 
ATOM   549 C  C2    . U   B 1 12 ? -2.238  3.462   -10.936 1.000 17.932 0 12  U   B C2    1 ? 
ATOM   550 O  O2    . U   B 1 12 ? -1.050  3.470   -11.253 1.000 17.618 0 12  U   B O2    1 ? 
ATOM   551 N  N3    . U   B 1 12 ? -2.845  2.421   -10.272 1.000 17.305 0 12  U   B N3    1 ? 
ATOM   552 C  C4    . U   B 1 12 ? -4.159  2.327   -9.870  1.000 16.902 0 12  U   B C4    1 ? 
ATOM   553 O  O4    . U   B 1 12 ? -4.566  1.352   -9.252  1.000 17.973 0 12  U   B O4    1 ? 
ATOM   554 C  C5    . U   B 1 12 ? -4.967  3.449   -10.252 1.000 17.998 0 12  U   B C5    1 ? 
ATOM   555 C  C6    . U   B 1 12 ? -4.414  4.472   -10.930 1.000 18.759 0 12  U   B C6    1 ? 
ATOM   556 P  P     . C   B 1 13 ? -4.254  5.321   -16.324 1.000 22.401 0 13  C   B P     1 ? 
ATOM   557 O  OP1   . C   B 1 13 ? -4.349  5.967   -17.664 1.000 25.170 0 13  C   B OP1   1 ? 
ATOM   558 O  OP2   . C   B 1 13 ? -5.418  4.570   -15.815 1.000 22.063 0 13  C   B OP2   1 ? 
ATOM   559 O  "O5'" . C   B 1 13 ? -3.145  4.164   -16.432 1.000 19.898 0 13  C   B "O5'" 1 ? 
ATOM   560 C  "C5'" . C   B 1 13 ? -1.848  4.460   -16.952 1.000 18.281 0 13  C   B "C5'" 1 ? 
ATOM   561 C  "C4'" . C   B 1 13 ? -0.878  3.368   -16.539 1.000 17.781 0 13  C   B "C4'" 1 ? 
ATOM   562 O  "O4'" . C   B 1 13 ? -0.869  3.257   -15.093 1.000 17.108 0 13  C   B "O4'" 1 ? 
ATOM   563 C  "C3'" . C   B 1 13 ? -1.172  1.947   -17.039 1.000 16.906 0 13  C   B "C3'" 1 ? 
ATOM   564 O  "O3'" . C   B 1 13 ? -0.694  1.764   -18.353 1.000 18.677 0 13  C   B "O3'" 1 ? 
ATOM   565 C  "C2'" . C   B 1 13 ? -0.384  1.126   -16.026 1.000 16.278 0 13  C   B "C2'" 1 ? 
ATOM   566 O  "O2'" . C   B 1 13 ? 0.990   1.180   -16.315 1.000 14.950 0 13  C   B "O2'" 1 ? 
ATOM   567 C  "C1'" . C   B 1 13 ? -0.679  1.893   -14.742 1.000 15.797 0 13  C   B "C1'" 1 ? 
ATOM   568 N  N1    . C   B 1 13 ? -1.870  1.369   -14.039 1.000 14.338 0 13  C   B N1    1 ? 
ATOM   569 C  C2    . C   B 1 13 ? -1.745  0.178   -13.322 1.000 14.201 0 13  C   B C2    1 ? 
ATOM   570 O  O2    . C   B 1 13 ? -0.630  -0.376  -13.295 1.000 14.928 0 13  C   B O2    1 ? 
ATOM   571 N  N3    . C   B 1 13 ? -2.823  -0.349  -12.697 1.000 13.411 0 13  C   B N3    1 ? 
ATOM   572 C  C4    . C   B 1 13 ? -4.016  0.263   -12.768 1.000 14.549 0 13  C   B C4    1 ? 
ATOM   573 N  N4    . C   B 1 13 ? -5.021  -0.266  -12.098 1.000 15.142 0 13  C   B N4    1 ? 
ATOM   574 C  C5    . C   B 1 13 ? -4.183  1.456   -13.529 1.000 15.088 0 13  C   B C5    1 ? 
ATOM   575 C  C6    . C   B 1 13 ? -3.102  1.964   -14.136 1.000 14.857 0 13  C   B C6    1 ? 
ATOM   576 P  P     . G   B 1 14 ? -1.520  0.857   -19.376 1.000 21.617 0 14  G   B P     1 ? 
ATOM   577 O  OP1   . G   B 1 14 ? -0.786  0.942   -20.685 1.000 24.042 0 14  G   B OP1   1 ? 
ATOM   578 O  OP2   . G   B 1 14 ? -2.985  1.115   -19.332 1.000 23.974 0 14  G   B OP2   1 ? 
ATOM   579 O  "O5'" . G   B 1 14 ? -1.373  -0.634  -18.817 1.000 18.211 0 14  G   B "O5'" 1 ? 
ATOM   580 C  "C5'" . G   B 1 14 ? -0.093  -1.257  -18.955 1.000 17.279 0 14  G   B "C5'" 1 ? 
ATOM   581 C  "C4'" . G   B 1 14 ? -0.101  -2.532  -18.158 1.000 17.253 0 14  G   B "C4'" 1 ? 
ATOM   582 O  "O4'" . G   B 1 14 ? -0.435  -2.252  -16.776 1.000 16.049 0 14  G   B "O4'" 1 ? 
ATOM   583 C  "C3'" . G   B 1 14 ? -1.126  -3.596  -18.568 1.000 17.940 0 14  G   B "C3'" 1 ? 
ATOM   584 O  "O3'" . G   B 1 14 ? -0.712  -4.338  -19.717 1.000 20.012 0 14  G   B "O3'" 1 ? 
ATOM   585 C  "C2'" . G   B 1 14 ? -1.043  -4.481  -17.324 1.000 16.999 0 14  G   B "C2'" 1 ? 
ATOM   586 O  "O2'" . G   B 1 14 ? 0.106   -5.315  -17.311 1.000 19.554 0 14  G   B "O2'" 1 ? 
ATOM   587 C  "C1'" . G   B 1 14 ? -0.957  -3.444  -16.214 1.000 16.262 0 14  G   B "C1'" 1 ? 
ATOM   588 N  N9    . G   B 1 14 ? -2.236  -3.171  -15.587 1.000 13.990 0 14  G   B N9    1 ? 
ATOM   589 C  C8    . G   B 1 14 ? -3.088  -2.109  -15.767 1.000 15.873 0 14  G   B C8    1 ? 
ATOM   590 N  N7    . G   B 1 14 ? -4.169  -2.181  -15.031 1.000 16.950 0 14  G   B N7    1 ? 
ATOM   591 C  C5    . G   B 1 14 ? -4.037  -3.382  -14.334 1.000 14.239 0 14  G   B C5    1 ? 
ATOM   592 C  C6    . G   B 1 14 ? -4.936  -4.023  -13.437 1.000 12.594 0 14  G   B C6    1 ? 
ATOM   593 O  O6    . G   B 1 14 ? -6.005  -3.589  -12.990 1.000 16.114 0 14  G   B O6    1 ? 
ATOM   594 N  N1    . G   B 1 14 ? -4.404  -5.249  -13.040 1.000 13.105 0 14  G   B N1    1 ? 
ATOM   595 C  C2    . G   B 1 14 ? -3.210  -5.800  -13.442 1.000 14.072 0 14  G   B C2    1 ? 
ATOM   596 N  N2    . G   B 1 14 ? -2.871  -6.975  -12.891 1.000 15.651 0 14  G   B N2    1 ? 
ATOM   597 N  N3    . G   B 1 14 ? -2.366  -5.195  -14.280 1.000 13.199 0 14  G   B N3    1 ? 
ATOM   598 C  C4    . G   B 1 14 ? -2.855  -4.001  -14.685 1.000 14.195 0 14  G   B C4    1 ? 
HETATM 599 P  PA    . EQ1 C 2 .  ? -9.696  -6.624  -21.452 1.000 62.737 0 101 EQ1 A PA    1 ? 
HETATM 600 P  PG    . EQ1 C 2 .  ? -5.288  -3.856  -20.605 1.000 60.423 0 101 EQ1 A PG    1 ? 
HETATM 601 C  C1C   . EQ1 C 2 .  ? -7.551  -5.179  -21.009 1.000 61.339 0 101 EQ1 A C1C   1 ? 
HETATM 602 C  C1D   . EQ1 C 2 .  ? -9.273  -9.176  -16.927 1.000 23.384 0 101 EQ1 A C1D   1 ? 
HETATM 603 C  C1E   . EQ1 C 2 .  ? -4.465  -7.354  -16.751 1.000 28.798 0 101 EQ1 A C1E   1 ? 
HETATM 604 N  N1A   . EQ1 C 2 .  ? -12.982 -7.536  -13.879 1.000 18.407 0 101 EQ1 A N1A   1 ? 
HETATM 605 N  N1B   . EQ1 C 2 .  ? -8.399  -7.302  -13.530 1.000 16.025 0 101 EQ1 A N1B   1 ? 
HETATM 606 N  N1C   . EQ1 C 2 .  ? -8.134  -6.102  -21.767 1.000 64.202 0 101 EQ1 A N1C   1 ? 
HETATM 607 O  O1A   . EQ1 C 2 .  ? -10.190 -7.444  -22.743 1.000 64.042 0 101 EQ1 A O1A   1 ? 
HETATM 608 O  O1G   . EQ1 C 2 .  ? -5.894  -3.056  -19.511 1.000 55.494 0 101 EQ1 A O1G   1 ? 
HETATM 609 C  C2A   . EQ1 C 2 .  ? -12.392 -8.807  -13.932 1.000 16.603 0 101 EQ1 A C2A   1 ? 
HETATM 610 C  C2B   . EQ1 C 2 .  ? -7.571  -8.332  -13.753 1.000 16.307 0 101 EQ1 A C2B   1 ? 
HETATM 611 C  C2C   . EQ1 C 2 .  ? -6.130  -5.793  -22.519 1.000 65.859 0 101 EQ1 A C2C   1 ? 
HETATM 612 C  C2D   . EQ1 C 2 .  ? -10.045 -10.381 -17.522 1.000 27.506 0 101 EQ1 A C2D   1 ? 
HETATM 613 C  C2E   . EQ1 C 2 .  ? -5.059  -8.390  -17.707 1.000 33.925 0 101 EQ1 A C2E   1 ? 
HETATM 614 N  N2A   . EQ1 C 2 .  ? -12.846 -9.802  -13.188 1.000 16.140 0 101 EQ1 A N2A   1 ? 
HETATM 615 N  N2B   . EQ1 C 2 .  ? -7.704  -9.473  -13.113 1.000 17.145 0 101 EQ1 A N2B   1 ? 
HETATM 616 N  N2C   . EQ1 C 2 .  ? -6.308  -4.984  -21.452 1.000 64.168 0 101 EQ1 A N2C   1 ? 
HETATM 617 O  O2A   . EQ1 C 2 .  ? -10.701 -5.679  -20.880 1.000 48.889 0 101 EQ1 A O2A   1 ? 
HETATM 618 O  O2D   . EQ1 C 2 .  ? -9.310  -11.578 -17.357 1.000 32.238 0 101 EQ1 A O2D   1 ? 
HETATM 619 O  O2E   . EQ1 C 2 .  ? -4.280  -9.571  -17.740 1.000 34.344 0 101 EQ1 A O2E   1 ? 
HETATM 620 O  O2G   . EQ1 C 2 .  ? -4.044  -3.330  -21.254 1.000 62.023 0 101 EQ1 A O2G   1 ? 
HETATM 621 C  C3C   . EQ1 C 2 .  ? -7.257  -6.491  -22.707 1.000 64.968 0 101 EQ1 A C3C   1 ? 
HETATM 622 C  C3D   . EQ1 C 2 .  ? -10.121 -10.088 -18.957 1.000 36.234 0 101 EQ1 A C3D   1 ? 
HETATM 623 C  C3E   . EQ1 C 2 .  ? -5.041  -7.714  -19.021 1.000 36.086 0 101 EQ1 A C3E   1 ? 
HETATM 624 N  N3A   . EQ1 C 2 .  ? -11.411 -9.056  -14.810 1.000 18.686 0 101 EQ1 A N3A   1 ? 
HETATM 625 N  N3B   . EQ1 C 2 .  ? -6.555  -8.153  -14.649 1.000 19.767 0 101 EQ1 A N3B   1 ? 
HETATM 626 N  N3C   . EQ1 C 2 .  ? -8.114  -4.572  -19.947 1.000 53.028 0 101 EQ1 A N3C   1 ? 
HETATM 627 O  O3D   . EQ1 C 2 .  ? -10.418 -11.288 -19.723 1.000 41.648 0 101 EQ1 A O3D   1 ? 
HETATM 628 O  O3E   . EQ1 C 2 .  ? -5.018  -8.727  -20.040 1.000 37.616 0 101 EQ1 A O3E   1 ? 
HETATM 629 C  C4A   . EQ1 C 2 .  ? -11.034 -8.023  -15.609 1.000 19.324 0 101 EQ1 A C4A   1 ? 
HETATM 630 C  C4B   . EQ1 C 2 .  ? -6.461  -6.962  -15.253 1.000 19.679 0 101 EQ1 A C4B   1 ? 
HETATM 631 C  C4D   . EQ1 C 2 .  ? -8.701  -9.647  -19.179 1.000 35.784 0 101 EQ1 A C4D   1 ? 
HETATM 632 C  C4E   . EQ1 C 2 .  ? -3.693  -6.992  -18.945 1.000 37.728 0 101 EQ1 A C4E   1 ? 
HETATM 633 O  O4D   . EQ1 C 2 .  ? -8.426  -8.735  -18.039 1.000 32.275 0 101 EQ1 A O4D   1 ? 
HETATM 634 O  O4E   . EQ1 C 2 .  ? -3.596  -6.493  -17.571 1.000 32.313 0 101 EQ1 A O4E   1 ? 
HETATM 635 C  C5A   . EQ1 C 2 .  ? -11.590 -6.799  -15.599 1.000 18.986 0 101 EQ1 A C5A   1 ? 
HETATM 636 C  C5B   . EQ1 C 2 .  ? -7.300  -5.947  -15.068 1.000 18.332 0 101 EQ1 A C5B   1 ? 
HETATM 637 C  C5D   . EQ1 C 2 .  ? -8.598  -8.837  -20.460 1.000 40.717 0 101 EQ1 A C5D   1 ? 
HETATM 638 C  C5E   . EQ1 C 2 .  ? -3.640  -5.876  -20.000 1.000 39.973 0 101 EQ1 A C5E   1 ? 
HETATM 639 O  O5D   . EQ1 C 2 .  ? -9.589  -7.822  -20.385 1.000 51.043 0 101 EQ1 A O5D   1 ? 
HETATM 640 O  O5E   . EQ1 C 2 .  ? -4.585  -4.914  -19.594 1.000 46.700 0 101 EQ1 A O5E   1 ? 
HETATM 641 C  C6A   . EQ1 C 2 .  ? -12.556 -6.494  -14.693 1.000 18.674 0 101 EQ1 A C6A   1 ? 
HETATM 642 C  C6B   . EQ1 C 2 .  ? -8.274  -6.066  -14.164 1.000 18.529 0 101 EQ1 A C6B   1 ? 
HETATM 643 O  O6A   . EQ1 C 2 .  ? -13.172 -5.419  -14.514 1.000 22.470 0 101 EQ1 A O6A   1 ? 
HETATM 644 O  O6B   . EQ1 C 2 .  ? -9.116  -5.246  -13.816 1.000 19.685 0 101 EQ1 A O6B   1 ? 
HETATM 645 N  N7A   . EQ1 C 2 .  ? -10.936 -6.088  -16.523 1.000 22.049 0 101 EQ1 A N7A   1 ? 
HETATM 646 N  N7B   . EQ1 C 2 .  ? -6.929  -4.893  -15.868 1.000 19.948 0 101 EQ1 A N7B   1 ? 
HETATM 647 C  C8A   . EQ1 C 2 .  ? -10.033 -6.857  -17.070 1.000 20.088 0 101 EQ1 A C8A   1 ? 
HETATM 648 C  C8B   . EQ1 C 2 .  ? -5.865  -5.314  -16.502 1.000 18.883 0 101 EQ1 A C8B   1 ? 
HETATM 649 N  N9A   . EQ1 C 2 .  ? -10.103 -8.066  -16.564 1.000 22.681 0 101 EQ1 A N9A   1 ? 
HETATM 650 N  N9B   . EQ1 C 2 .  ? -5.552  -6.558  -16.197 1.000 22.752 0 101 EQ1 A N9B   1 ? 
HETATM 651 MG MG    . MG  D 3 .  ? -0.076  0.219   0.090   1.000 14.062 0 102 MG  A MG    1 ? 
HETATM 652 MG MG    . MG  E 3 .  ? 3.111   5.438   6.090   1.000 22.021 0 103 MG  A MG    1 ? 
HETATM 653 MG MG    . MG  F 3 .  ? -1.663  -7.811  -1.271  1.000 15.146 0 104 MG  A MG    1 ? 
HETATM 654 MG MG    . MG  G 3 .  ? 8.477   1.898   16.125  1.000 40.471 0 105 MG  A MG    1 ? 
HETATM 655 P  PA    . EQ1 H 2 .  ? 14.637  0.811   19.610  1.000 59.394 0 101 EQ1 B PA    1 ? 
HETATM 656 P  PG    . EQ1 H 2 .  ? 10.903  -2.831  18.373  1.000 59.009 0 101 EQ1 B PG    1 ? 
HETATM 657 C  C1C   . EQ1 H 2 .  ? 12.673  -0.847  18.951  1.000 58.797 0 101 EQ1 B C1C   1 ? 
HETATM 658 C  C1D   . EQ1 H 2 .  ? 15.751  1.540   14.548  1.000 23.155 0 101 EQ1 B C1D   1 ? 
HETATM 659 C  C1E   . EQ1 H 2 .  ? 12.929  -2.637  13.634  1.000 28.968 0 101 EQ1 B C1E   1 ? 
HETATM 660 N  N1A   . EQ1 H 2 .  ? 14.320  6.202   13.489  1.000 18.241 0 101 EQ1 B N1A   1 ? 
HETATM 661 N  N1B   . EQ1 H 2 .  ? 12.842  2.144   11.935  1.000 15.747 0 101 EQ1 B N1B   1 ? 
HETATM 662 N  N1C   . EQ1 H 2 .  ? 13.829  -0.639  19.579  1.000 60.944 0 101 EQ1 B N1C   1 ? 
HETATM 663 O  O1A   . EQ1 H 2 .  ? 15.918  0.649   20.578  1.000 59.604 0 101 EQ1 B O1A   1 ? 
HETATM 664 O  O1G   . EQ1 H 2 .  ? 9.885   -1.893  17.826  1.000 58.593 0 101 EQ1 B O1G   1 ? 
HETATM 665 C  C2A   . EQ1 H 2 .  ? 15.377  5.473   12.930  1.000 16.527 0 101 EQ1 B C2A   1 ? 
HETATM 666 C  C2B   . EQ1 H 2 .  ? 13.687  1.169   11.552  1.000 15.577 0 101 EQ1 B C2B   1 ? 
HETATM 667 C  C2C   . EQ1 H 2 .  ? 13.328  -2.722  19.792  1.000 62.695 0 101 EQ1 B C2C   1 ? 
HETATM 668 C  C2D   . EQ1 H 2 .  ? 17.220  1.885   14.887  1.000 28.755 0 101 EQ1 B C2D   1 ? 
HETATM 669 C  C2E   . EQ1 H 2 .  ? 14.329  -2.601  14.260  1.000 33.588 0 101 EQ1 B C2E   1 ? 
HETATM 670 N  N2A   . EQ1 H 2 .  ? 16.176  6.008   12.025  1.000 16.041 0 101 EQ1 B N2A   1 ? 
HETATM 671 N  N2B   . EQ1 H 2 .  ? 14.580  1.374   10.604  1.000 17.118 0 101 EQ1 B N2B   1 ? 
HETATM 672 N  N2C   . EQ1 H 2 .  ? 12.347  -2.134  19.082  1.000 61.712 0 101 EQ1 B N2C   1 ? 
HETATM 673 O  O2A   . EQ1 H 2 .  ? 13.887  2.099   19.738  1.000 49.668 0 101 EQ1 B O2A   1 ? 
HETATM 674 O  O2D   . EQ1 H 2 .  ? 18.116  1.073   14.126  1.000 31.972 0 101 EQ1 B O2D   1 ? 
HETATM 675 O  O2E   . EQ1 H 2 .  ? 15.213  -3.447  13.550  1.000 34.505 0 101 EQ1 B O2E   1 ? 
HETATM 676 O  O2G   . EQ1 H 2 .  ? 10.524  -4.264  18.716  1.000 59.292 0 101 EQ1 B O2G   1 ? 
HETATM 677 C  C3C   . EQ1 H 2 .  ? 14.249  -1.802  20.089  1.000 60.862 0 101 EQ1 B C3C   1 ? 
HETATM 678 C  C3D   . EQ1 H 2 .  ? 17.306  1.525   16.315  1.000 36.607 0 101 EQ1 B C3D   1 ? 
HETATM 679 C  C3E   . EQ1 H 2 .  ? 14.165  -3.123  15.634  1.000 35.927 0 101 EQ1 B C3E   1 ? 
HETATM 680 N  N3A   . EQ1 H 2 .  ? 15.593  4.227   13.332  1.000 18.287 0 101 EQ1 B N3A   1 ? 
HETATM 681 N  N3B   . EQ1 H 2 .  ? 13.538  -0.079  12.094  1.000 18.899 0 101 EQ1 B N3B   1 ? 
HETATM 682 N  N3C   . EQ1 H 2 .  ? 11.955  0.082   18.294  1.000 51.006 0 101 EQ1 B N3C   1 ? 
HETATM 683 O  O3D   . EQ1 H 2 .  ? 18.702  1.445   16.732  1.000 41.910 0 101 EQ1 B O3D   1 ? 
HETATM 684 O  O3E   . EQ1 H 2 .  ? 15.411  -3.742  15.966  1.000 36.791 0 101 EQ1 B O3E   1 ? 
HETATM 685 C  C4A   . EQ1 H 2 .  ? 14.763  3.769   14.319  1.000 19.188 0 101 EQ1 B C4A   1 ? 
HETATM 686 C  C4B   . EQ1 H 2 .  ? 12.585  -0.224  13.044  1.000 19.847 0 101 EQ1 B C4B   1 ? 
HETATM 687 C  C4D   . EQ1 H 2 .  ? 16.655  0.154   16.289  1.000 35.875 0 101 EQ1 B C4D   1 ? 
HETATM 688 C  C4E   . EQ1 H 2 .  ? 13.078  -4.175  15.420  1.000 37.964 0 101 EQ1 B C4E   1 ? 
HETATM 689 O  O4D   . EQ1 H 2 .  ? 15.481  0.335   15.407  1.000 31.046 0 101 EQ1 B O4D   1 ? 
HETATM 690 O  O4E   . EQ1 H 2 .  ? 12.196  -3.657  14.393  1.000 32.924 0 101 EQ1 B O4E   1 ? 
HETATM 691 C  C5A   . EQ1 H 2 .  ? 13.743  4.436   14.875  1.000 19.148 0 101 EQ1 B C5A   1 ? 
HETATM 692 C  C5B   . EQ1 H 2 .  ? 11.769  0.765   13.477  1.000 18.870 0 101 EQ1 B C5B   1 ? 
HETATM 693 C  C5D   . EQ1 H 2 .  ? 16.144  -0.240  17.676  1.000 40.100 0 101 EQ1 B C5D   1 ? 
HETATM 694 C  C5E   . EQ1 H 2 .  ? 12.295  -4.397  16.712  1.000 40.189 0 101 EQ1 B C5E   1 ? 
HETATM 695 O  O5D   . EQ1 H 2 .  ? 15.397  0.867   18.189  1.000 50.142 0 101 EQ1 B O5D   1 ? 
HETATM 696 O  O5E   . EQ1 H 2 .  ? 11.539  -3.225  16.911  1.000 48.347 0 101 EQ1 B O5E   1 ? 
HETATM 697 C  C6A   . EQ1 H 2 .  ? 13.477  5.684   14.474  1.000 19.101 0 101 EQ1 B C6A   1 ? 
HETATM 698 C  C6B   . EQ1 H 2 .  ? 11.837  1.973   12.926  1.000 17.689 0 101 EQ1 B C6B   1 ? 
HETATM 699 O  O6A   . EQ1 H 2 .  ? 12.580  6.434   14.880  1.000 22.550 0 101 EQ1 B O6A   1 ? 
HETATM 700 O  O6B   . EQ1 H 2 .  ? 11.166  2.989   13.141  1.000 19.334 0 101 EQ1 B O6B   1 ? 
HETATM 701 N  N7A   . EQ1 H 2 .  ? 13.165  3.628   15.767  1.000 21.969 0 101 EQ1 B N7A   1 ? 
HETATM 702 N  N7B   . EQ1 H 2 .  ? 10.953  0.274   14.453  1.000 20.893 0 101 EQ1 B N7B   1 ? 
HETATM 703 C  C8A   . EQ1 H 2 .  ? 13.836  2.507   15.739  1.000 18.965 0 101 EQ1 B C8A   1 ? 
HETATM 704 C  C8B   . EQ1 H 2 .  ? 11.268  -1.001  14.572  1.000 19.462 0 101 EQ1 B C8B   1 ? 
HETATM 705 N  N9A   . EQ1 H 2 .  ? 14.824  2.568   14.873  1.000 21.944 0 101 EQ1 B N9A   1 ? 
HETATM 706 N  N9B   . EQ1 H 2 .  ? 12.259  -1.351  13.762  1.000 22.415 0 101 EQ1 B N9B   1 ? 
HETATM 707 MG MG    . MG  I 3 .  ? -7.431  0.116   -4.336  1.000 21.551 0 102 MG  B MG    1 ? 
HETATM 708 MG MG    . MG  J 3 .  ? 8.143   0.182   -1.080  1.000 14.546 0 103 MG  B MG    1 ? 
HETATM 709 MG MG    . MG  K 3 .  ? -8.355  -1.648  -16.018 1.000 38.509 0 104 MG  B MG    1 ? 
HETATM 710 O  O     . HOH L 4 .  ? 6.958   -8.075  19.977  1.000 27.876 0 201 HOH A O     1 ? 
HETATM 711 O  O     . HOH L 4 .  ? 4.267   -0.064  17.456  1.000 36.279 0 202 HOH A O     1 ? 
HETATM 712 O  O     . HOH L 4 .  ? -6.605  5.948   10.493  1.000 36.448 0 203 HOH A O     1 ? 
HETATM 713 O  O     . HOH L 4 .  ? 10.059  -7.551  18.599  1.000 31.419 0 204 HOH A O     1 ? 
HETATM 714 O  O     . HOH L 4 .  ? 7.858   2.451   13.600  1.000 32.237 0 205 HOH A O     1 ? 
HETATM 715 O  O     . HOH L 4 .  ? 2.933   3.387   6.410   1.000 19.917 0 206 HOH A O     1 ? 
HETATM 716 O  O     . HOH L 4 .  ? -10.213 -12.070 -15.014 1.000 34.435 0 207 HOH A O     1 ? 
HETATM 717 O  O     . HOH L 4 .  ? -2.078  -6.477  -2.906  1.000 20.481 0 208 HOH A O     1 ? 
HETATM 718 O  O     . HOH L 4 .  ? -3.386  12.504  -0.185  1.000 37.698 0 209 HOH A O     1 ? 
HETATM 719 O  O     . HOH L 4 .  ? -5.561  3.749   14.868  1.000 38.768 0 210 HOH A O     1 ? 
HETATM 720 O  O     . HOH L 4 .  ? -4.227  -6.055  -4.414  1.000 24.827 0 211 HOH A O     1 ? 
HETATM 721 O  O     . HOH L 4 .  ? -0.871  8.445   15.475  1.000 45.138 0 212 HOH A O     1 ? 
HETATM 722 O  O     . HOH L 4 .  ? -4.610  0.367   12.087  1.000 40.898 0 213 HOH A O     1 ? 
HETATM 723 O  O     . HOH L 4 .  ? 3.819   -8.870  -4.034  1.000 32.838 0 214 HOH A O     1 ? 
HETATM 724 O  O     . HOH L 4 .  ? 3.461   11.426  6.300   1.000 36.865 0 215 HOH A O     1 ? 
HETATM 725 O  O     . HOH L 4 .  ? 0.120   2.298   0.074   1.000 18.840 0 216 HOH A O     1 ? 
HETATM 726 O  O     . HOH L 4 .  ? -6.641  -2.089  -8.831  1.000 24.222 0 217 HOH A O     1 ? 
HETATM 727 O  O     . HOH L 4 .  ? 6.400   -5.266  -3.762  1.000 31.193 0 218 HOH A O     1 ? 
HETATM 728 O  O     . HOH L 4 .  ? -16.385 -13.484 -9.758  1.000 38.659 0 219 HOH A O     1 ? 
HETATM 729 O  O     . HOH L 4 .  ? 8.399   -2.024  -4.571  1.000 11.725 0 220 HOH A O     1 ? 
HETATM 730 O  O     . HOH L 4 .  ? 6.599   0.375   15.329  1.000 24.916 0 221 HOH A O     1 ? 
HETATM 731 O  O     . HOH L 4 .  ? -0.655  -4.674  10.749  1.000 28.895 0 222 HOH A O     1 ? 
HETATM 732 O  O     . HOH L 4 .  ? 0.047   10.077  -6.162  1.000 32.238 0 223 HOH A O     1 ? 
HETATM 733 O  O     . HOH L 4 .  ? -11.786 -6.910  -6.281  1.000 25.987 0 224 HOH A O     1 ? 
HETATM 734 O  O     . HOH L 4 .  ? -1.082  -5.171  13.566  1.000 25.355 0 225 HOH A O     1 ? 
HETATM 735 O  O     . HOH L 4 .  ? -3.706  14.073  5.939   1.000 40.288 0 226 HOH A O     1 ? 
HETATM 736 O  O     . HOH L 4 .  ? 3.063   5.147   -9.175  1.000 37.868 0 227 HOH A O     1 ? 
HETATM 737 O  O     . HOH L 4 .  ? 3.259   7.832   1.057   1.000 22.077 0 228 HOH A O     1 ? 
HETATM 738 O  O     . HOH L 4 .  ? 3.778   3.670   9.589   1.000 25.665 0 229 HOH A O     1 ? 
HETATM 739 O  O     . HOH L 4 .  ? -4.251  -13.037 -4.173  1.000 17.339 0 230 HOH A O     1 ? 
HETATM 740 O  O     . HOH L 4 .  ? 1.404   6.043   2.145   1.000 19.448 0 231 HOH A O     1 ? 
HETATM 741 O  O     . HOH L 4 .  ? 3.161   -6.878  20.370  1.000 35.461 0 232 HOH A O     1 ? 
HETATM 742 O  O     . HOH L 4 .  ? 9.398   2.400   -4.540  1.000 14.759 0 233 HOH A O     1 ? 
HETATM 743 O  O     . HOH L 4 .  ? 1.330   5.578   4.915   1.000 22.375 0 234 HOH A O     1 ? 
HETATM 744 O  O     . HOH L 4 .  ? -12.712 -10.355 -20.873 1.000 43.362 0 235 HOH A O     1 ? 
HETATM 745 O  O     . HOH L 4 .  ? -15.738 -5.450  -7.366  1.000 36.435 0 236 HOH A O     1 ? 
HETATM 746 O  O     . HOH L 4 .  ? -2.876  -10.689 -11.620 1.000 21.450 0 237 HOH A O     1 ? 
HETATM 747 O  O     . HOH L 4 .  ? -3.023  -9.221  -1.896  1.000 17.904 0 238 HOH A O     1 ? 
HETATM 748 O  O     . HOH L 4 .  ? -6.006  -4.176  -7.346  1.000 22.217 0 239 HOH A O     1 ? 
HETATM 749 O  O     . HOH L 4 .  ? -0.699  0.282   -1.864  1.000 17.057 0 240 HOH A O     1 ? 
HETATM 750 O  O     . HOH L 4 .  ? -11.935 -2.977  -11.082 1.000 38.594 0 241 HOH A O     1 ? 
HETATM 751 O  O     . HOH L 4 .  ? 3.639   4.635   -1.529  1.000 23.524 0 242 HOH A O     1 ? 
HETATM 752 O  O     . HOH L 4 .  ? 12.658  -7.747  13.270  1.000 34.994 0 243 HOH A O     1 ? 
HETATM 753 O  O     . HOH L 4 .  ? 8.553   5.308   -1.970  1.000 29.082 0 244 HOH A O     1 ? 
HETATM 754 O  O     . HOH L 4 .  ? 2.094   2.191   15.566  1.000 26.292 0 245 HOH A O     1 ? 
HETATM 755 O  O     . HOH L 4 .  ? -6.705  -8.931  -3.104  1.000 26.593 0 246 HOH A O     1 ? 
HETATM 756 O  O     . HOH L 4 .  ? 0.914   -7.110  14.065  1.000 28.494 0 247 HOH A O     1 ? 
HETATM 757 O  O     . HOH L 4 .  ? 4.039   -3.030  20.721  1.000 41.376 0 248 HOH A O     1 ? 
HETATM 758 O  O     . HOH L 4 .  ? -6.058  9.342   4.822   1.000 36.106 0 249 HOH A O     1 ? 
HETATM 759 O  O     . HOH L 4 .  ? 7.512   3.605   -8.192  1.000 24.321 0 250 HOH A O     1 ? 
HETATM 760 O  O     . HOH L 4 .  ? 1.619   8.943   4.430   1.000 22.946 0 251 HOH A O     1 ? 
HETATM 761 O  O     . HOH L 4 .  ? -6.665  -11.059 -16.583 1.000 49.611 0 252 HOH A O     1 ? 
HETATM 762 O  O     . HOH L 4 .  ? -15.414 -12.127 -11.574 1.000 29.505 0 253 HOH A O     1 ? 
HETATM 763 O  O     . HOH L 4 .  ? 7.478   -3.485  -7.874  1.000 11.487 0 254 HOH A O     1 ? 
HETATM 764 O  O     . HOH L 4 .  ? 4.581   10.502  -6.132  1.000 32.271 0 255 HOH A O     1 ? 
HETATM 765 O  O     . HOH L 4 .  ? 1.762   5.682   7.707   1.000 22.448 0 256 HOH A O     1 ? 
HETATM 766 O  O     . HOH L 4 .  ? -0.722  0.403   20.813  1.000 49.477 0 257 HOH A O     1 ? 
HETATM 767 O  O     . HOH L 4 .  ? -2.564  -4.377  -5.815  1.000 16.977 0 258 HOH A O     1 ? 
HETATM 768 O  O     . HOH L 4 .  ? 3.097   0.862   -2.917  1.000 19.400 0 259 HOH A O     1 ? 
HETATM 769 O  O     . HOH L 4 .  ? 0.644   -3.366  -4.068  1.000 20.053 0 260 HOH A O     1 ? 
HETATM 770 O  O     . HOH L 4 .  ? -7.186  -7.088  -5.936  1.000 24.791 0 261 HOH A O     1 ? 
HETATM 771 O  O     . HOH L 4 .  ? 12.173  -4.986  8.552   1.000 29.695 0 262 HOH A O     1 ? 
HETATM 772 O  O     . HOH L 4 .  ? -1.751  -1.888  -3.467  1.000 21.116 0 263 HOH A O     1 ? 
HETATM 773 O  O     . HOH L 4 .  ? 7.235   2.050   -1.162  1.000 18.136 0 264 HOH A O     1 ? 
HETATM 774 O  O     . HOH L 4 .  ? 1.371   -5.587  -12.123 1.000 22.338 0 265 HOH A O     1 ? 
HETATM 775 O  O     . HOH L 4 .  ? 6.303   -0.951  -1.567  1.000 18.418 0 266 HOH A O     1 ? 
HETATM 776 O  O     . HOH L 4 .  ? -9.204  -2.970  -9.779  1.000 24.808 0 267 HOH A O     1 ? 
HETATM 777 O  O     . HOH L 4 .  ? -4.371  -2.109  -6.209  1.000 18.317 0 268 HOH A O     1 ? 
HETATM 778 O  O     . HOH L 4 .  ? 1.088   8.400   8.286   1.000 28.138 0 269 HOH A O     1 ? 
HETATM 779 O  O     . HOH L 4 .  ? 4.457   2.806   13.894  1.000 26.339 0 270 HOH A O     1 ? 
HETATM 780 O  O     . HOH L 4 .  ? 5.505   1.825   -10.378 1.000 31.618 0 271 HOH A O     1 ? 
HETATM 781 O  O     . HOH L 4 .  ? 8.833   5.447   -6.285  1.000 28.514 0 272 HOH A O     1 ? 
HETATM 782 O  O     . HOH L 4 .  ? -4.031  -2.025  11.250  1.000 30.242 0 273 HOH A O     1 ? 
HETATM 783 O  O     . HOH L 4 .  ? -2.611  14.466  8.465   1.000 39.885 0 274 HOH A O     1 ? 
HETATM 784 O  O     . HOH L 4 .  ? 1.544   -9.908  -11.699 0.330 26.437 0 275 HOH A O     1 ? 
HETATM 785 O  O     . HOH L 4 .  ? 2.022   -6.230  11.404  1.000 32.303 0 276 HOH A O     1 ? 
HETATM 786 O  O     . HOH L 4 .  ? 4.861   1.414   0.244   1.000 43.852 0 277 HOH A O     1 ? 
HETATM 787 O  O     . HOH L 4 .  ? -6.643  3.401   10.091  1.000 38.503 0 278 HOH A O     1 ? 
HETATM 788 O  O     . HOH L 4 .  ? 3.986   -1.455  -0.369  1.000 25.843 0 279 HOH A O     1 ? 
HETATM 789 O  O     . HOH L 4 .  ? -9.910  -1.857  -11.755 1.000 39.659 0 280 HOH A O     1 ? 
HETATM 790 O  O     . HOH L 4 .  ? 2.283   3.781   0.858   1.000 21.419 0 281 HOH A O     1 ? 
HETATM 791 O  O     . HOH L 4 .  ? -4.893  14.904  3.189   1.000 42.512 0 282 HOH A O     1 ? 
HETATM 792 O  O     . HOH L 4 .  ? 3.274   7.527   5.794   1.000 21.940 0 283 HOH A O     1 ? 
HETATM 793 O  O     . HOH L 4 .  ? 8.565   0.262   -3.016  1.000 12.665 0 284 HOH A O     1 ? 
HETATM 794 O  O     . HOH L 4 .  ? -5.387  -10.018 -0.714  1.000 32.981 0 285 HOH A O     1 ? 
HETATM 795 O  O     . HOH L 4 .  ? 4.571   -9.027  -6.604  0.330 43.299 0 286 HOH A O     1 ? 
HETATM 796 O  O     . HOH L 4 .  ? 5.491   -6.514  -2.056  1.000 36.021 0 287 HOH A O     1 ? 
HETATM 797 O  O     . HOH L 4 .  ? 5.521   6.874   2.815   1.000 28.231 0 288 HOH A O     1 ? 
HETATM 798 O  O     . HOH L 4 .  ? 2.007   0.237   -0.559  1.000 19.007 0 289 HOH A O     1 ? 
HETATM 799 O  O     . HOH L 4 .  ? 6.628   3.560   1.089   1.000 33.142 0 290 HOH A O     1 ? 
HETATM 800 O  O     . HOH L 4 .  ? -10.858 -3.946  -7.324  1.000 41.934 0 291 HOH A O     1 ? 
HETATM 801 O  O     . HOH L 4 .  ? 8.630   7.669   1.048   1.000 45.662 0 292 HOH A O     1 ? 
HETATM 802 O  O     . HOH L 4 .  ? 6.774   3.126   15.647  1.000 39.095 0 293 HOH A O     1 ? 
HETATM 803 O  O     . HOH L 4 .  ? -14.585 -3.152  -7.791  1.000 41.669 0 294 HOH A O     1 ? 
HETATM 804 O  O     . HOH L 4 .  ? -4.240  -2.575  -2.479  1.000 24.868 0 295 HOH A O     1 ? 
HETATM 805 O  O     . HOH L 4 .  ? -8.268  -3.368  -6.362  1.000 35.393 0 296 HOH A O     1 ? 
HETATM 806 O  O     . HOH L 4 .  ? 6.390   -8.497  -3.543  0.330 75.610 0 297 HOH A O     1 ? 
HETATM 807 O  O     . HOH L 4 .  ? 4.663   5.467   7.348   1.000 23.467 0 298 HOH A O     1 ? 
HETATM 808 O  O     . HOH L 4 .  ? 4.213   4.969   4.391   1.000 23.312 0 299 HOH A O     1 ? 
HETATM 809 O  O     . HOH M 4 .  ? -11.937 7.400   -10.362 1.000 40.601 0 201 HOH B O     1 ? 
HETATM 810 O  O     . HOH M 4 .  ? 7.471   0.083   0.902   1.000 19.634 0 202 HOH B O     1 ? 
HETATM 811 O  O     . HOH M 4 .  ? -6.838  10.667  -5.454  1.000 38.310 0 203 HOH B O     1 ? 
HETATM 812 O  O     . HOH M 4 .  ? 0.148   -0.333  -22.676 1.000 27.530 0 204 HOH B O     1 ? 
HETATM 813 O  O     . HOH M 4 .  ? -13.500 7.720   0.750   1.000 38.808 0 205 HOH B O     1 ? 
HETATM 814 O  O     . HOH M 4 .  ? 8.485   -5.875  -0.821  1.000 39.368 0 206 HOH B O     1 ? 
HETATM 815 O  O     . HOH M 4 .  ? -6.196  -7.909  1.442   1.000 31.521 0 207 HOH B O     1 ? 
HETATM 816 O  O     . HOH M 4 .  ? -10.873 10.541  -5.429  1.000 39.932 0 208 HOH B O     1 ? 
HETATM 817 O  O     . HOH M 4 .  ? -5.524  0.082   -5.258  1.000 19.793 0 209 HOH B O     1 ? 
HETATM 818 O  O     . HOH M 4 .  ? 8.066   1.700   3.063   1.000 22.600 0 210 HOH B O     1 ? 
HETATM 819 O  O     . HOH M 4 .  ? -6.178  10.871  -10.699 1.000 38.091 0 211 HOH B O     1 ? 
HETATM 820 O  O     . HOH M 4 .  ? -8.211  -2.433  -13.769 1.000 35.080 0 212 HOH B O     1 ? 
HETATM 821 O  O     . HOH M 4 .  ? -13.122 0.652   -2.397  1.000 37.234 0 213 HOH B O     1 ? 
HETATM 822 O  O     . HOH M 4 .  ? -7.508  -0.744  8.966   1.000 30.602 0 214 HOH B O     1 ? 
HETATM 823 O  O     . HOH M 4 .  ? 1.540   3.952   -10.986 1.000 26.793 0 215 HOH B O     1 ? 
HETATM 824 O  O     . HOH M 4 .  ? -10.201 -5.623  5.923   1.000 47.088 0 216 HOH B O     1 ? 
HETATM 825 O  O     . HOH M 4 .  ? -2.472  8.782   -9.285  1.000 36.509 0 217 HOH B O     1 ? 
HETATM 826 O  O     . HOH M 4 .  ? -12.858 1.496   6.131   1.000 31.773 0 218 HOH B O     1 ? 
HETATM 827 O  O     . HOH M 4 .  ? 11.225  7.867   6.665   1.000 27.321 0 219 HOH B O     1 ? 
HETATM 828 O  O     . HOH M 4 .  ? 0.271   -7.772  -18.356 1.000 37.083 0 220 HOH B O     1 ? 
HETATM 829 O  O     . HOH M 4 .  ? 6.259   2.867   9.100   1.000 22.243 0 221 HOH B O     1 ? 
HETATM 830 O  O     . HOH M 4 .  ? 6.045   -4.907  -1.055  1.000 35.511 0 222 HOH B O     1 ? 
HETATM 831 O  O     . HOH M 4 .  ? 14.431  0.849   0.379   1.000 15.565 0 223 HOH B O     1 ? 
HETATM 832 O  O     . HOH M 4 .  ? -8.187  -1.485  0.960   1.000 21.871 0 224 HOH B O     1 ? 
HETATM 833 O  O     . HOH M 4 .  ? -10.464 4.938   5.661   1.000 37.110 0 225 HOH B O     1 ? 
HETATM 834 O  O     . HOH M 4 .  ? -2.590  -5.355  9.209   1.000 33.424 0 226 HOH B O     1 ? 
HETATM 835 O  O     . HOH M 4 .  ? -6.259  -0.525  -15.363 1.000 24.548 0 227 HOH B O     1 ? 
HETATM 836 O  O     . HOH M 4 .  ? -2.025  0.336   0.762   1.000 19.365 0 228 HOH B O     1 ? 
HETATM 837 O  O     . HOH M 4 .  ? 14.011  -2.773  7.485   1.000 21.666 0 229 HOH B O     1 ? 
HETATM 838 O  O     . HOH M 4 .  ? -8.431  8.530   0.914   1.000 39.701 0 230 HOH B O     1 ? 
HETATM 839 O  O     . HOH M 4 .  ? -6.768  1.363   -2.695  1.000 21.665 0 231 HOH B O     1 ? 
HETATM 840 O  O     . HOH M 4 .  ? 1.288   5.242   -13.522 1.000 25.696 0 232 HOH B O     1 ? 
HETATM 841 O  O     . HOH M 4 .  ? 4.656   -7.813  -0.259  1.000 29.979 0 233 HOH B O     1 ? 
HETATM 842 O  O     . HOH M 4 .  ? -6.953  0.481   -8.269  1.000 24.008 0 234 HOH B O     1 ? 
HETATM 843 O  O     . HOH M 4 .  ? -5.290  1.104   9.525   1.000 35.858 0 235 HOH B O     1 ? 
HETATM 844 O  O     . HOH M 4 .  ? -6.878  3.975   -13.579 1.000 25.163 0 236 HOH B O     1 ? 
HETATM 845 O  O     . HOH M 4 .  ? 7.629   2.512   6.815   1.000 24.597 0 237 HOH B O     1 ? 
HETATM 846 O  O     . HOH M 4 .  ? -9.807  1.384   -1.129  1.000 24.251 0 238 HOH B O     1 ? 
HETATM 847 O  O     . HOH M 4 .  ? -2.994  -9.894  2.222   1.000 14.595 0 239 HOH B O     1 ? 
HETATM 848 O  O     . HOH M 4 .  ? 18.389  8.623   10.495  1.000 28.080 0 240 HOH B O     1 ? 
HETATM 849 O  O     . HOH M 4 .  ? -5.629  9.739   -3.701  1.000 41.580 0 241 HOH B O     1 ? 
HETATM 850 O  O     . HOH M 4 .  ? 11.002  4.059   1.572   1.000 25.197 0 242 HOH B O     1 ? 
HETATM 851 O  O     . HOH M 4 .  ? 12.106  7.982   1.706   1.000 36.972 0 243 HOH B O     1 ? 
HETATM 852 O  O     . HOH M 4 .  ? -6.418  0.276   -0.054  1.000 19.722 0 244 HOH B O     1 ? 
HETATM 853 O  O     . HOH M 4 .  ? 9.977   1.055   -0.661  1.000 19.342 0 245 HOH B O     1 ? 
HETATM 854 O  O     . HOH M 4 .  ? 2.422   3.245   -15.112 1.000 25.639 0 246 HOH B O     1 ? 
HETATM 855 O  O     . HOH M 4 .  ? 0.279   3.371   -21.557 1.000 37.329 0 247 HOH B O     1 ? 
HETATM 856 O  O     . HOH M 4 .  ? 16.790  -1.024  12.822  1.000 50.563 0 248 HOH B O     1 ? 
HETATM 857 O  O     . HOH M 4 .  ? 0.612   0.118   1.965   1.000 17.025 0 249 HOH B O     1 ? 
HETATM 858 O  O     . HOH M 4 .  ? -4.565  -3.192  1.926   1.000 23.328 0 250 HOH B O     1 ? 
HETATM 859 O  O     . HOH M 4 .  ? 9.039   -1.691  -0.904  1.000 12.476 0 251 HOH B O     1 ? 
HETATM 860 O  O     . HOH M 4 .  ? -2.546  -9.311  6.423   1.000 24.942 0 252 HOH B O     1 ? 
HETATM 861 O  O     . HOH M 4 .  ? -3.884  3.513   -20.537 1.000 43.570 0 253 HOH B O     1 ? 
HETATM 862 O  O     . HOH M 4 .  ? -9.009  -4.813  7.864   1.000 30.924 0 254 HOH B O     1 ? 
HETATM 863 O  O     . HOH M 4 .  ? 4.291   -2.392  2.328   1.000 20.430 0 255 HOH B O     1 ? 
HETATM 864 O  O     . HOH M 4 .  ? -7.292  -5.252  0.308   1.000 31.889 0 256 HOH B O     1 ? 
HETATM 865 O  O     . HOH M 4 .  ? 6.573   -0.168  4.399   1.000 17.608 0 257 HOH B O     1 ? 
HETATM 866 O  O     . HOH M 4 .  ? -3.154  -6.786  -0.260  1.000 17.225 0 258 HOH B O     1 ? 
HETATM 867 O  O     . HOH M 4 .  ? 9.037   6.991   12.323  1.000 41.639 0 259 HOH B O     1 ? 
HETATM 868 O  O     . HOH M 4 .  ? 10.173  3.669   4.922   1.000 25.128 0 260 HOH B O     1 ? 
HETATM 869 O  O     . HOH M 4 .  ? 8.572   -6.177  8.407   1.000 21.159 0 261 HOH B O     1 ? 
HETATM 870 O  O     . HOH M 4 .  ? -0.550  -8.687  -12.726 1.000 29.005 0 262 HOH B O     1 ? 
HETATM 871 O  O     . HOH M 4 .  ? 7.992   4.743   10.408  1.000 24.911 0 263 HOH B O     1 ? 
HETATM 872 O  O     . HOH M 4 .  ? 3.365   0.271   2.999   1.000 20.870 0 264 HOH B O     1 ? 
HETATM 873 O  O     . HOH M 4 .  ? -7.794  1.859   -5.234  1.000 22.145 0 265 HOH B O     1 ? 
HETATM 874 O  O     . HOH M 4 .  ? -0.450  -3.680  2.041   1.000 21.187 0 266 HOH B O     1 ? 
HETATM 875 O  O     . HOH M 4 .  ? -0.129  -6.403  -0.709  1.000 17.455 0 267 HOH B O     1 ? 
HETATM 876 O  O     . HOH M 4 .  ? 4.976   1.736   6.130   1.000 18.603 0 268 HOH B O     1 ? 
HETATM 877 O  O     . HOH M 4 .  ? -0.306  7.524   -9.405  1.000 29.808 0 269 HOH B O     1 ? 
HETATM 878 O  O     . HOH M 4 .  ? 0.108   -8.422  8.432   1.000 31.888 0 270 HOH B O     1 ? 
HETATM 879 O  O     . HOH M 4 .  ? -10.250 3.144   -4.699  1.000 28.816 0 271 HOH B O     1 ? 
HETATM 880 O  O     . HOH M 4 .  ? -7.539  1.330   -12.592 1.000 24.665 0 272 HOH B O     1 ? 
HETATM 881 O  O     . HOH M 4 .  ? 13.343  -5.123  11.662  1.000 61.702 0 273 HOH B O     1 ? 
HETATM 882 O  O     . HOH M 4 .  ? -5.195  -9.678  5.067   1.000 26.123 0 274 HOH B O     1 ? 
HETATM 883 O  O     . HOH M 4 .  ? 12.386  -6.752  6.547   0.330 24.414 0 275 HOH B O     1 ? 
HETATM 884 O  O     . HOH M 4 .  ? 2.276   1.539   -12.804 1.000 30.273 0 276 HOH B O     1 ? 
HETATM 885 O  O     . HOH M 4 .  ? -12.948 5.742   4.540   1.000 43.171 0 277 HOH B O     1 ? 
HETATM 886 O  O     . HOH M 4 .  ? 7.754   4.903   12.725  1.000 42.575 0 278 HOH B O     1 ? 
HETATM 887 O  O     . HOH M 4 .  ? 0.669   -3.859  -1.381  1.000 24.962 0 279 HOH B O     1 ? 
HETATM 888 O  O     . HOH M 4 .  ? -2.603  -3.963  -1.292  1.000 38.546 0 280 HOH B O     1 ? 
HETATM 889 O  O     . HOH M 4 .  ? -4.187  -1.224  0.038   1.000 21.668 0 281 HOH B O     1 ? 
HETATM 890 O  O     . HOH M 4 .  ? -1.247  -8.862  0.344   1.000 12.723 0 282 HOH B O     1 ? 
HETATM 891 O  O     . HOH M 4 .  ? -9.287  0.092   -3.369  1.000 21.198 0 283 HOH B O     1 ? 
HETATM 892 O  O     . HOH M 4 .  ? -7.267  10.701  -1.110  1.000 46.475 0 284 HOH B O     1 ? 
HETATM 893 O  O     . HOH M 4 .  ? 8.955   -7.751  0.772   0.330 35.703 0 285 HOH B O     1 ? 
HETATM 894 O  O     . HOH M 4 .  ? 10.844  3.582   -1.243  1.000 31.082 0 286 HOH B O     1 ? 
HETATM 895 O  O     . HOH M 4 .  ? -8.383  -0.190  -14.672 1.000 42.977 0 287 HOH B O     1 ? 
HETATM 896 O  O     . HOH M 4 .  ? -8.365  -3.043  -1.603  1.000 28.315 0 288 HOH B O     1 ? 
HETATM 897 O  O     . HOH M 4 .  ? -13.706 1.662   -6.592  1.000 50.579 0 289 HOH B O     1 ? 
HETATM 898 O  O     . HOH M 4 .  ? -5.075  -5.246  -1.483  1.000 30.171 0 290 HOH B O     1 ? 
HETATM 899 O  O     . HOH M 4 .  ? -0.330  -1.875  0.022   1.000 19.403 0 291 HOH B O     1 ? 
HETATM 900 O  O     . HOH M 4 .  ? -9.864  3.600   -15.501 1.000 40.158 0 292 HOH B O     1 ? 
HETATM 901 O  O     . HOH M 4 .  ? -9.394  -6.410  -0.718  1.000 47.949 0 293 HOH B O     1 ? 
HETATM 902 O  O     . HOH M 4 .  ? 8.633   7.093   8.039   1.000 41.052 0 294 HOH B O     1 ? 
HETATM 903 O  O     . HOH M 4 .  ? 8.848   10.472  10.206  1.000 41.329 0 295 HOH B O     1 ? 
HETATM 904 O  O     . HOH M 4 .  ? 4.337   2.823   2.592   1.000 26.737 0 296 HOH B O     1 ? 
HETATM 905 O  O     . HOH M 4 .  ? -10.880 -2.204  -3.354  1.000 46.249 0 297 HOH B O     1 ? 
HETATM 906 O  O     . HOH M 4 .  ? -8.761  5.333   -19.723 0.500 43.984 0 298 HOH B O     1 ? 
HETATM 907 O  O     . HOH M 4 .  ? 7.502   -8.174  -1.673  0.330 43.241 0 299 HOH B O     1 ? 
HETATM 908 O  O     . HOH M 4 .  ? 7.152   5.228   6.664   1.000 36.287 0 300 HOH B O     1 ? 
HETATM 909 O  O     . HOH M 4 .  ? -8.200  -0.964  -5.825  1.000 23.314 0 301 HOH B O     1 ? 
HETATM 910 O  O     . HOH M 4 .  ? -6.746  -1.621  -3.288  1.000 24.208 0 302 HOH B O     1 ? 
# 
